data_6DCM
# 
_entry.id   6DCM 
# 
_audit_conform.dict_name       mmcif_pdbx.dic 
_audit_conform.dict_version    5.397 
_audit_conform.dict_location   http://mmcif.pdb.org/dictionaries/ascii/mmcif_pdbx.dic 
# 
loop_
_database_2.database_id 
_database_2.database_code 
_database_2.pdbx_database_accession 
_database_2.pdbx_DOI 
PDB   6DCM         pdb_00006dcm 10.2210/pdb6dcm/pdb 
WWPDB D_1000234071 ?            ?                   
# 
loop_
_pdbx_audit_revision_history.ordinal 
_pdbx_audit_revision_history.data_content_type 
_pdbx_audit_revision_history.major_revision 
_pdbx_audit_revision_history.minor_revision 
_pdbx_audit_revision_history.revision_date 
1 'Structure model' 1 0 2019-05-15 
2 'Structure model' 1 1 2023-10-11 
3 'Structure model' 2 0 2023-11-15 
4 'Structure model' 2 1 2024-10-16 
# 
_pdbx_audit_revision_details.ordinal             1 
_pdbx_audit_revision_details.revision_ordinal    1 
_pdbx_audit_revision_details.data_content_type   'Structure model' 
_pdbx_audit_revision_details.provider            repository 
_pdbx_audit_revision_details.type                'Initial release' 
_pdbx_audit_revision_details.description         ? 
_pdbx_audit_revision_details.details             ? 
# 
loop_
_pdbx_audit_revision_group.ordinal 
_pdbx_audit_revision_group.revision_ordinal 
_pdbx_audit_revision_group.data_content_type 
_pdbx_audit_revision_group.group 
1 2 'Structure model' 'Data collection'        
2 2 'Structure model' 'Database references'    
3 2 'Structure model' 'Refinement description' 
4 3 'Structure model' 'Atomic model'           
5 3 'Structure model' 'Data collection'        
6 4 'Structure model' 'Structure summary'      
# 
loop_
_pdbx_audit_revision_category.ordinal 
_pdbx_audit_revision_category.revision_ordinal 
_pdbx_audit_revision_category.data_content_type 
_pdbx_audit_revision_category.category 
1 2 'Structure model' chem_comp_atom                
2 2 'Structure model' chem_comp_bond                
3 2 'Structure model' database_2                    
4 2 'Structure model' pdbx_initial_refinement_model 
5 3 'Structure model' atom_site                     
6 3 'Structure model' chem_comp_atom                
7 3 'Structure model' chem_comp_bond                
8 4 'Structure model' pdbx_entry_details            
9 4 'Structure model' pdbx_modification_feature     
# 
loop_
_pdbx_audit_revision_item.ordinal 
_pdbx_audit_revision_item.revision_ordinal 
_pdbx_audit_revision_item.data_content_type 
_pdbx_audit_revision_item.item 
1 2 'Structure model' '_database_2.pdbx_DOI'                
2 2 'Structure model' '_database_2.pdbx_database_accession' 
3 3 'Structure model' '_atom_site.auth_atom_id'             
4 3 'Structure model' '_atom_site.label_atom_id'            
5 3 'Structure model' '_chem_comp_atom.atom_id'             
6 3 'Structure model' '_chem_comp_bond.atom_id_1'           
7 3 'Structure model' '_chem_comp_bond.atom_id_2'           
# 
_pdbx_database_status.status_code                     REL 
_pdbx_database_status.status_code_sf                  REL 
_pdbx_database_status.status_code_mr                  ? 
_pdbx_database_status.entry_id                        6DCM 
_pdbx_database_status.recvd_initial_deposition_date   2018-05-07 
_pdbx_database_status.SG_entry                        N 
_pdbx_database_status.deposit_site                    RCSB 
_pdbx_database_status.process_site                    RCSB 
_pdbx_database_status.status_code_cs                  ? 
_pdbx_database_status.methods_development_category    ? 
_pdbx_database_status.pdb_format_compatible           Y 
_pdbx_database_status.status_code_nmr_data            ? 
# 
loop_
_audit_author.name 
_audit_author.pdbx_ordinal 
_audit_author.identifier_ORCID 
'Ghanbarpour, A.' 1 ? 
'Geiger, J.'      2 ? 
# 
_citation.abstract                  ? 
_citation.abstract_id_CAS           ? 
_citation.book_id_ISBN              ? 
_citation.book_publisher            ? 
_citation.book_publisher_city       ? 
_citation.book_title                ? 
_citation.coordinate_linkage        ? 
_citation.country                   ? 
_citation.database_id_Medline       ? 
_citation.details                   ? 
_citation.id                        primary 
_citation.journal_abbrev            'To Be Published' 
_citation.journal_id_ASTM           ? 
_citation.journal_id_CSD            0353 
_citation.journal_id_ISSN           ? 
_citation.journal_full              ? 
_citation.journal_issue             ? 
_citation.journal_volume            ? 
_citation.language                  ? 
_citation.page_first                ? 
_citation.page_last                 ? 
_citation.title                     'The atomic resolution crystal structure of Kringle 2 variant bound with EACA' 
_citation.year                      ? 
_citation.database_id_CSD           ? 
_citation.pdbx_database_id_DOI      ? 
_citation.pdbx_database_id_PubMed   ? 
_citation.unpublished_flag          ? 
# 
loop_
_citation_author.citation_id 
_citation_author.name 
_citation_author.ordinal 
_citation_author.identifier_ORCID 
primary 'Ghanbarpour, A.' 1 ? 
primary 'Geiger, J.'      2 ? 
# 
loop_
_entity.id 
_entity.type 
_entity.src_method 
_entity.pdbx_description 
_entity.formula_weight 
_entity.pdbx_number_of_molecules 
_entity.pdbx_ec 
_entity.pdbx_mutation 
_entity.pdbx_fragment 
_entity.details 
1 polymer     man Plasminogen            9801.812 1   3.4.21.7 ? ? ? 
2 non-polymer syn '6-AMINOHEXANOIC ACID' 131.173  1   ?        ? ? ? 
3 water       nat water                  18.015   100 ?        ? ? ? 
# 
_entity_poly.entity_id                      1 
_entity_poly.type                           'polypeptide(L)' 
_entity_poly.nstd_linkage                   no 
_entity_poly.nstd_monomer                   no 
_entity_poly.pdbx_seq_one_letter_code       
;EFSEECMHGSGENYDGKISKTMSGLECQAWDSQSPHAHGYIPSKFPNKNLKKNYCRNPDNDPQGPWCFTTDPNKRWEYCD
IPRCA
;
_entity_poly.pdbx_seq_one_letter_code_can   
;EFSEECMHGSGENYDGKISKTMSGLECQAWDSQSPHAHGYIPSKFPNKNLKKNYCRNPDNDPQGPWCFTTDPNKRWEYCD
IPRCA
;
_entity_poly.pdbx_strand_id                 A 
_entity_poly.pdbx_target_identifier         ? 
# 
loop_
_pdbx_entity_nonpoly.entity_id 
_pdbx_entity_nonpoly.name 
_pdbx_entity_nonpoly.comp_id 
2 '6-AMINOHEXANOIC ACID' ACA 
3 water                  HOH 
# 
loop_
_entity_poly_seq.entity_id 
_entity_poly_seq.num 
_entity_poly_seq.mon_id 
_entity_poly_seq.hetero 
1 1  GLU n 
1 2  PHE n 
1 3  SER n 
1 4  GLU n 
1 5  GLU n 
1 6  CYS n 
1 7  MET n 
1 8  HIS n 
1 9  GLY n 
1 10 SER n 
1 11 GLY n 
1 12 GLU n 
1 13 ASN n 
1 14 TYR n 
1 15 ASP n 
1 16 GLY n 
1 17 LYS n 
1 18 ILE n 
1 19 SER n 
1 20 LYS n 
1 21 THR n 
1 22 MET n 
1 23 SER n 
1 24 GLY n 
1 25 LEU n 
1 26 GLU n 
1 27 CYS n 
1 28 GLN n 
1 29 ALA n 
1 30 TRP n 
1 31 ASP n 
1 32 SER n 
1 33 GLN n 
1 34 SER n 
1 35 PRO n 
1 36 HIS n 
1 37 ALA n 
1 38 HIS n 
1 39 GLY n 
1 40 TYR n 
1 41 ILE n 
1 42 PRO n 
1 43 SER n 
1 44 LYS n 
1 45 PHE n 
1 46 PRO n 
1 47 ASN n 
1 48 LYS n 
1 49 ASN n 
1 50 LEU n 
1 51 LYS n 
1 52 LYS n 
1 53 ASN n 
1 54 TYR n 
1 55 CYS n 
1 56 ARG n 
1 57 ASN n 
1 58 PRO n 
1 59 ASP n 
1 60 ASN n 
1 61 ASP n 
1 62 PRO n 
1 63 GLN n 
1 64 GLY n 
1 65 PRO n 
1 66 TRP n 
1 67 CYS n 
1 68 PHE n 
1 69 THR n 
1 70 THR n 
1 71 ASP n 
1 72 PRO n 
1 73 ASN n 
1 74 LYS n 
1 75 ARG n 
1 76 TRP n 
1 77 GLU n 
1 78 TYR n 
1 79 CYS n 
1 80 ASP n 
1 81 ILE n 
1 82 PRO n 
1 83 ARG n 
1 84 CYS n 
1 85 ALA n 
# 
_entity_src_gen.entity_id                          1 
_entity_src_gen.pdbx_src_id                        1 
_entity_src_gen.pdbx_alt_source_flag               sample 
_entity_src_gen.pdbx_seq_type                      'Biological sequence' 
_entity_src_gen.pdbx_beg_seq_num                   1 
_entity_src_gen.pdbx_end_seq_num                   85 
_entity_src_gen.gene_src_common_name               Human 
_entity_src_gen.gene_src_genus                     ? 
_entity_src_gen.pdbx_gene_src_gene                 PLG 
_entity_src_gen.gene_src_species                   ? 
_entity_src_gen.gene_src_strain                    ? 
_entity_src_gen.gene_src_tissue                    ? 
_entity_src_gen.gene_src_tissue_fraction           ? 
_entity_src_gen.gene_src_details                   ? 
_entity_src_gen.pdbx_gene_src_fragment             ? 
_entity_src_gen.pdbx_gene_src_scientific_name      'Homo sapiens' 
_entity_src_gen.pdbx_gene_src_ncbi_taxonomy_id     9606 
_entity_src_gen.pdbx_gene_src_variant              ? 
_entity_src_gen.pdbx_gene_src_cell_line            ? 
_entity_src_gen.pdbx_gene_src_atcc                 ? 
_entity_src_gen.pdbx_gene_src_organ                ? 
_entity_src_gen.pdbx_gene_src_organelle            ? 
_entity_src_gen.pdbx_gene_src_cell                 ? 
_entity_src_gen.pdbx_gene_src_cellular_location    ? 
_entity_src_gen.host_org_common_name               ? 
_entity_src_gen.pdbx_host_org_scientific_name      'Komagataella pastoris' 
_entity_src_gen.pdbx_host_org_ncbi_taxonomy_id     4922 
_entity_src_gen.host_org_genus                     ? 
_entity_src_gen.pdbx_host_org_gene                 ? 
_entity_src_gen.pdbx_host_org_organ                ? 
_entity_src_gen.host_org_species                   ? 
_entity_src_gen.pdbx_host_org_tissue               ? 
_entity_src_gen.pdbx_host_org_tissue_fraction      ? 
_entity_src_gen.pdbx_host_org_strain               ? 
_entity_src_gen.pdbx_host_org_variant              ? 
_entity_src_gen.pdbx_host_org_cell_line            ? 
_entity_src_gen.pdbx_host_org_atcc                 ? 
_entity_src_gen.pdbx_host_org_culture_collection   ? 
_entity_src_gen.pdbx_host_org_cell                 ? 
_entity_src_gen.pdbx_host_org_organelle            ? 
_entity_src_gen.pdbx_host_org_cellular_location    ? 
_entity_src_gen.pdbx_host_org_vector_type          ? 
_entity_src_gen.pdbx_host_org_vector               ? 
_entity_src_gen.host_org_details                   ? 
_entity_src_gen.expression_system_id               ? 
_entity_src_gen.plasmid_name                       ? 
_entity_src_gen.plasmid_details                    ? 
_entity_src_gen.pdbx_description                   ? 
# 
loop_
_chem_comp.id 
_chem_comp.type 
_chem_comp.mon_nstd_flag 
_chem_comp.name 
_chem_comp.pdbx_synonyms 
_chem_comp.formula 
_chem_comp.formula_weight 
ACA 'peptide linking'   . '6-AMINOHEXANOIC ACID' 'AMINOCAPROIC ACID' 'C6 H13 N O2'    131.173 
ALA 'L-peptide linking' y ALANINE                ?                   'C3 H7 N O2'     89.093  
ARG 'L-peptide linking' y ARGININE               ?                   'C6 H15 N4 O2 1' 175.209 
ASN 'L-peptide linking' y ASPARAGINE             ?                   'C4 H8 N2 O3'    132.118 
ASP 'L-peptide linking' y 'ASPARTIC ACID'        ?                   'C4 H7 N O4'     133.103 
CYS 'L-peptide linking' y CYSTEINE               ?                   'C3 H7 N O2 S'   121.158 
GLN 'L-peptide linking' y GLUTAMINE              ?                   'C5 H10 N2 O3'   146.144 
GLU 'L-peptide linking' y 'GLUTAMIC ACID'        ?                   'C5 H9 N O4'     147.129 
GLY 'peptide linking'   y GLYCINE                ?                   'C2 H5 N O2'     75.067  
HIS 'L-peptide linking' y HISTIDINE              ?                   'C6 H10 N3 O2 1' 156.162 
HOH non-polymer         . WATER                  ?                   'H2 O'           18.015  
ILE 'L-peptide linking' y ISOLEUCINE             ?                   'C6 H13 N O2'    131.173 
LEU 'L-peptide linking' y LEUCINE                ?                   'C6 H13 N O2'    131.173 
LYS 'L-peptide linking' y LYSINE                 ?                   'C6 H15 N2 O2 1' 147.195 
MET 'L-peptide linking' y METHIONINE             ?                   'C5 H11 N O2 S'  149.211 
PHE 'L-peptide linking' y PHENYLALANINE          ?                   'C9 H11 N O2'    165.189 
PRO 'L-peptide linking' y PROLINE                ?                   'C5 H9 N O2'     115.130 
SER 'L-peptide linking' y SERINE                 ?                   'C3 H7 N O3'     105.093 
THR 'L-peptide linking' y THREONINE              ?                   'C4 H9 N O3'     119.119 
TRP 'L-peptide linking' y TRYPTOPHAN             ?                   'C11 H12 N2 O2'  204.225 
TYR 'L-peptide linking' y TYROSINE               ?                   'C9 H11 N O3'    181.189 
# 
loop_
_pdbx_poly_seq_scheme.asym_id 
_pdbx_poly_seq_scheme.entity_id 
_pdbx_poly_seq_scheme.seq_id 
_pdbx_poly_seq_scheme.mon_id 
_pdbx_poly_seq_scheme.ndb_seq_num 
_pdbx_poly_seq_scheme.pdb_seq_num 
_pdbx_poly_seq_scheme.auth_seq_num 
_pdbx_poly_seq_scheme.pdb_mon_id 
_pdbx_poly_seq_scheme.auth_mon_id 
_pdbx_poly_seq_scheme.pdb_strand_id 
_pdbx_poly_seq_scheme.pdb_ins_code 
_pdbx_poly_seq_scheme.hetero 
A 1 1  GLU 1  -4 -4 GLU GLU A . n 
A 1 2  PHE 2  -3 -3 PHE PHE A . n 
A 1 3  SER 3  -2 -2 SER SER A . n 
A 1 4  GLU 4  -1 -1 GLU GLU A . n 
A 1 5  GLU 5  0  0  GLU GLU A . n 
A 1 6  CYS 6  1  1  CYS CYS A . n 
A 1 7  MET 7  2  2  MET MET A . n 
A 1 8  HIS 8  3  3  HIS HIS A . n 
A 1 9  GLY 9  4  4  GLY GLY A . n 
A 1 10 SER 10 5  5  SER SER A . n 
A 1 11 GLY 11 6  6  GLY GLY A . n 
A 1 12 GLU 12 7  7  GLU GLU A . n 
A 1 13 ASN 13 8  8  ASN ASN A . n 
A 1 14 TYR 14 9  9  TYR TYR A . n 
A 1 15 ASP 15 10 10 ASP ASP A . n 
A 1 16 GLY 16 11 11 GLY GLY A . n 
A 1 17 LYS 17 12 12 LYS LYS A . n 
A 1 18 ILE 18 13 13 ILE ILE A . n 
A 1 19 SER 19 14 14 SER SER A . n 
A 1 20 LYS 20 15 15 LYS LYS A . n 
A 1 21 THR 21 16 16 THR THR A . n 
A 1 22 MET 22 17 17 MET MET A . n 
A 1 23 SER 23 18 18 SER SER A . n 
A 1 24 GLY 24 19 19 GLY GLY A . n 
A 1 25 LEU 25 20 20 LEU LEU A . n 
A 1 26 GLU 26 21 21 GLU GLU A . n 
A 1 27 CYS 27 22 22 CYS CYS A . n 
A 1 28 GLN 28 23 23 GLN GLN A . n 
A 1 29 ALA 29 24 24 ALA ALA A . n 
A 1 30 TRP 30 25 25 TRP TRP A . n 
A 1 31 ASP 31 26 26 ASP ASP A . n 
A 1 32 SER 32 27 27 SER SER A . n 
A 1 33 GLN 33 28 28 GLN GLN A . n 
A 1 34 SER 34 29 29 SER SER A . n 
A 1 35 PRO 35 30 30 PRO PRO A . n 
A 1 36 HIS 36 31 31 HIS HIS A . n 
A 1 37 ALA 37 32 32 ALA ALA A . n 
A 1 38 HIS 38 33 33 HIS HIS A . n 
A 1 39 GLY 39 34 34 GLY GLY A . n 
A 1 40 TYR 40 35 35 TYR TYR A . n 
A 1 41 ILE 41 36 36 ILE ILE A . n 
A 1 42 PRO 42 37 37 PRO PRO A . n 
A 1 43 SER 43 38 38 SER SER A . n 
A 1 44 LYS 44 39 39 LYS LYS A . n 
A 1 45 PHE 45 40 40 PHE PHE A . n 
A 1 46 PRO 46 41 41 PRO PRO A . n 
A 1 47 ASN 47 42 42 ASN ASN A . n 
A 1 48 LYS 48 43 43 LYS LYS A . n 
A 1 49 ASN 49 44 44 ASN ASN A . n 
A 1 50 LEU 50 45 45 LEU LEU A . n 
A 1 51 LYS 51 46 46 LYS LYS A . n 
A 1 52 LYS 52 47 47 LYS LYS A . n 
A 1 53 ASN 53 48 48 ASN ASN A . n 
A 1 54 TYR 54 49 49 TYR TYR A . n 
A 1 55 CYS 55 50 50 CYS CYS A . n 
A 1 56 ARG 56 51 51 ARG ARG A . n 
A 1 57 ASN 57 52 52 ASN ASN A . n 
A 1 58 PRO 58 53 53 PRO PRO A . n 
A 1 59 ASP 59 54 54 ASP ASP A . n 
A 1 60 ASN 60 55 55 ASN ASN A . n 
A 1 61 ASP 61 56 56 ASP ASP A . n 
A 1 62 PRO 62 57 57 PRO PRO A . n 
A 1 63 GLN 63 58 58 GLN GLN A . n 
A 1 64 GLY 64 59 59 GLY GLY A . n 
A 1 65 PRO 65 60 60 PRO PRO A . n 
A 1 66 TRP 66 61 61 TRP TRP A . n 
A 1 67 CYS 67 62 62 CYS CYS A . n 
A 1 68 PHE 68 63 63 PHE PHE A . n 
A 1 69 THR 69 64 64 THR THR A . n 
A 1 70 THR 70 65 65 THR THR A . n 
A 1 71 ASP 71 66 66 ASP ASP A . n 
A 1 72 PRO 72 67 67 PRO PRO A . n 
A 1 73 ASN 73 68 68 ASN ASN A . n 
A 1 74 LYS 74 69 69 LYS LYS A . n 
A 1 75 ARG 75 70 70 ARG ARG A . n 
A 1 76 TRP 76 71 71 TRP TRP A . n 
A 1 77 GLU 77 72 72 GLU GLU A . n 
A 1 78 TYR 78 73 73 TYR TYR A . n 
A 1 79 CYS 79 74 74 CYS CYS A . n 
A 1 80 ASP 80 75 75 ASP ASP A . n 
A 1 81 ILE 81 76 76 ILE ILE A . n 
A 1 82 PRO 82 77 77 PRO PRO A . n 
A 1 83 ARG 83 78 78 ARG ARG A . n 
A 1 84 CYS 84 79 79 CYS CYS A . n 
A 1 85 ALA 85 80 80 ALA ALA A . n 
# 
loop_
_pdbx_nonpoly_scheme.asym_id 
_pdbx_nonpoly_scheme.entity_id 
_pdbx_nonpoly_scheme.mon_id 
_pdbx_nonpoly_scheme.ndb_seq_num 
_pdbx_nonpoly_scheme.pdb_seq_num 
_pdbx_nonpoly_scheme.auth_seq_num 
_pdbx_nonpoly_scheme.pdb_mon_id 
_pdbx_nonpoly_scheme.auth_mon_id 
_pdbx_nonpoly_scheme.pdb_strand_id 
_pdbx_nonpoly_scheme.pdb_ins_code 
B 2 ACA 1   101 90  ACA ACA A . 
C 3 HOH 1   201 45  HOH HOH A . 
C 3 HOH 2   202 57  HOH HOH A . 
C 3 HOH 3   203 77  HOH HOH A . 
C 3 HOH 4   204 76  HOH HOH A . 
C 3 HOH 5   205 48  HOH HOH A . 
C 3 HOH 6   206 103 HOH HOH A . 
C 3 HOH 7   207 64  HOH HOH A . 
C 3 HOH 8   208 1   HOH HOH A . 
C 3 HOH 9   209 16  HOH HOH A . 
C 3 HOH 10  210 65  HOH HOH A . 
C 3 HOH 11  211 4   HOH HOH A . 
C 3 HOH 12  212 25  HOH HOH A . 
C 3 HOH 13  213 34  HOH HOH A . 
C 3 HOH 14  214 88  HOH HOH A . 
C 3 HOH 15  215 58  HOH HOH A . 
C 3 HOH 16  216 47  HOH HOH A . 
C 3 HOH 17  217 3   HOH HOH A . 
C 3 HOH 18  218 46  HOH HOH A . 
C 3 HOH 19  219 14  HOH HOH A . 
C 3 HOH 20  220 39  HOH HOH A . 
C 3 HOH 21  221 2   HOH HOH A . 
C 3 HOH 22  222 40  HOH HOH A . 
C 3 HOH 23  223 10  HOH HOH A . 
C 3 HOH 24  224 74  HOH HOH A . 
C 3 HOH 25  225 86  HOH HOH A . 
C 3 HOH 26  226 27  HOH HOH A . 
C 3 HOH 27  227 95  HOH HOH A . 
C 3 HOH 28  228 33  HOH HOH A . 
C 3 HOH 29  229 90  HOH HOH A . 
C 3 HOH 30  230 42  HOH HOH A . 
C 3 HOH 31  231 9   HOH HOH A . 
C 3 HOH 32  232 59  HOH HOH A . 
C 3 HOH 33  233 15  HOH HOH A . 
C 3 HOH 34  234 43  HOH HOH A . 
C 3 HOH 35  235 85  HOH HOH A . 
C 3 HOH 36  236 12  HOH HOH A . 
C 3 HOH 37  237 7   HOH HOH A . 
C 3 HOH 38  238 19  HOH HOH A . 
C 3 HOH 39  239 26  HOH HOH A . 
C 3 HOH 40  240 53  HOH HOH A . 
C 3 HOH 41  241 44  HOH HOH A . 
C 3 HOH 42  242 24  HOH HOH A . 
C 3 HOH 43  243 8   HOH HOH A . 
C 3 HOH 44  244 30  HOH HOH A . 
C 3 HOH 45  245 73  HOH HOH A . 
C 3 HOH 46  246 6   HOH HOH A . 
C 3 HOH 47  247 60  HOH HOH A . 
C 3 HOH 48  248 99  HOH HOH A . 
C 3 HOH 49  249 69  HOH HOH A . 
C 3 HOH 50  250 97  HOH HOH A . 
C 3 HOH 51  251 62  HOH HOH A . 
C 3 HOH 52  252 32  HOH HOH A . 
C 3 HOH 53  253 51  HOH HOH A . 
C 3 HOH 54  254 49  HOH HOH A . 
C 3 HOH 55  255 11  HOH HOH A . 
C 3 HOH 56  256 105 HOH HOH A . 
C 3 HOH 57  257 50  HOH HOH A . 
C 3 HOH 58  258 28  HOH HOH A . 
C 3 HOH 59  259 21  HOH HOH A . 
C 3 HOH 60  260 18  HOH HOH A . 
C 3 HOH 61  261 66  HOH HOH A . 
C 3 HOH 62  262 36  HOH HOH A . 
C 3 HOH 63  263 13  HOH HOH A . 
C 3 HOH 64  264 94  HOH HOH A . 
C 3 HOH 65  265 38  HOH HOH A . 
C 3 HOH 66  266 17  HOH HOH A . 
C 3 HOH 67  267 71  HOH HOH A . 
C 3 HOH 68  268 63  HOH HOH A . 
C 3 HOH 69  269 23  HOH HOH A . 
C 3 HOH 70  270 54  HOH HOH A . 
C 3 HOH 71  271 92  HOH HOH A . 
C 3 HOH 72  272 41  HOH HOH A . 
C 3 HOH 73  273 31  HOH HOH A . 
C 3 HOH 74  274 102 HOH HOH A . 
C 3 HOH 75  275 104 HOH HOH A . 
C 3 HOH 76  276 5   HOH HOH A . 
C 3 HOH 77  277 70  HOH HOH A . 
C 3 HOH 78  278 29  HOH HOH A . 
C 3 HOH 79  279 87  HOH HOH A . 
C 3 HOH 80  280 67  HOH HOH A . 
C 3 HOH 81  281 98  HOH HOH A . 
C 3 HOH 82  282 84  HOH HOH A . 
C 3 HOH 83  283 52  HOH HOH A . 
C 3 HOH 84  284 68  HOH HOH A . 
C 3 HOH 85  285 79  HOH HOH A . 
C 3 HOH 86  286 91  HOH HOH A . 
C 3 HOH 87  287 75  HOH HOH A . 
C 3 HOH 88  288 20  HOH HOH A . 
C 3 HOH 89  289 78  HOH HOH A . 
C 3 HOH 90  290 72  HOH HOH A . 
C 3 HOH 91  291 61  HOH HOH A . 
C 3 HOH 92  292 82  HOH HOH A . 
C 3 HOH 93  293 114 HOH HOH A . 
C 3 HOH 94  294 93  HOH HOH A . 
C 3 HOH 95  295 101 HOH HOH A . 
C 3 HOH 96  296 100 HOH HOH A . 
C 3 HOH 97  297 96  HOH HOH A . 
C 3 HOH 98  298 56  HOH HOH A . 
C 3 HOH 99  299 55  HOH HOH A . 
C 3 HOH 100 300 22  HOH HOH A . 
# 
loop_
_pdbx_unobs_or_zero_occ_atoms.id 
_pdbx_unobs_or_zero_occ_atoms.PDB_model_num 
_pdbx_unobs_or_zero_occ_atoms.polymer_flag 
_pdbx_unobs_or_zero_occ_atoms.occupancy_flag 
_pdbx_unobs_or_zero_occ_atoms.auth_asym_id 
_pdbx_unobs_or_zero_occ_atoms.auth_comp_id 
_pdbx_unobs_or_zero_occ_atoms.auth_seq_id 
_pdbx_unobs_or_zero_occ_atoms.PDB_ins_code 
_pdbx_unobs_or_zero_occ_atoms.auth_atom_id 
_pdbx_unobs_or_zero_occ_atoms.label_alt_id 
_pdbx_unobs_or_zero_occ_atoms.label_asym_id 
_pdbx_unobs_or_zero_occ_atoms.label_comp_id 
_pdbx_unobs_or_zero_occ_atoms.label_seq_id 
_pdbx_unobs_or_zero_occ_atoms.label_atom_id 
1 1 Y 1 A GLU -4 ? CG  ? A GLU 1  CG  
2 1 Y 1 A GLU -4 ? CD  ? A GLU 1  CD  
3 1 Y 1 A GLU -4 ? OE1 ? A GLU 1  OE1 
4 1 Y 1 A GLU -4 ? OE2 ? A GLU 1  OE2 
5 1 Y 1 A LYS 15 ? CG  ? A LYS 20 CG  
6 1 Y 1 A LYS 15 ? CD  ? A LYS 20 CD  
7 1 Y 1 A LYS 15 ? CE  ? A LYS 20 CE  
8 1 Y 1 A LYS 15 ? NZ  ? A LYS 20 NZ  
# 
loop_
_software.citation_id 
_software.classification 
_software.compiler_name 
_software.compiler_version 
_software.contact_author 
_software.contact_author_email 
_software.date 
_software.description 
_software.dependencies 
_software.hardware 
_software.language 
_software.location 
_software.mods 
_software.name 
_software.os 
_software.os_version 
_software.type 
_software.version 
_software.pdbx_ordinal 
? refinement       ? ? ? ? ? ? ? ? ? ? ? PHENIX   ? ? ? '(1.11.1_2575)' 1 
? 'data reduction' ? ? ? ? ? ? ? ? ? ? ? HKL-2000 ? ? ? .               2 
? 'data scaling'   ? ? ? ? ? ? ? ? ? ? ? HKL-2000 ? ? ? .               3 
? phasing          ? ? ? ? ? ? ? ? ? ? ? PHASER   ? ? ? .               4 
# 
_cell.angle_alpha                  90.00 
_cell.angle_alpha_esd              ? 
_cell.angle_beta                   110.36 
_cell.angle_beta_esd               ? 
_cell.angle_gamma                  90.00 
_cell.angle_gamma_esd              ? 
_cell.entry_id                     6DCM 
_cell.details                      ? 
_cell.formula_units_Z              ? 
_cell.length_a                     30.825 
_cell.length_a_esd                 ? 
_cell.length_b                     39.006 
_cell.length_b_esd                 ? 
_cell.length_c                     31.316 
_cell.length_c_esd                 ? 
_cell.volume                       ? 
_cell.volume_esd                   ? 
_cell.Z_PDB                        2 
_cell.reciprocal_angle_alpha       ? 
_cell.reciprocal_angle_beta        ? 
_cell.reciprocal_angle_gamma       ? 
_cell.reciprocal_angle_alpha_esd   ? 
_cell.reciprocal_angle_beta_esd    ? 
_cell.reciprocal_angle_gamma_esd   ? 
_cell.reciprocal_length_a          ? 
_cell.reciprocal_length_b          ? 
_cell.reciprocal_length_c          ? 
_cell.reciprocal_length_a_esd      ? 
_cell.reciprocal_length_b_esd      ? 
_cell.reciprocal_length_c_esd      ? 
_cell.pdbx_unique_axis             ? 
# 
_symmetry.entry_id                         6DCM 
_symmetry.cell_setting                     ? 
_symmetry.Int_Tables_number                4 
_symmetry.space_group_name_Hall            ? 
_symmetry.space_group_name_H-M             'P 1 21 1' 
_symmetry.pdbx_full_space_group_name_H-M   ? 
# 
_exptl.absorpt_coefficient_mu     ? 
_exptl.absorpt_correction_T_max   ? 
_exptl.absorpt_correction_T_min   ? 
_exptl.absorpt_correction_type    ? 
_exptl.absorpt_process_details    ? 
_exptl.entry_id                   6DCM 
_exptl.crystals_number            1 
_exptl.details                    ? 
_exptl.method                     'X-RAY DIFFRACTION' 
_exptl.method_details             ? 
# 
_exptl_crystal.colour                      ? 
_exptl_crystal.density_diffrn              ? 
_exptl_crystal.density_Matthews            1.78 
_exptl_crystal.density_method              ? 
_exptl_crystal.density_percent_sol         30.91 
_exptl_crystal.description                 ? 
_exptl_crystal.F_000                       ? 
_exptl_crystal.id                          1 
_exptl_crystal.preparation                 ? 
_exptl_crystal.size_max                    ? 
_exptl_crystal.size_mid                    ? 
_exptl_crystal.size_min                    ? 
_exptl_crystal.size_rad                    ? 
_exptl_crystal.colour_lustre               ? 
_exptl_crystal.colour_modifier             ? 
_exptl_crystal.colour_primary              ? 
_exptl_crystal.density_meas                ? 
_exptl_crystal.density_meas_esd            ? 
_exptl_crystal.density_meas_gt             ? 
_exptl_crystal.density_meas_lt             ? 
_exptl_crystal.density_meas_temp           ? 
_exptl_crystal.density_meas_temp_esd       ? 
_exptl_crystal.density_meas_temp_gt        ? 
_exptl_crystal.density_meas_temp_lt        ? 
_exptl_crystal.pdbx_crystal_image_url      ? 
_exptl_crystal.pdbx_crystal_image_format   ? 
_exptl_crystal.pdbx_mosaicity              ? 
_exptl_crystal.pdbx_mosaicity_esd          ? 
# 
_exptl_crystal_grow.apparatus       ? 
_exptl_crystal_grow.atmosphere      ? 
_exptl_crystal_grow.crystal_id      1 
_exptl_crystal_grow.details         ? 
_exptl_crystal_grow.method          EVAPORATION 
_exptl_crystal_grow.method_ref      ? 
_exptl_crystal_grow.pH              ? 
_exptl_crystal_grow.pressure        ? 
_exptl_crystal_grow.pressure_esd    ? 
_exptl_crystal_grow.seeding         ? 
_exptl_crystal_grow.seeding_ref     ? 
_exptl_crystal_grow.temp            298 
_exptl_crystal_grow.temp_details    ? 
_exptl_crystal_grow.temp_esd        ? 
_exptl_crystal_grow.time            ? 
_exptl_crystal_grow.pdbx_details    'PEG 4000, Sodium acetate, Ammonium acetate' 
_exptl_crystal_grow.pdbx_pH_range   ? 
# 
_diffrn.ambient_environment              ? 
_diffrn.ambient_temp                     100 
_diffrn.ambient_temp_details             ? 
_diffrn.ambient_temp_esd                 ? 
_diffrn.crystal_id                       1 
_diffrn.crystal_support                  ? 
_diffrn.crystal_treatment                ? 
_diffrn.details                          ? 
_diffrn.id                               1 
_diffrn.ambient_pressure                 ? 
_diffrn.ambient_pressure_esd             ? 
_diffrn.ambient_pressure_gt              ? 
_diffrn.ambient_pressure_lt              ? 
_diffrn.ambient_temp_gt                  ? 
_diffrn.ambient_temp_lt                  ? 
_diffrn.pdbx_serial_crystal_experiment   N 
# 
_diffrn_detector.details                      ? 
_diffrn_detector.detector                     CCD 
_diffrn_detector.diffrn_id                    1 
_diffrn_detector.type                         'RAYONIX MX300HE' 
_diffrn_detector.area_resol_mean              ? 
_diffrn_detector.dtime                        ? 
_diffrn_detector.pdbx_frames_total            ? 
_diffrn_detector.pdbx_collection_time_total   ? 
_diffrn_detector.pdbx_collection_date         2017-02-14 
_diffrn_detector.pdbx_frequency               ? 
# 
_diffrn_radiation.collimation                      ? 
_diffrn_radiation.diffrn_id                        1 
_diffrn_radiation.filter_edge                      ? 
_diffrn_radiation.inhomogeneity                    ? 
_diffrn_radiation.monochromator                    ? 
_diffrn_radiation.polarisn_norm                    ? 
_diffrn_radiation.polarisn_ratio                   ? 
_diffrn_radiation.probe                            ? 
_diffrn_radiation.type                             ? 
_diffrn_radiation.xray_symbol                      ? 
_diffrn_radiation.wavelength_id                    1 
_diffrn_radiation.pdbx_monochromatic_or_laue_m_l   M 
_diffrn_radiation.pdbx_wavelength_list             ? 
_diffrn_radiation.pdbx_wavelength                  ? 
_diffrn_radiation.pdbx_diffrn_protocol             'SINGLE WAVELENGTH' 
_diffrn_radiation.pdbx_analyzer                    ? 
_diffrn_radiation.pdbx_scattering_type             x-ray 
# 
_diffrn_radiation_wavelength.id           1 
_diffrn_radiation_wavelength.wavelength   0.987 
_diffrn_radiation_wavelength.wt           1.0 
# 
_diffrn_source.current                     ? 
_diffrn_source.details                     ? 
_diffrn_source.diffrn_id                   1 
_diffrn_source.power                       ? 
_diffrn_source.size                        ? 
_diffrn_source.source                      SYNCHROTRON 
_diffrn_source.target                      ? 
_diffrn_source.type                        'APS BEAMLINE 21-ID-D' 
_diffrn_source.voltage                     ? 
_diffrn_source.take-off_angle              ? 
_diffrn_source.pdbx_wavelength_list        0.987 
_diffrn_source.pdbx_wavelength             ? 
_diffrn_source.pdbx_synchrotron_beamline   21-ID-D 
_diffrn_source.pdbx_synchrotron_site       APS 
# 
_reflns.B_iso_Wilson_estimate            ? 
_reflns.entry_id                         6DCM 
_reflns.data_reduction_details           ? 
_reflns.data_reduction_method            ? 
_reflns.d_resolution_high                1.031 
_reflns.d_resolution_low                 23.46 
_reflns.details                          ? 
_reflns.limit_h_max                      ? 
_reflns.limit_h_min                      ? 
_reflns.limit_k_max                      ? 
_reflns.limit_k_min                      ? 
_reflns.limit_l_max                      ? 
_reflns.limit_l_min                      ? 
_reflns.number_all                       ? 
_reflns.number_obs                       31093 
_reflns.observed_criterion               ? 
_reflns.observed_criterion_F_max         ? 
_reflns.observed_criterion_F_min         ? 
_reflns.observed_criterion_I_max         ? 
_reflns.observed_criterion_I_min         ? 
_reflns.observed_criterion_sigma_F       ? 
_reflns.observed_criterion_sigma_I       ? 
_reflns.percent_possible_obs             98.8 
_reflns.R_free_details                   ? 
_reflns.Rmerge_F_all                     ? 
_reflns.Rmerge_F_obs                     ? 
_reflns.Friedel_coverage                 ? 
_reflns.number_gt                        ? 
_reflns.threshold_expression             ? 
_reflns.pdbx_redundancy                  4 
_reflns.pdbx_Rmerge_I_obs                0.062 
_reflns.pdbx_Rmerge_I_all                ? 
_reflns.pdbx_Rsym_value                  ? 
_reflns.pdbx_netI_over_av_sigmaI         34.5 
_reflns.pdbx_netI_over_sigmaI            34.5 
_reflns.pdbx_res_netI_over_av_sigmaI_2   ? 
_reflns.pdbx_res_netI_over_sigmaI_2      ? 
_reflns.pdbx_chi_squared                 ? 
_reflns.pdbx_scaling_rejects             ? 
_reflns.pdbx_d_res_high_opt              ? 
_reflns.pdbx_d_res_low_opt               ? 
_reflns.pdbx_d_res_opt_method            ? 
_reflns.phase_calculation_details        ? 
_reflns.pdbx_Rrim_I_all                  0.07 
_reflns.pdbx_Rpim_I_all                  ? 
_reflns.pdbx_d_opt                       ? 
_reflns.pdbx_number_measured_all         ? 
_reflns.pdbx_diffrn_id                   1 
_reflns.pdbx_ordinal                     1 
_reflns.pdbx_CC_half                     ? 
_reflns.pdbx_R_split                     ? 
# 
_reflns_shell.d_res_high                  1.031 
_reflns_shell.d_res_low                   1.068 
_reflns_shell.meanI_over_sigI_all         ? 
_reflns_shell.meanI_over_sigI_obs         4.7 
_reflns_shell.number_measured_all         ? 
_reflns_shell.number_measured_obs         ? 
_reflns_shell.number_possible             ? 
_reflns_shell.number_unique_all           ? 
_reflns_shell.number_unique_obs           ? 
_reflns_shell.percent_possible_all        99.8 
_reflns_shell.percent_possible_obs        ? 
_reflns_shell.Rmerge_F_all                ? 
_reflns_shell.Rmerge_F_obs                ? 
_reflns_shell.Rmerge_I_all                ? 
_reflns_shell.Rmerge_I_obs                0.368 
_reflns_shell.meanI_over_sigI_gt          ? 
_reflns_shell.meanI_over_uI_all           ? 
_reflns_shell.meanI_over_uI_gt            ? 
_reflns_shell.number_measured_gt          ? 
_reflns_shell.number_unique_gt            ? 
_reflns_shell.percent_possible_gt         ? 
_reflns_shell.Rmerge_F_gt                 ? 
_reflns_shell.Rmerge_I_gt                 ? 
_reflns_shell.pdbx_redundancy             ? 
_reflns_shell.pdbx_Rsym_value             ? 
_reflns_shell.pdbx_chi_squared            ? 
_reflns_shell.pdbx_netI_over_sigmaI_all   ? 
_reflns_shell.pdbx_netI_over_sigmaI_obs   ? 
_reflns_shell.pdbx_Rrim_I_all             0.447 
_reflns_shell.pdbx_Rpim_I_all             ? 
_reflns_shell.pdbx_rejects                ? 
_reflns_shell.pdbx_ordinal                1 
_reflns_shell.pdbx_diffrn_id              1 
_reflns_shell.pdbx_CC_half                ? 
_reflns_shell.pdbx_R_split                ? 
# 
_refine.aniso_B[1][1]                            ? 
_refine.aniso_B[1][2]                            ? 
_refine.aniso_B[1][3]                            ? 
_refine.aniso_B[2][2]                            ? 
_refine.aniso_B[2][3]                            ? 
_refine.aniso_B[3][3]                            ? 
_refine.B_iso_max                                ? 
_refine.B_iso_mean                               ? 
_refine.B_iso_min                                ? 
_refine.correlation_coeff_Fo_to_Fc               ? 
_refine.correlation_coeff_Fo_to_Fc_free          ? 
_refine.details                                  ? 
_refine.diff_density_max                         ? 
_refine.diff_density_max_esd                     ? 
_refine.diff_density_min                         ? 
_refine.diff_density_min_esd                     ? 
_refine.diff_density_rms                         ? 
_refine.diff_density_rms_esd                     ? 
_refine.entry_id                                 6DCM 
_refine.pdbx_refine_id                           'X-RAY DIFFRACTION' 
_refine.ls_abs_structure_details                 ? 
_refine.ls_abs_structure_Flack                   ? 
_refine.ls_abs_structure_Flack_esd               ? 
_refine.ls_abs_structure_Rogers                  ? 
_refine.ls_abs_structure_Rogers_esd              ? 
_refine.ls_d_res_high                            1.031 
_refine.ls_d_res_low                             23.458 
_refine.ls_extinction_coef                       ? 
_refine.ls_extinction_coef_esd                   ? 
_refine.ls_extinction_expression                 ? 
_refine.ls_extinction_method                     ? 
_refine.ls_goodness_of_fit_all                   ? 
_refine.ls_goodness_of_fit_all_esd               ? 
_refine.ls_goodness_of_fit_obs                   ? 
_refine.ls_goodness_of_fit_obs_esd               ? 
_refine.ls_hydrogen_treatment                    ? 
_refine.ls_matrix_type                           ? 
_refine.ls_number_constraints                    ? 
_refine.ls_number_parameters                     ? 
_refine.ls_number_reflns_all                     ? 
_refine.ls_number_reflns_obs                     31091 
_refine.ls_number_reflns_R_free                  2004 
_refine.ls_number_reflns_R_work                  ? 
_refine.ls_number_restraints                     ? 
_refine.ls_percent_reflns_obs                    90.26 
_refine.ls_percent_reflns_R_free                 6.45 
_refine.ls_R_factor_all                          ? 
_refine.ls_R_factor_obs                          0.1423 
_refine.ls_R_factor_R_free                       0.1569 
_refine.ls_R_factor_R_free_error                 ? 
_refine.ls_R_factor_R_free_error_details         ? 
_refine.ls_R_factor_R_work                       0.1412 
_refine.ls_R_Fsqd_factor_obs                     ? 
_refine.ls_R_I_factor_obs                        ? 
_refine.ls_redundancy_reflns_all                 ? 
_refine.ls_redundancy_reflns_obs                 ? 
_refine.ls_restrained_S_all                      ? 
_refine.ls_restrained_S_obs                      ? 
_refine.ls_shift_over_esd_max                    ? 
_refine.ls_shift_over_esd_mean                   ? 
_refine.ls_structure_factor_coef                 ? 
_refine.ls_weighting_details                     ? 
_refine.ls_weighting_scheme                      ? 
_refine.ls_wR_factor_all                         ? 
_refine.ls_wR_factor_obs                         ? 
_refine.ls_wR_factor_R_free                      ? 
_refine.ls_wR_factor_R_work                      ? 
_refine.occupancy_max                            ? 
_refine.occupancy_min                            ? 
_refine.solvent_model_details                    ? 
_refine.solvent_model_param_bsol                 ? 
_refine.solvent_model_param_ksol                 ? 
_refine.ls_R_factor_gt                           ? 
_refine.ls_goodness_of_fit_gt                    ? 
_refine.ls_goodness_of_fit_ref                   ? 
_refine.ls_shift_over_su_max                     ? 
_refine.ls_shift_over_su_max_lt                  ? 
_refine.ls_shift_over_su_mean                    ? 
_refine.ls_shift_over_su_mean_lt                 ? 
_refine.pdbx_ls_sigma_I                          ? 
_refine.pdbx_ls_sigma_F                          1.36 
_refine.pdbx_ls_sigma_Fsqd                       ? 
_refine.pdbx_data_cutoff_high_absF               ? 
_refine.pdbx_data_cutoff_high_rms_absF           ? 
_refine.pdbx_data_cutoff_low_absF                ? 
_refine.pdbx_isotropic_thermal_model             ? 
_refine.pdbx_ls_cross_valid_method               'FREE R-VALUE' 
_refine.pdbx_method_to_determine_struct          'MOLECULAR REPLACEMENT' 
_refine.pdbx_starting_model                      1I5K 
_refine.pdbx_stereochemistry_target_values       ? 
_refine.pdbx_R_Free_selection_details            ? 
_refine.pdbx_stereochem_target_val_spec_case     ? 
_refine.pdbx_overall_ESU_R                       ? 
_refine.pdbx_overall_ESU_R_Free                  ? 
_refine.pdbx_solvent_vdw_probe_radii             1.11 
_refine.pdbx_solvent_ion_probe_radii             ? 
_refine.pdbx_solvent_shrinkage_radii             0.90 
_refine.pdbx_real_space_R                        ? 
_refine.pdbx_density_correlation                 ? 
_refine.pdbx_pd_number_of_powder_patterns        ? 
_refine.pdbx_pd_number_of_points                 ? 
_refine.pdbx_pd_meas_number_of_points            ? 
_refine.pdbx_pd_proc_ls_prof_R_factor            ? 
_refine.pdbx_pd_proc_ls_prof_wR_factor           ? 
_refine.pdbx_pd_Marquardt_correlation_coeff      ? 
_refine.pdbx_pd_Fsqrd_R_factor                   ? 
_refine.pdbx_pd_ls_matrix_band_width             ? 
_refine.pdbx_overall_phase_error                 15.59 
_refine.pdbx_overall_SU_R_free_Cruickshank_DPI   ? 
_refine.pdbx_overall_SU_R_free_Blow_DPI          ? 
_refine.pdbx_overall_SU_R_Blow_DPI               ? 
_refine.pdbx_TLS_residual_ADP_flag               ? 
_refine.pdbx_diffrn_id                           1 
_refine.overall_SU_B                             ? 
_refine.overall_SU_ML                            0.12 
_refine.overall_SU_R_Cruickshank_DPI             ? 
_refine.overall_SU_R_free                        ? 
_refine.overall_FOM_free_R_set                   ? 
_refine.overall_FOM_work_R_set                   ? 
_refine.pdbx_average_fsc_overall                 ? 
_refine.pdbx_average_fsc_work                    ? 
_refine.pdbx_average_fsc_free                    ? 
# 
_refine_hist.pdbx_refine_id                   'X-RAY DIFFRACTION' 
_refine_hist.cycle_id                         LAST 
_refine_hist.details                          ? 
_refine_hist.d_res_high                       1.031 
_refine_hist.d_res_low                        23.458 
_refine_hist.number_atoms_solvent             100 
_refine_hist.number_atoms_total               785 
_refine_hist.number_reflns_all                ? 
_refine_hist.number_reflns_obs                ? 
_refine_hist.number_reflns_R_free             ? 
_refine_hist.number_reflns_R_work             ? 
_refine_hist.R_factor_all                     ? 
_refine_hist.R_factor_obs                     ? 
_refine_hist.R_factor_R_free                  ? 
_refine_hist.R_factor_R_work                  ? 
_refine_hist.pdbx_number_residues_total       ? 
_refine_hist.pdbx_B_iso_mean_ligand           ? 
_refine_hist.pdbx_B_iso_mean_solvent          ? 
_refine_hist.pdbx_number_atoms_protein        685 
_refine_hist.pdbx_number_atoms_nucleic_acid   0 
_refine_hist.pdbx_number_atoms_ligand         0 
_refine_hist.pdbx_number_atoms_lipid          ? 
_refine_hist.pdbx_number_atoms_carb           ? 
_refine_hist.pdbx_pseudo_atom_details         ? 
# 
loop_
_refine_ls_restr.pdbx_refine_id 
_refine_ls_restr.criterion 
_refine_ls_restr.dev_ideal 
_refine_ls_restr.dev_ideal_target 
_refine_ls_restr.number 
_refine_ls_restr.rejects 
_refine_ls_restr.type 
_refine_ls_restr.weight 
_refine_ls_restr.pdbx_restraint_function 
'X-RAY DIFFRACTION' ? 0.005 ? 756  ? f_bond_d           ? ? 
'X-RAY DIFFRACTION' ? 0.858 ? 1035 ? f_angle_d          ? ? 
'X-RAY DIFFRACTION' ? 9.529 ? 752  ? f_dihedral_angle_d ? ? 
'X-RAY DIFFRACTION' ? 0.086 ? 94   ? f_chiral_restr     ? ? 
'X-RAY DIFFRACTION' ? 0.007 ? 141  ? f_plane_restr      ? ? 
# 
loop_
_refine_ls_shell.pdbx_refine_id 
_refine_ls_shell.d_res_high 
_refine_ls_shell.d_res_low 
_refine_ls_shell.number_reflns_all 
_refine_ls_shell.number_reflns_obs 
_refine_ls_shell.number_reflns_R_free 
_refine_ls_shell.number_reflns_R_work 
_refine_ls_shell.percent_reflns_obs 
_refine_ls_shell.percent_reflns_R_free 
_refine_ls_shell.R_factor_all 
_refine_ls_shell.R_factor_obs 
_refine_ls_shell.R_factor_R_free 
_refine_ls_shell.R_factor_R_free_error 
_refine_ls_shell.R_factor_R_work 
_refine_ls_shell.redundancy_reflns_all 
_refine_ls_shell.redundancy_reflns_obs 
_refine_ls_shell.wR_factor_all 
_refine_ls_shell.wR_factor_obs 
_refine_ls_shell.wR_factor_R_free 
_refine_ls_shell.wR_factor_R_work 
_refine_ls_shell.pdbx_total_number_of_bins_used 
_refine_ls_shell.pdbx_phase_error 
_refine_ls_shell.pdbx_fsc_work 
_refine_ls_shell.pdbx_fsc_free 
'X-RAY DIFFRACTION' 1.0306 1.0564  . . 151 2141 93.00 . . . 0.3267 . 0.2878 . . . . . . . . . . 
'X-RAY DIFFRACTION' 1.0564 1.0850  . . 151 2202 96.00 . . . 0.2383 . 0.2286 . . . . . . . . . . 
'X-RAY DIFFRACTION' 1.0850 1.1169  . . 149 2189 96.00 . . . 0.1881 . 0.1761 . . . . . . . . . . 
'X-RAY DIFFRACTION' 1.1169 1.1530  . . 150 2144 93.00 . . . 0.1543 . 0.1458 . . . . . . . . . . 
'X-RAY DIFFRACTION' 1.1530 1.1942  . . 146 2118 93.00 . . . 0.1780 . 0.1422 . . . . . . . . . . 
'X-RAY DIFFRACTION' 1.1942 1.2420  . . 147 2103 92.00 . . . 0.1618 . 0.1424 . . . . . . . . . . 
'X-RAY DIFFRACTION' 1.2420 1.2985  . . 135 2076 90.00 . . . 0.1649 . 0.1410 . . . . . . . . . . 
'X-RAY DIFFRACTION' 1.2985 1.3670  . . 150 2072 91.00 . . . 0.1477 . 0.1408 . . . . . . . . . . 
'X-RAY DIFFRACTION' 1.3670 1.4526  . . 143 2085 91.00 . . . 0.1569 . 0.1245 . . . . . . . . . . 
'X-RAY DIFFRACTION' 1.4526 1.5647  . . 138 2104 91.00 . . . 0.1106 . 0.1179 . . . . . . . . . . 
'X-RAY DIFFRACTION' 1.5647 1.7221  . . 138 2028 88.00 . . . 0.1320 . 0.1268 . . . . . . . . . . 
'X-RAY DIFFRACTION' 1.7221 1.9712  . . 142 2048 89.00 . . . 0.1512 . 0.1293 . . . . . . . . . . 
'X-RAY DIFFRACTION' 1.9712 2.4831  . . 147 2045 89.00 . . . 0.1408 . 0.1327 . . . . . . . . . . 
'X-RAY DIFFRACTION' 2.4831 23.4636 . . 117 1732 73.00 . . . 0.1729 . 0.1465 . . . . . . . . . . 
# 
_struct.entry_id                     6DCM 
_struct.title                        'The atomic resolution crystal structure of Kringle 2 variant bound with EACA' 
_struct.pdbx_model_details           ? 
_struct.pdbx_formula_weight          ? 
_struct.pdbx_formula_weight_method   ? 
_struct.pdbx_model_type_details      ? 
_struct.pdbx_CASP_flag               N 
# 
_struct_keywords.entry_id        6DCM 
_struct_keywords.text            'Kringle 2, Blood clotting' 
_struct_keywords.pdbx_keywords   'BLOOD CLOTTING' 
# 
loop_
_struct_asym.id 
_struct_asym.pdbx_blank_PDB_chainid_flag 
_struct_asym.pdbx_modified 
_struct_asym.entity_id 
_struct_asym.details 
A N N 1 ? 
B N N 2 ? 
C N N 3 ? 
# 
_struct_ref.id                         1 
_struct_ref.db_name                    PDB 
_struct_ref.db_code                    6DCM 
_struct_ref.pdbx_db_accession          6DCM 
_struct_ref.pdbx_db_isoform            ? 
_struct_ref.entity_id                  1 
_struct_ref.pdbx_seq_one_letter_code   ? 
_struct_ref.pdbx_align_begin           1 
# 
_struct_ref_seq.align_id                      1 
_struct_ref_seq.ref_id                        1 
_struct_ref_seq.pdbx_PDB_id_code              6DCM 
_struct_ref_seq.pdbx_strand_id                A 
_struct_ref_seq.seq_align_beg                 1 
_struct_ref_seq.pdbx_seq_align_beg_ins_code   ? 
_struct_ref_seq.seq_align_end                 85 
_struct_ref_seq.pdbx_seq_align_end_ins_code   ? 
_struct_ref_seq.pdbx_db_accession             6DCM 
_struct_ref_seq.db_align_beg                  -4 
_struct_ref_seq.pdbx_db_align_beg_ins_code    ? 
_struct_ref_seq.db_align_end                  80 
_struct_ref_seq.pdbx_db_align_end_ins_code    ? 
_struct_ref_seq.pdbx_auth_seq_align_beg       -4 
_struct_ref_seq.pdbx_auth_seq_align_end       80 
# 
_pdbx_struct_assembly.id                   1 
_pdbx_struct_assembly.details              author_and_software_defined_assembly 
_pdbx_struct_assembly.method_details       PISA 
_pdbx_struct_assembly.oligomeric_details   monomeric 
_pdbx_struct_assembly.oligomeric_count     1 
# 
loop_
_pdbx_struct_assembly_prop.biol_id 
_pdbx_struct_assembly_prop.type 
_pdbx_struct_assembly_prop.value 
_pdbx_struct_assembly_prop.details 
1 'ABSA (A^2)' 330  ? 
1 MORE         5    ? 
1 'SSA (A^2)'  5010 ? 
# 
_pdbx_struct_assembly_gen.assembly_id       1 
_pdbx_struct_assembly_gen.oper_expression   1 
_pdbx_struct_assembly_gen.asym_id_list      A,B,C 
# 
_pdbx_struct_assembly_auth_evidence.id                     1 
_pdbx_struct_assembly_auth_evidence.assembly_id            1 
_pdbx_struct_assembly_auth_evidence.experimental_support   none 
_pdbx_struct_assembly_auth_evidence.details                ? 
# 
_pdbx_struct_oper_list.id                   1 
_pdbx_struct_oper_list.type                 'identity operation' 
_pdbx_struct_oper_list.name                 1_555 
_pdbx_struct_oper_list.symmetry_operation   x,y,z 
_pdbx_struct_oper_list.matrix[1][1]         1.0000000000 
_pdbx_struct_oper_list.matrix[1][2]         0.0000000000 
_pdbx_struct_oper_list.matrix[1][3]         0.0000000000 
_pdbx_struct_oper_list.vector[1]            0.0000000000 
_pdbx_struct_oper_list.matrix[2][1]         0.0000000000 
_pdbx_struct_oper_list.matrix[2][2]         1.0000000000 
_pdbx_struct_oper_list.matrix[2][3]         0.0000000000 
_pdbx_struct_oper_list.vector[2]            0.0000000000 
_pdbx_struct_oper_list.matrix[3][1]         0.0000000000 
_pdbx_struct_oper_list.matrix[3][2]         0.0000000000 
_pdbx_struct_oper_list.matrix[3][3]         1.0000000000 
_pdbx_struct_oper_list.vector[3]            0.0000000000 
# 
_struct_conf.conf_type_id            HELX_P 
_struct_conf.id                      HELX_P1 
_struct_conf.pdbx_PDB_helix_id       AA1 
_struct_conf.beg_label_comp_id       ILE 
_struct_conf.beg_label_asym_id       A 
_struct_conf.beg_label_seq_id        41 
_struct_conf.pdbx_beg_PDB_ins_code   ? 
_struct_conf.end_label_comp_id       ASN 
_struct_conf.end_label_asym_id       A 
_struct_conf.end_label_seq_id        49 
_struct_conf.pdbx_end_PDB_ins_code   ? 
_struct_conf.beg_auth_comp_id        ILE 
_struct_conf.beg_auth_asym_id        A 
_struct_conf.beg_auth_seq_id         36 
_struct_conf.end_auth_comp_id        ASN 
_struct_conf.end_auth_asym_id        A 
_struct_conf.end_auth_seq_id         44 
_struct_conf.pdbx_PDB_helix_class    5 
_struct_conf.details                 ? 
_struct_conf.pdbx_PDB_helix_length   9 
# 
_struct_conf_type.id          HELX_P 
_struct_conf_type.criteria    ? 
_struct_conf_type.reference   ? 
# 
loop_
_struct_conn.id 
_struct_conn.conn_type_id 
_struct_conn.pdbx_leaving_atom_flag 
_struct_conn.pdbx_PDB_id 
_struct_conn.ptnr1_label_asym_id 
_struct_conn.ptnr1_label_comp_id 
_struct_conn.ptnr1_label_seq_id 
_struct_conn.ptnr1_label_atom_id 
_struct_conn.pdbx_ptnr1_label_alt_id 
_struct_conn.pdbx_ptnr1_PDB_ins_code 
_struct_conn.pdbx_ptnr1_standard_comp_id 
_struct_conn.ptnr1_symmetry 
_struct_conn.ptnr2_label_asym_id 
_struct_conn.ptnr2_label_comp_id 
_struct_conn.ptnr2_label_seq_id 
_struct_conn.ptnr2_label_atom_id 
_struct_conn.pdbx_ptnr2_label_alt_id 
_struct_conn.pdbx_ptnr2_PDB_ins_code 
_struct_conn.ptnr1_auth_asym_id 
_struct_conn.ptnr1_auth_comp_id 
_struct_conn.ptnr1_auth_seq_id 
_struct_conn.ptnr2_auth_asym_id 
_struct_conn.ptnr2_auth_comp_id 
_struct_conn.ptnr2_auth_seq_id 
_struct_conn.ptnr2_symmetry 
_struct_conn.pdbx_ptnr3_label_atom_id 
_struct_conn.pdbx_ptnr3_label_seq_id 
_struct_conn.pdbx_ptnr3_label_comp_id 
_struct_conn.pdbx_ptnr3_label_asym_id 
_struct_conn.pdbx_ptnr3_label_alt_id 
_struct_conn.pdbx_ptnr3_PDB_ins_code 
_struct_conn.details 
_struct_conn.pdbx_dist_value 
_struct_conn.pdbx_value_order 
_struct_conn.pdbx_role 
disulf1 disulf ? ? A CYS 6  SG ? ? ? 1_555 A CYS 84 SG ? ? A CYS 1  A CYS 79 1_555 ? ? ? ? ? ? ? 2.036 ? ? 
disulf2 disulf ? ? A CYS 27 SG ? ? ? 1_555 A CYS 67 SG ? ? A CYS 22 A CYS 62 1_555 ? ? ? ? ? ? ? 2.043 ? ? 
disulf3 disulf ? ? A CYS 55 SG ? ? ? 1_555 A CYS 79 SG ? ? A CYS 50 A CYS 74 1_555 ? ? ? ? ? ? ? 2.041 ? ? 
# 
_struct_conn_type.id          disulf 
_struct_conn_type.criteria    ? 
_struct_conn_type.reference   ? 
# 
loop_
_pdbx_modification_feature.ordinal 
_pdbx_modification_feature.label_comp_id 
_pdbx_modification_feature.label_asym_id 
_pdbx_modification_feature.label_seq_id 
_pdbx_modification_feature.label_alt_id 
_pdbx_modification_feature.modified_residue_label_comp_id 
_pdbx_modification_feature.modified_residue_label_asym_id 
_pdbx_modification_feature.modified_residue_label_seq_id 
_pdbx_modification_feature.modified_residue_label_alt_id 
_pdbx_modification_feature.auth_comp_id 
_pdbx_modification_feature.auth_asym_id 
_pdbx_modification_feature.auth_seq_id 
_pdbx_modification_feature.PDB_ins_code 
_pdbx_modification_feature.symmetry 
_pdbx_modification_feature.modified_residue_auth_comp_id 
_pdbx_modification_feature.modified_residue_auth_asym_id 
_pdbx_modification_feature.modified_residue_auth_seq_id 
_pdbx_modification_feature.modified_residue_PDB_ins_code 
_pdbx_modification_feature.modified_residue_symmetry 
_pdbx_modification_feature.comp_id_linking_atom 
_pdbx_modification_feature.modified_residue_id_linking_atom 
_pdbx_modification_feature.modified_residue_id 
_pdbx_modification_feature.ref_pcm_id 
_pdbx_modification_feature.ref_comp_id 
_pdbx_modification_feature.type 
_pdbx_modification_feature.category 
1 CYS A 6  ? CYS A 84 ? CYS A 1  ? 1_555 CYS A 79 ? 1_555 SG SG . . . None 'Disulfide bridge' 
2 CYS A 27 ? CYS A 67 ? CYS A 22 ? 1_555 CYS A 62 ? 1_555 SG SG . . . None 'Disulfide bridge' 
3 CYS A 55 ? CYS A 79 ? CYS A 50 ? 1_555 CYS A 74 ? 1_555 SG SG . . . None 'Disulfide bridge' 
# 
_struct_mon_prot_cis.pdbx_id                1 
_struct_mon_prot_cis.label_comp_id          SER 
_struct_mon_prot_cis.label_seq_id           34 
_struct_mon_prot_cis.label_asym_id          A 
_struct_mon_prot_cis.label_alt_id           . 
_struct_mon_prot_cis.pdbx_PDB_ins_code      ? 
_struct_mon_prot_cis.auth_comp_id           SER 
_struct_mon_prot_cis.auth_seq_id            29 
_struct_mon_prot_cis.auth_asym_id           A 
_struct_mon_prot_cis.pdbx_label_comp_id_2   PRO 
_struct_mon_prot_cis.pdbx_label_seq_id_2    35 
_struct_mon_prot_cis.pdbx_label_asym_id_2   A 
_struct_mon_prot_cis.pdbx_PDB_ins_code_2    ? 
_struct_mon_prot_cis.pdbx_auth_comp_id_2    PRO 
_struct_mon_prot_cis.pdbx_auth_seq_id_2     30 
_struct_mon_prot_cis.pdbx_auth_asym_id_2    A 
_struct_mon_prot_cis.pdbx_PDB_model_num     1 
_struct_mon_prot_cis.pdbx_omega_angle       3.33 
# 
_struct_sheet.id               AA1 
_struct_sheet.type             ? 
_struct_sheet.number_strands   2 
_struct_sheet.details          ? 
# 
_struct_sheet_order.sheet_id     AA1 
_struct_sheet_order.range_id_1   1 
_struct_sheet_order.range_id_2   2 
_struct_sheet_order.offset       ? 
_struct_sheet_order.sense        anti-parallel 
# 
loop_
_struct_sheet_range.sheet_id 
_struct_sheet_range.id 
_struct_sheet_range.beg_label_comp_id 
_struct_sheet_range.beg_label_asym_id 
_struct_sheet_range.beg_label_seq_id 
_struct_sheet_range.pdbx_beg_PDB_ins_code 
_struct_sheet_range.end_label_comp_id 
_struct_sheet_range.end_label_asym_id 
_struct_sheet_range.end_label_seq_id 
_struct_sheet_range.pdbx_end_PDB_ins_code 
_struct_sheet_range.beg_auth_comp_id 
_struct_sheet_range.beg_auth_asym_id 
_struct_sheet_range.beg_auth_seq_id 
_struct_sheet_range.end_auth_comp_id 
_struct_sheet_range.end_auth_asym_id 
_struct_sheet_range.end_auth_seq_id 
AA1 1 TRP A 66 ? PHE A 68 ? TRP A 61 PHE A 63 
AA1 2 TRP A 76 ? TYR A 78 ? TRP A 71 TYR A 73 
# 
_pdbx_struct_sheet_hbond.sheet_id                AA1 
_pdbx_struct_sheet_hbond.range_id_1              1 
_pdbx_struct_sheet_hbond.range_id_2              2 
_pdbx_struct_sheet_hbond.range_1_label_atom_id   N 
_pdbx_struct_sheet_hbond.range_1_label_comp_id   CYS 
_pdbx_struct_sheet_hbond.range_1_label_asym_id   A 
_pdbx_struct_sheet_hbond.range_1_label_seq_id    67 
_pdbx_struct_sheet_hbond.range_1_PDB_ins_code    ? 
_pdbx_struct_sheet_hbond.range_1_auth_atom_id    N 
_pdbx_struct_sheet_hbond.range_1_auth_comp_id    CYS 
_pdbx_struct_sheet_hbond.range_1_auth_asym_id    A 
_pdbx_struct_sheet_hbond.range_1_auth_seq_id     62 
_pdbx_struct_sheet_hbond.range_2_label_atom_id   O 
_pdbx_struct_sheet_hbond.range_2_label_comp_id   GLU 
_pdbx_struct_sheet_hbond.range_2_label_asym_id   A 
_pdbx_struct_sheet_hbond.range_2_label_seq_id    77 
_pdbx_struct_sheet_hbond.range_2_PDB_ins_code    ? 
_pdbx_struct_sheet_hbond.range_2_auth_atom_id    O 
_pdbx_struct_sheet_hbond.range_2_auth_comp_id    GLU 
_pdbx_struct_sheet_hbond.range_2_auth_asym_id    A 
_pdbx_struct_sheet_hbond.range_2_auth_seq_id     72 
# 
_struct_site.id                   AC1 
_struct_site.pdbx_evidence_code   Software 
_struct_site.pdbx_auth_asym_id    A 
_struct_site.pdbx_auth_comp_id    ACA 
_struct_site.pdbx_auth_seq_id     101 
_struct_site.pdbx_auth_ins_code   ? 
_struct_site.pdbx_num_residues    8 
_struct_site.details              'binding site for residue ACA A 101' 
# 
loop_
_struct_site_gen.id 
_struct_site_gen.site_id 
_struct_site_gen.pdbx_num_res 
_struct_site_gen.label_comp_id 
_struct_site_gen.label_asym_id 
_struct_site_gen.label_seq_id 
_struct_site_gen.pdbx_auth_ins_code 
_struct_site_gen.auth_comp_id 
_struct_site_gen.auth_asym_id 
_struct_site_gen.auth_seq_id 
_struct_site_gen.label_atom_id 
_struct_site_gen.label_alt_id 
_struct_site_gen.symmetry 
_struct_site_gen.details 
1 AC1 8 ASP A 59 ? ASP A 54  . ? 1_555 ? 
2 AC1 8 ASP A 61 ? ASP A 56  . ? 1_555 ? 
3 AC1 8 TRP A 66 ? TRP A 61  . ? 1_555 ? 
4 AC1 8 PHE A 68 ? PHE A 63  . ? 1_555 ? 
5 AC1 8 ARG A 75 ? ARG A 70  . ? 1_555 ? 
6 AC1 8 TRP A 76 ? TRP A 71  . ? 1_555 ? 
7 AC1 8 HOH C .  ? HOH A 212 . ? 1_555 ? 
8 AC1 8 HOH C .  ? HOH A 214 . ? 1_555 ? 
# 
_pdbx_entry_details.entry_id                   6DCM 
_pdbx_entry_details.compound_details           ? 
_pdbx_entry_details.source_details             ? 
_pdbx_entry_details.nonpolymer_details         ? 
_pdbx_entry_details.sequence_details           ? 
_pdbx_entry_details.has_ligand_of_interest     ? 
_pdbx_entry_details.has_protein_modification   Y 
# 
_pdbx_validate_torsion.id              1 
_pdbx_validate_torsion.PDB_model_num   1 
_pdbx_validate_torsion.auth_comp_id    LYS 
_pdbx_validate_torsion.auth_asym_id    A 
_pdbx_validate_torsion.auth_seq_id     47 
_pdbx_validate_torsion.PDB_ins_code    ? 
_pdbx_validate_torsion.label_alt_id    ? 
_pdbx_validate_torsion.phi             49.88 
_pdbx_validate_torsion.psi             -130.60 
# 
loop_
_chem_comp_atom.comp_id 
_chem_comp_atom.atom_id 
_chem_comp_atom.type_symbol 
_chem_comp_atom.pdbx_aromatic_flag 
_chem_comp_atom.pdbx_stereo_config 
_chem_comp_atom.pdbx_ordinal 
ACA C    C N N 1   
ACA O    O N N 2   
ACA OXT  O N N 3   
ACA C2   C N N 4   
ACA C3   C N N 5   
ACA C4   C N N 6   
ACA C5   C N N 7   
ACA C6   C N N 8   
ACA N    N N N 9   
ACA HXT  H N N 10  
ACA H21  H N N 11  
ACA H22  H N N 12  
ACA H31  H N N 13  
ACA H32  H N N 14  
ACA H41  H N N 15  
ACA H42  H N N 16  
ACA H51  H N N 17  
ACA H52  H N N 18  
ACA H61  H N N 19  
ACA H62  H N N 20  
ACA H    H N N 21  
ACA H2   H N N 22  
ALA N    N N N 23  
ALA CA   C N S 24  
ALA C    C N N 25  
ALA O    O N N 26  
ALA CB   C N N 27  
ALA OXT  O N N 28  
ALA H    H N N 29  
ALA H2   H N N 30  
ALA HA   H N N 31  
ALA HB1  H N N 32  
ALA HB2  H N N 33  
ALA HB3  H N N 34  
ALA HXT  H N N 35  
ARG N    N N N 36  
ARG CA   C N S 37  
ARG C    C N N 38  
ARG O    O N N 39  
ARG CB   C N N 40  
ARG CG   C N N 41  
ARG CD   C N N 42  
ARG NE   N N N 43  
ARG CZ   C N N 44  
ARG NH1  N N N 45  
ARG NH2  N N N 46  
ARG OXT  O N N 47  
ARG H    H N N 48  
ARG H2   H N N 49  
ARG HA   H N N 50  
ARG HB2  H N N 51  
ARG HB3  H N N 52  
ARG HG2  H N N 53  
ARG HG3  H N N 54  
ARG HD2  H N N 55  
ARG HD3  H N N 56  
ARG HE   H N N 57  
ARG HH11 H N N 58  
ARG HH12 H N N 59  
ARG HH21 H N N 60  
ARG HH22 H N N 61  
ARG HXT  H N N 62  
ASN N    N N N 63  
ASN CA   C N S 64  
ASN C    C N N 65  
ASN O    O N N 66  
ASN CB   C N N 67  
ASN CG   C N N 68  
ASN OD1  O N N 69  
ASN ND2  N N N 70  
ASN OXT  O N N 71  
ASN H    H N N 72  
ASN H2   H N N 73  
ASN HA   H N N 74  
ASN HB2  H N N 75  
ASN HB3  H N N 76  
ASN HD21 H N N 77  
ASN HD22 H N N 78  
ASN HXT  H N N 79  
ASP N    N N N 80  
ASP CA   C N S 81  
ASP C    C N N 82  
ASP O    O N N 83  
ASP CB   C N N 84  
ASP CG   C N N 85  
ASP OD1  O N N 86  
ASP OD2  O N N 87  
ASP OXT  O N N 88  
ASP H    H N N 89  
ASP H2   H N N 90  
ASP HA   H N N 91  
ASP HB2  H N N 92  
ASP HB3  H N N 93  
ASP HD2  H N N 94  
ASP HXT  H N N 95  
CYS N    N N N 96  
CYS CA   C N R 97  
CYS C    C N N 98  
CYS O    O N N 99  
CYS CB   C N N 100 
CYS SG   S N N 101 
CYS OXT  O N N 102 
CYS H    H N N 103 
CYS H2   H N N 104 
CYS HA   H N N 105 
CYS HB2  H N N 106 
CYS HB3  H N N 107 
CYS HG   H N N 108 
CYS HXT  H N N 109 
GLN N    N N N 110 
GLN CA   C N S 111 
GLN C    C N N 112 
GLN O    O N N 113 
GLN CB   C N N 114 
GLN CG   C N N 115 
GLN CD   C N N 116 
GLN OE1  O N N 117 
GLN NE2  N N N 118 
GLN OXT  O N N 119 
GLN H    H N N 120 
GLN H2   H N N 121 
GLN HA   H N N 122 
GLN HB2  H N N 123 
GLN HB3  H N N 124 
GLN HG2  H N N 125 
GLN HG3  H N N 126 
GLN HE21 H N N 127 
GLN HE22 H N N 128 
GLN HXT  H N N 129 
GLU N    N N N 130 
GLU CA   C N S 131 
GLU C    C N N 132 
GLU O    O N N 133 
GLU CB   C N N 134 
GLU CG   C N N 135 
GLU CD   C N N 136 
GLU OE1  O N N 137 
GLU OE2  O N N 138 
GLU OXT  O N N 139 
GLU H    H N N 140 
GLU H2   H N N 141 
GLU HA   H N N 142 
GLU HB2  H N N 143 
GLU HB3  H N N 144 
GLU HG2  H N N 145 
GLU HG3  H N N 146 
GLU HE2  H N N 147 
GLU HXT  H N N 148 
GLY N    N N N 149 
GLY CA   C N N 150 
GLY C    C N N 151 
GLY O    O N N 152 
GLY OXT  O N N 153 
GLY H    H N N 154 
GLY H2   H N N 155 
GLY HA2  H N N 156 
GLY HA3  H N N 157 
GLY HXT  H N N 158 
HIS N    N N N 159 
HIS CA   C N S 160 
HIS C    C N N 161 
HIS O    O N N 162 
HIS CB   C N N 163 
HIS CG   C Y N 164 
HIS ND1  N Y N 165 
HIS CD2  C Y N 166 
HIS CE1  C Y N 167 
HIS NE2  N Y N 168 
HIS OXT  O N N 169 
HIS H    H N N 170 
HIS H2   H N N 171 
HIS HA   H N N 172 
HIS HB2  H N N 173 
HIS HB3  H N N 174 
HIS HD1  H N N 175 
HIS HD2  H N N 176 
HIS HE1  H N N 177 
HIS HE2  H N N 178 
HIS HXT  H N N 179 
HOH O    O N N 180 
HOH H1   H N N 181 
HOH H2   H N N 182 
ILE N    N N N 183 
ILE CA   C N S 184 
ILE C    C N N 185 
ILE O    O N N 186 
ILE CB   C N S 187 
ILE CG1  C N N 188 
ILE CG2  C N N 189 
ILE CD1  C N N 190 
ILE OXT  O N N 191 
ILE H    H N N 192 
ILE H2   H N N 193 
ILE HA   H N N 194 
ILE HB   H N N 195 
ILE HG12 H N N 196 
ILE HG13 H N N 197 
ILE HG21 H N N 198 
ILE HG22 H N N 199 
ILE HG23 H N N 200 
ILE HD11 H N N 201 
ILE HD12 H N N 202 
ILE HD13 H N N 203 
ILE HXT  H N N 204 
LEU N    N N N 205 
LEU CA   C N S 206 
LEU C    C N N 207 
LEU O    O N N 208 
LEU CB   C N N 209 
LEU CG   C N N 210 
LEU CD1  C N N 211 
LEU CD2  C N N 212 
LEU OXT  O N N 213 
LEU H    H N N 214 
LEU H2   H N N 215 
LEU HA   H N N 216 
LEU HB2  H N N 217 
LEU HB3  H N N 218 
LEU HG   H N N 219 
LEU HD11 H N N 220 
LEU HD12 H N N 221 
LEU HD13 H N N 222 
LEU HD21 H N N 223 
LEU HD22 H N N 224 
LEU HD23 H N N 225 
LEU HXT  H N N 226 
LYS N    N N N 227 
LYS CA   C N S 228 
LYS C    C N N 229 
LYS O    O N N 230 
LYS CB   C N N 231 
LYS CG   C N N 232 
LYS CD   C N N 233 
LYS CE   C N N 234 
LYS NZ   N N N 235 
LYS OXT  O N N 236 
LYS H    H N N 237 
LYS H2   H N N 238 
LYS HA   H N N 239 
LYS HB2  H N N 240 
LYS HB3  H N N 241 
LYS HG2  H N N 242 
LYS HG3  H N N 243 
LYS HD2  H N N 244 
LYS HD3  H N N 245 
LYS HE2  H N N 246 
LYS HE3  H N N 247 
LYS HZ1  H N N 248 
LYS HZ2  H N N 249 
LYS HZ3  H N N 250 
LYS HXT  H N N 251 
MET N    N N N 252 
MET CA   C N S 253 
MET C    C N N 254 
MET O    O N N 255 
MET CB   C N N 256 
MET CG   C N N 257 
MET SD   S N N 258 
MET CE   C N N 259 
MET OXT  O N N 260 
MET H    H N N 261 
MET H2   H N N 262 
MET HA   H N N 263 
MET HB2  H N N 264 
MET HB3  H N N 265 
MET HG2  H N N 266 
MET HG3  H N N 267 
MET HE1  H N N 268 
MET HE2  H N N 269 
MET HE3  H N N 270 
MET HXT  H N N 271 
PHE N    N N N 272 
PHE CA   C N S 273 
PHE C    C N N 274 
PHE O    O N N 275 
PHE CB   C N N 276 
PHE CG   C Y N 277 
PHE CD1  C Y N 278 
PHE CD2  C Y N 279 
PHE CE1  C Y N 280 
PHE CE2  C Y N 281 
PHE CZ   C Y N 282 
PHE OXT  O N N 283 
PHE H    H N N 284 
PHE H2   H N N 285 
PHE HA   H N N 286 
PHE HB2  H N N 287 
PHE HB3  H N N 288 
PHE HD1  H N N 289 
PHE HD2  H N N 290 
PHE HE1  H N N 291 
PHE HE2  H N N 292 
PHE HZ   H N N 293 
PHE HXT  H N N 294 
PRO N    N N N 295 
PRO CA   C N S 296 
PRO C    C N N 297 
PRO O    O N N 298 
PRO CB   C N N 299 
PRO CG   C N N 300 
PRO CD   C N N 301 
PRO OXT  O N N 302 
PRO H    H N N 303 
PRO HA   H N N 304 
PRO HB2  H N N 305 
PRO HB3  H N N 306 
PRO HG2  H N N 307 
PRO HG3  H N N 308 
PRO HD2  H N N 309 
PRO HD3  H N N 310 
PRO HXT  H N N 311 
SER N    N N N 312 
SER CA   C N S 313 
SER C    C N N 314 
SER O    O N N 315 
SER CB   C N N 316 
SER OG   O N N 317 
SER OXT  O N N 318 
SER H    H N N 319 
SER H2   H N N 320 
SER HA   H N N 321 
SER HB2  H N N 322 
SER HB3  H N N 323 
SER HG   H N N 324 
SER HXT  H N N 325 
THR N    N N N 326 
THR CA   C N S 327 
THR C    C N N 328 
THR O    O N N 329 
THR CB   C N R 330 
THR OG1  O N N 331 
THR CG2  C N N 332 
THR OXT  O N N 333 
THR H    H N N 334 
THR H2   H N N 335 
THR HA   H N N 336 
THR HB   H N N 337 
THR HG1  H N N 338 
THR HG21 H N N 339 
THR HG22 H N N 340 
THR HG23 H N N 341 
THR HXT  H N N 342 
TRP N    N N N 343 
TRP CA   C N S 344 
TRP C    C N N 345 
TRP O    O N N 346 
TRP CB   C N N 347 
TRP CG   C Y N 348 
TRP CD1  C Y N 349 
TRP CD2  C Y N 350 
TRP NE1  N Y N 351 
TRP CE2  C Y N 352 
TRP CE3  C Y N 353 
TRP CZ2  C Y N 354 
TRP CZ3  C Y N 355 
TRP CH2  C Y N 356 
TRP OXT  O N N 357 
TRP H    H N N 358 
TRP H2   H N N 359 
TRP HA   H N N 360 
TRP HB2  H N N 361 
TRP HB3  H N N 362 
TRP HD1  H N N 363 
TRP HE1  H N N 364 
TRP HE3  H N N 365 
TRP HZ2  H N N 366 
TRP HZ3  H N N 367 
TRP HH2  H N N 368 
TRP HXT  H N N 369 
TYR N    N N N 370 
TYR CA   C N S 371 
TYR C    C N N 372 
TYR O    O N N 373 
TYR CB   C N N 374 
TYR CG   C Y N 375 
TYR CD1  C Y N 376 
TYR CD2  C Y N 377 
TYR CE1  C Y N 378 
TYR CE2  C Y N 379 
TYR CZ   C Y N 380 
TYR OH   O N N 381 
TYR OXT  O N N 382 
TYR H    H N N 383 
TYR H2   H N N 384 
TYR HA   H N N 385 
TYR HB2  H N N 386 
TYR HB3  H N N 387 
TYR HD1  H N N 388 
TYR HD2  H N N 389 
TYR HE1  H N N 390 
TYR HE2  H N N 391 
TYR HH   H N N 392 
TYR HXT  H N N 393 
# 
loop_
_chem_comp_bond.comp_id 
_chem_comp_bond.atom_id_1 
_chem_comp_bond.atom_id_2 
_chem_comp_bond.value_order 
_chem_comp_bond.pdbx_aromatic_flag 
_chem_comp_bond.pdbx_stereo_config 
_chem_comp_bond.pdbx_ordinal 
ACA C   O    doub N N 1   
ACA C   OXT  sing N N 2   
ACA C   C2   sing N N 3   
ACA OXT HXT  sing N N 4   
ACA C2  C3   sing N N 5   
ACA C2  H21  sing N N 6   
ACA C2  H22  sing N N 7   
ACA C3  C4   sing N N 8   
ACA C3  H31  sing N N 9   
ACA C3  H32  sing N N 10  
ACA C4  C5   sing N N 11  
ACA C4  H41  sing N N 12  
ACA C4  H42  sing N N 13  
ACA C5  C6   sing N N 14  
ACA C5  H51  sing N N 15  
ACA C5  H52  sing N N 16  
ACA C6  N    sing N N 17  
ACA C6  H61  sing N N 18  
ACA C6  H62  sing N N 19  
ACA N   H    sing N N 20  
ACA N   H2   sing N N 21  
ALA N   CA   sing N N 22  
ALA N   H    sing N N 23  
ALA N   H2   sing N N 24  
ALA CA  C    sing N N 25  
ALA CA  CB   sing N N 26  
ALA CA  HA   sing N N 27  
ALA C   O    doub N N 28  
ALA C   OXT  sing N N 29  
ALA CB  HB1  sing N N 30  
ALA CB  HB2  sing N N 31  
ALA CB  HB3  sing N N 32  
ALA OXT HXT  sing N N 33  
ARG N   CA   sing N N 34  
ARG N   H    sing N N 35  
ARG N   H2   sing N N 36  
ARG CA  C    sing N N 37  
ARG CA  CB   sing N N 38  
ARG CA  HA   sing N N 39  
ARG C   O    doub N N 40  
ARG C   OXT  sing N N 41  
ARG CB  CG   sing N N 42  
ARG CB  HB2  sing N N 43  
ARG CB  HB3  sing N N 44  
ARG CG  CD   sing N N 45  
ARG CG  HG2  sing N N 46  
ARG CG  HG3  sing N N 47  
ARG CD  NE   sing N N 48  
ARG CD  HD2  sing N N 49  
ARG CD  HD3  sing N N 50  
ARG NE  CZ   sing N N 51  
ARG NE  HE   sing N N 52  
ARG CZ  NH1  sing N N 53  
ARG CZ  NH2  doub N N 54  
ARG NH1 HH11 sing N N 55  
ARG NH1 HH12 sing N N 56  
ARG NH2 HH21 sing N N 57  
ARG NH2 HH22 sing N N 58  
ARG OXT HXT  sing N N 59  
ASN N   CA   sing N N 60  
ASN N   H    sing N N 61  
ASN N   H2   sing N N 62  
ASN CA  C    sing N N 63  
ASN CA  CB   sing N N 64  
ASN CA  HA   sing N N 65  
ASN C   O    doub N N 66  
ASN C   OXT  sing N N 67  
ASN CB  CG   sing N N 68  
ASN CB  HB2  sing N N 69  
ASN CB  HB3  sing N N 70  
ASN CG  OD1  doub N N 71  
ASN CG  ND2  sing N N 72  
ASN ND2 HD21 sing N N 73  
ASN ND2 HD22 sing N N 74  
ASN OXT HXT  sing N N 75  
ASP N   CA   sing N N 76  
ASP N   H    sing N N 77  
ASP N   H2   sing N N 78  
ASP CA  C    sing N N 79  
ASP CA  CB   sing N N 80  
ASP CA  HA   sing N N 81  
ASP C   O    doub N N 82  
ASP C   OXT  sing N N 83  
ASP CB  CG   sing N N 84  
ASP CB  HB2  sing N N 85  
ASP CB  HB3  sing N N 86  
ASP CG  OD1  doub N N 87  
ASP CG  OD2  sing N N 88  
ASP OD2 HD2  sing N N 89  
ASP OXT HXT  sing N N 90  
CYS N   CA   sing N N 91  
CYS N   H    sing N N 92  
CYS N   H2   sing N N 93  
CYS CA  C    sing N N 94  
CYS CA  CB   sing N N 95  
CYS CA  HA   sing N N 96  
CYS C   O    doub N N 97  
CYS C   OXT  sing N N 98  
CYS CB  SG   sing N N 99  
CYS CB  HB2  sing N N 100 
CYS CB  HB3  sing N N 101 
CYS SG  HG   sing N N 102 
CYS OXT HXT  sing N N 103 
GLN N   CA   sing N N 104 
GLN N   H    sing N N 105 
GLN N   H2   sing N N 106 
GLN CA  C    sing N N 107 
GLN CA  CB   sing N N 108 
GLN CA  HA   sing N N 109 
GLN C   O    doub N N 110 
GLN C   OXT  sing N N 111 
GLN CB  CG   sing N N 112 
GLN CB  HB2  sing N N 113 
GLN CB  HB3  sing N N 114 
GLN CG  CD   sing N N 115 
GLN CG  HG2  sing N N 116 
GLN CG  HG3  sing N N 117 
GLN CD  OE1  doub N N 118 
GLN CD  NE2  sing N N 119 
GLN NE2 HE21 sing N N 120 
GLN NE2 HE22 sing N N 121 
GLN OXT HXT  sing N N 122 
GLU N   CA   sing N N 123 
GLU N   H    sing N N 124 
GLU N   H2   sing N N 125 
GLU CA  C    sing N N 126 
GLU CA  CB   sing N N 127 
GLU CA  HA   sing N N 128 
GLU C   O    doub N N 129 
GLU C   OXT  sing N N 130 
GLU CB  CG   sing N N 131 
GLU CB  HB2  sing N N 132 
GLU CB  HB3  sing N N 133 
GLU CG  CD   sing N N 134 
GLU CG  HG2  sing N N 135 
GLU CG  HG3  sing N N 136 
GLU CD  OE1  doub N N 137 
GLU CD  OE2  sing N N 138 
GLU OE2 HE2  sing N N 139 
GLU OXT HXT  sing N N 140 
GLY N   CA   sing N N 141 
GLY N   H    sing N N 142 
GLY N   H2   sing N N 143 
GLY CA  C    sing N N 144 
GLY CA  HA2  sing N N 145 
GLY CA  HA3  sing N N 146 
GLY C   O    doub N N 147 
GLY C   OXT  sing N N 148 
GLY OXT HXT  sing N N 149 
HIS N   CA   sing N N 150 
HIS N   H    sing N N 151 
HIS N   H2   sing N N 152 
HIS CA  C    sing N N 153 
HIS CA  CB   sing N N 154 
HIS CA  HA   sing N N 155 
HIS C   O    doub N N 156 
HIS C   OXT  sing N N 157 
HIS CB  CG   sing N N 158 
HIS CB  HB2  sing N N 159 
HIS CB  HB3  sing N N 160 
HIS CG  ND1  sing Y N 161 
HIS CG  CD2  doub Y N 162 
HIS ND1 CE1  doub Y N 163 
HIS ND1 HD1  sing N N 164 
HIS CD2 NE2  sing Y N 165 
HIS CD2 HD2  sing N N 166 
HIS CE1 NE2  sing Y N 167 
HIS CE1 HE1  sing N N 168 
HIS NE2 HE2  sing N N 169 
HIS OXT HXT  sing N N 170 
HOH O   H1   sing N N 171 
HOH O   H2   sing N N 172 
ILE N   CA   sing N N 173 
ILE N   H    sing N N 174 
ILE N   H2   sing N N 175 
ILE CA  C    sing N N 176 
ILE CA  CB   sing N N 177 
ILE CA  HA   sing N N 178 
ILE C   O    doub N N 179 
ILE C   OXT  sing N N 180 
ILE CB  CG1  sing N N 181 
ILE CB  CG2  sing N N 182 
ILE CB  HB   sing N N 183 
ILE CG1 CD1  sing N N 184 
ILE CG1 HG12 sing N N 185 
ILE CG1 HG13 sing N N 186 
ILE CG2 HG21 sing N N 187 
ILE CG2 HG22 sing N N 188 
ILE CG2 HG23 sing N N 189 
ILE CD1 HD11 sing N N 190 
ILE CD1 HD12 sing N N 191 
ILE CD1 HD13 sing N N 192 
ILE OXT HXT  sing N N 193 
LEU N   CA   sing N N 194 
LEU N   H    sing N N 195 
LEU N   H2   sing N N 196 
LEU CA  C    sing N N 197 
LEU CA  CB   sing N N 198 
LEU CA  HA   sing N N 199 
LEU C   O    doub N N 200 
LEU C   OXT  sing N N 201 
LEU CB  CG   sing N N 202 
LEU CB  HB2  sing N N 203 
LEU CB  HB3  sing N N 204 
LEU CG  CD1  sing N N 205 
LEU CG  CD2  sing N N 206 
LEU CG  HG   sing N N 207 
LEU CD1 HD11 sing N N 208 
LEU CD1 HD12 sing N N 209 
LEU CD1 HD13 sing N N 210 
LEU CD2 HD21 sing N N 211 
LEU CD2 HD22 sing N N 212 
LEU CD2 HD23 sing N N 213 
LEU OXT HXT  sing N N 214 
LYS N   CA   sing N N 215 
LYS N   H    sing N N 216 
LYS N   H2   sing N N 217 
LYS CA  C    sing N N 218 
LYS CA  CB   sing N N 219 
LYS CA  HA   sing N N 220 
LYS C   O    doub N N 221 
LYS C   OXT  sing N N 222 
LYS CB  CG   sing N N 223 
LYS CB  HB2  sing N N 224 
LYS CB  HB3  sing N N 225 
LYS CG  CD   sing N N 226 
LYS CG  HG2  sing N N 227 
LYS CG  HG3  sing N N 228 
LYS CD  CE   sing N N 229 
LYS CD  HD2  sing N N 230 
LYS CD  HD3  sing N N 231 
LYS CE  NZ   sing N N 232 
LYS CE  HE2  sing N N 233 
LYS CE  HE3  sing N N 234 
LYS NZ  HZ1  sing N N 235 
LYS NZ  HZ2  sing N N 236 
LYS NZ  HZ3  sing N N 237 
LYS OXT HXT  sing N N 238 
MET N   CA   sing N N 239 
MET N   H    sing N N 240 
MET N   H2   sing N N 241 
MET CA  C    sing N N 242 
MET CA  CB   sing N N 243 
MET CA  HA   sing N N 244 
MET C   O    doub N N 245 
MET C   OXT  sing N N 246 
MET CB  CG   sing N N 247 
MET CB  HB2  sing N N 248 
MET CB  HB3  sing N N 249 
MET CG  SD   sing N N 250 
MET CG  HG2  sing N N 251 
MET CG  HG3  sing N N 252 
MET SD  CE   sing N N 253 
MET CE  HE1  sing N N 254 
MET CE  HE2  sing N N 255 
MET CE  HE3  sing N N 256 
MET OXT HXT  sing N N 257 
PHE N   CA   sing N N 258 
PHE N   H    sing N N 259 
PHE N   H2   sing N N 260 
PHE CA  C    sing N N 261 
PHE CA  CB   sing N N 262 
PHE CA  HA   sing N N 263 
PHE C   O    doub N N 264 
PHE C   OXT  sing N N 265 
PHE CB  CG   sing N N 266 
PHE CB  HB2  sing N N 267 
PHE CB  HB3  sing N N 268 
PHE CG  CD1  doub Y N 269 
PHE CG  CD2  sing Y N 270 
PHE CD1 CE1  sing Y N 271 
PHE CD1 HD1  sing N N 272 
PHE CD2 CE2  doub Y N 273 
PHE CD2 HD2  sing N N 274 
PHE CE1 CZ   doub Y N 275 
PHE CE1 HE1  sing N N 276 
PHE CE2 CZ   sing Y N 277 
PHE CE2 HE2  sing N N 278 
PHE CZ  HZ   sing N N 279 
PHE OXT HXT  sing N N 280 
PRO N   CA   sing N N 281 
PRO N   CD   sing N N 282 
PRO N   H    sing N N 283 
PRO CA  C    sing N N 284 
PRO CA  CB   sing N N 285 
PRO CA  HA   sing N N 286 
PRO C   O    doub N N 287 
PRO C   OXT  sing N N 288 
PRO CB  CG   sing N N 289 
PRO CB  HB2  sing N N 290 
PRO CB  HB3  sing N N 291 
PRO CG  CD   sing N N 292 
PRO CG  HG2  sing N N 293 
PRO CG  HG3  sing N N 294 
PRO CD  HD2  sing N N 295 
PRO CD  HD3  sing N N 296 
PRO OXT HXT  sing N N 297 
SER N   CA   sing N N 298 
SER N   H    sing N N 299 
SER N   H2   sing N N 300 
SER CA  C    sing N N 301 
SER CA  CB   sing N N 302 
SER CA  HA   sing N N 303 
SER C   O    doub N N 304 
SER C   OXT  sing N N 305 
SER CB  OG   sing N N 306 
SER CB  HB2  sing N N 307 
SER CB  HB3  sing N N 308 
SER OG  HG   sing N N 309 
SER OXT HXT  sing N N 310 
THR N   CA   sing N N 311 
THR N   H    sing N N 312 
THR N   H2   sing N N 313 
THR CA  C    sing N N 314 
THR CA  CB   sing N N 315 
THR CA  HA   sing N N 316 
THR C   O    doub N N 317 
THR C   OXT  sing N N 318 
THR CB  OG1  sing N N 319 
THR CB  CG2  sing N N 320 
THR CB  HB   sing N N 321 
THR OG1 HG1  sing N N 322 
THR CG2 HG21 sing N N 323 
THR CG2 HG22 sing N N 324 
THR CG2 HG23 sing N N 325 
THR OXT HXT  sing N N 326 
TRP N   CA   sing N N 327 
TRP N   H    sing N N 328 
TRP N   H2   sing N N 329 
TRP CA  C    sing N N 330 
TRP CA  CB   sing N N 331 
TRP CA  HA   sing N N 332 
TRP C   O    doub N N 333 
TRP C   OXT  sing N N 334 
TRP CB  CG   sing N N 335 
TRP CB  HB2  sing N N 336 
TRP CB  HB3  sing N N 337 
TRP CG  CD1  doub Y N 338 
TRP CG  CD2  sing Y N 339 
TRP CD1 NE1  sing Y N 340 
TRP CD1 HD1  sing N N 341 
TRP CD2 CE2  doub Y N 342 
TRP CD2 CE3  sing Y N 343 
TRP NE1 CE2  sing Y N 344 
TRP NE1 HE1  sing N N 345 
TRP CE2 CZ2  sing Y N 346 
TRP CE3 CZ3  doub Y N 347 
TRP CE3 HE3  sing N N 348 
TRP CZ2 CH2  doub Y N 349 
TRP CZ2 HZ2  sing N N 350 
TRP CZ3 CH2  sing Y N 351 
TRP CZ3 HZ3  sing N N 352 
TRP CH2 HH2  sing N N 353 
TRP OXT HXT  sing N N 354 
TYR N   CA   sing N N 355 
TYR N   H    sing N N 356 
TYR N   H2   sing N N 357 
TYR CA  C    sing N N 358 
TYR CA  CB   sing N N 359 
TYR CA  HA   sing N N 360 
TYR C   O    doub N N 361 
TYR C   OXT  sing N N 362 
TYR CB  CG   sing N N 363 
TYR CB  HB2  sing N N 364 
TYR CB  HB3  sing N N 365 
TYR CG  CD1  doub Y N 366 
TYR CG  CD2  sing Y N 367 
TYR CD1 CE1  sing Y N 368 
TYR CD1 HD1  sing N N 369 
TYR CD2 CE2  doub Y N 370 
TYR CD2 HD2  sing N N 371 
TYR CE1 CZ   doub Y N 372 
TYR CE1 HE1  sing N N 373 
TYR CE2 CZ   sing Y N 374 
TYR CE2 HE2  sing N N 375 
TYR CZ  OH   sing N N 376 
TYR OH  HH   sing N N 377 
TYR OXT HXT  sing N N 378 
# 
_pdbx_initial_refinement_model.id               1 
_pdbx_initial_refinement_model.entity_id_list   ? 
_pdbx_initial_refinement_model.type             'experimental model' 
_pdbx_initial_refinement_model.source_name      PDB 
_pdbx_initial_refinement_model.accession_code   1I5K 
_pdbx_initial_refinement_model.details          ? 
# 
_atom_sites.entry_id                    6DCM 
_atom_sites.fract_transf_matrix[1][1]   0.00983833 
_atom_sites.fract_transf_matrix[1][2]   -0.02531514 
_atom_sites.fract_transf_matrix[1][3]   0.02143966 
_atom_sites.fract_transf_matrix[2][1]   0.01330344 
_atom_sites.fract_transf_matrix[2][2]   0.01694261 
_atom_sites.fract_transf_matrix[2][3]   0.01390044 
_atom_sites.fract_transf_matrix[3][1]   -0.02237387 
_atom_sites.fract_transf_matrix[3][2]   -0.00332411 
_atom_sites.fract_transf_matrix[3][3]   0.02546456 
_atom_sites.fract_transf_vector[1]      -0.291595 
_atom_sites.fract_transf_vector[2]      -0.013093 
_atom_sites.fract_transf_vector[3]      -0.038714 
# 
loop_
_atom_type.symbol 
C 
N 
O 
S 
# 
loop_
_atom_site.group_PDB 
_atom_site.id 
_atom_site.type_symbol 
_atom_site.label_atom_id 
_atom_site.label_alt_id 
_atom_site.label_comp_id 
_atom_site.label_asym_id 
_atom_site.label_entity_id 
_atom_site.label_seq_id 
_atom_site.pdbx_PDB_ins_code 
_atom_site.Cartn_x 
_atom_site.Cartn_y 
_atom_site.Cartn_z 
_atom_site.occupancy 
_atom_site.B_iso_or_equiv 
_atom_site.pdbx_formal_charge 
_atom_site.auth_seq_id 
_atom_site.auth_comp_id 
_atom_site.auth_asym_id 
_atom_site.auth_atom_id 
_atom_site.pdbx_PDB_model_num 
ATOM   1   N N   . GLU A 1 1  ? 2.809   20.755  -9.900  1.00 26.54 ?  -4  GLU A N   1 
ATOM   2   C CA  . GLU A 1 1  ? 3.148   19.476  -10.509 1.00 26.16 ?  -4  GLU A CA  1 
ATOM   3   C C   . GLU A 1 1  ? 2.357   18.346  -9.864  1.00 22.39 ?  -4  GLU A C   1 
ATOM   4   O O   . GLU A 1 1  ? 1.814   18.503  -8.770  1.00 22.34 ?  -4  GLU A O   1 
ATOM   5   C CB  . GLU A 1 1  ? 4.647   19.201  -10.380 1.00 29.63 ?  -4  GLU A CB  1 
ATOM   6   N N   . PHE A 1 2  ? 2.301   17.205  -10.546 1.00 19.01 ?  -3  PHE A N   1 
ATOM   7   C CA  . PHE A 1 2  ? 1.569   16.062  -10.021 1.00 15.78 ?  -3  PHE A CA  1 
ATOM   8   C C   . PHE A 1 2  ? 2.198   15.573  -8.719  1.00 13.79 ?  -3  PHE A C   1 
ATOM   9   O O   . PHE A 1 2  ? 3.421   15.445  -8.610  1.00 14.96 ?  -3  PHE A O   1 
ATOM   10  C CB  . PHE A 1 2  ? 1.539   14.937  -11.053 1.00 15.51 ?  -3  PHE A CB  1 
ATOM   11  C CG  . PHE A 1 2  ? 0.761   13.742  -10.606 1.00 14.84 ?  -3  PHE A CG  1 
ATOM   12  C CD1 . PHE A 1 2  ? -0.585  13.848  -10.296 1.00 15.21 ?  -3  PHE A CD1 1 
ATOM   13  C CD2 . PHE A 1 2  ? 1.377   12.511  -10.479 1.00 15.01 ?  -3  PHE A CD2 1 
ATOM   14  C CE1 . PHE A 1 2  ? -1.304  12.741  -9.872  1.00 15.26 ?  -3  PHE A CE1 1 
ATOM   15  C CE2 . PHE A 1 2  ? 0.664   11.400  -10.066 1.00 15.00 ?  -3  PHE A CE2 1 
ATOM   16  C CZ  . PHE A 1 2  ? -0.679  11.510  -9.765  1.00 15.02 ?  -3  PHE A CZ  1 
ATOM   17  N N   . SER A 1 3  ? 1.351   15.294  -7.730  0.91 11.49 ?  -2  SER A N   1 
ATOM   18  C CA  . SER A 1 3  ? 1.778   14.966  -6.377  0.91 10.40 ?  -2  SER A CA  1 
ATOM   19  C C   . SER A 1 3  ? 1.109   13.693  -5.885  0.91 8.74  ?  -2  SER A C   1 
ATOM   20  O O   . SER A 1 3  ? 0.764   13.563  -4.705  0.91 9.10  ?  -2  SER A O   1 
ATOM   21  C CB  . SER A 1 3  ? 1.525   16.125  -5.419  0.91 12.43 ?  -2  SER A CB  1 
ATOM   22  O OG  . SER A 1 3  ? 2.269   17.270  -5.791  0.91 14.76 ?  -2  SER A OG  1 
ATOM   23  N N   . GLU A 1 4  ? 0.897   12.741  -6.795  1.00 8.89  ?  -1  GLU A N   1 
ATOM   24  C CA  . GLU A 1 4  ? 0.471   11.388  -6.445  1.00 9.18  ?  -1  GLU A CA  1 
ATOM   25  C C   . GLU A 1 4  ? -0.889  11.366  -5.749  1.00 8.91  ?  -1  GLU A C   1 
ATOM   26  O O   . GLU A 1 4  ? -1.161  10.491  -4.921  1.00 9.52  ?  -1  GLU A O   1 
ATOM   27  C CB  . GLU A 1 4  ? 1.543   10.660  -5.636  1.00 10.07 ?  -1  GLU A CB  1 
ATOM   28  C CG  . GLU A 1 4  ? 2.841   10.435  -6.403  1.00 11.07 ?  -1  GLU A CG  1 
ATOM   29  C CD  . GLU A 1 4  ? 2.682   9.478   -7.577  1.00 11.32 ?  -1  GLU A CD  1 
ATOM   30  O OE1 . GLU A 1 4  ? 3.380   9.654   -8.600  1.00 13.22 ?  -1  GLU A OE1 1 
ATOM   31  O OE2 . GLU A 1 4  ? 1.864   8.534   -7.474  1.00 11.14 -1 -1  GLU A OE2 1 
ATOM   32  N N   . GLU A 1 5  ? -1.762  12.311  -6.106  1.00 8.92  ?  0   GLU A N   1 
ATOM   33  C CA  . GLU A 1 5  ? -3.084  12.394  -5.491  1.00 8.89  ?  0   GLU A CA  1 
ATOM   34  C C   . GLU A 1 5  ? -4.019  11.292  -5.965  1.00 9.14  ?  0   GLU A C   1 
ATOM   35  O O   . GLU A 1 5  ? -5.010  10.994  -5.285  1.00 10.01 ?  0   GLU A O   1 
ATOM   36  C CB  . GLU A 1 5  ? -3.717  13.747  -5.800  1.00 9.46  ?  0   GLU A CB  1 
ATOM   37  C CG  . GLU A 1 5  ? -2.937  14.939  -5.256  1.00 9.76  ?  0   GLU A CG  1 
ATOM   38  C CD  . GLU A 1 5  ? -2.046  15.600  -6.291  1.00 9.79  ?  0   GLU A CD  1 
ATOM   39  O OE1 . GLU A 1 5  ? -1.434  14.881  -7.118  1.00 10.14 ?  0   GLU A OE1 1 
ATOM   40  O OE2 . GLU A 1 5  ? -1.966  16.853  -6.262  1.00 10.20 -1 0   GLU A OE2 1 
ATOM   41  N N   . CYS A 1 6  ? -3.735  10.694  -7.118  1.00 9.30  ?  1   CYS A N   1 
ATOM   42  C CA  . CYS A 1 6  ? -4.555  9.634   -7.677  1.00 9.66  ?  1   CYS A CA  1 
ATOM   43  C C   . CYS A 1 6  ? -3.623  8.592   -8.278  1.00 9.43  ?  1   CYS A C   1 
ATOM   44  O O   . CYS A 1 6  ? -2.429  8.839   -8.488  1.00 10.11 ?  1   CYS A O   1 
ATOM   45  C CB  . CYS A 1 6  ? -5.553  10.167  -8.720  1.00 10.51 ?  1   CYS A CB  1 
ATOM   46  S SG  . CYS A 1 6  ? -4.794  11.007  -10.145 1.00 11.07 ?  1   CYS A SG  1 
ATOM   47  N N   . MET A 1 7  ? -4.179  7.419   -8.555  1.00 9.31  ?  2   MET A N   1 
ATOM   48  C CA  . MET A 1 7  ? -3.431  6.327   -9.158  1.00 9.90  ?  2   MET A CA  1 
ATOM   49  C C   . MET A 1 7  ? -3.934  6.067   -10.566 1.00 10.25 ?  2   MET A C   1 
ATOM   50  O O   . MET A 1 7  ? -5.125  6.198   -10.861 1.00 10.44 ?  2   MET A O   1 
ATOM   51  C CB  . MET A 1 7  ? -3.555  5.036   -8.342  1.00 9.76  ?  2   MET A CB  1 
ATOM   52  C CG  . MET A 1 7  ? -4.938  4.435   -8.328  1.00 10.29 ?  2   MET A CG  1 
ATOM   53  S SD  . MET A 1 7  ? -4.906  2.960   -7.312  1.00 10.61 ?  2   MET A SD  1 
ATOM   54  C CE  . MET A 1 7  ? -6.555  2.343   -7.554  1.00 11.73 ?  2   MET A CE  1 
ATOM   55  N N   . HIS A 1 8  ? -3.015  5.663   -11.430 1.00 11.57 ?  3   HIS A N   1 
ATOM   56  C CA  . HIS A 1 8  ? -3.376  5.237   -12.766 1.00 13.88 ?  3   HIS A CA  1 
ATOM   57  C C   . HIS A 1 8  ? -3.749  3.766   -12.742 1.00 13.02 ?  3   HIS A C   1 
ATOM   58  O O   . HIS A 1 8  ? -2.981  2.927   -12.255 1.00 12.19 ?  3   HIS A O   1 
ATOM   59  C CB  . HIS A 1 8  ? -2.245  5.511   -13.750 1.00 18.52 ?  3   HIS A CB  1 
ATOM   60  C CG  . HIS A 1 8  ? -2.368  6.841   -14.425 1.00 60.06 ?  3   HIS A CG  1 
ATOM   61  N ND1 . HIS A 1 8  ? -2.509  6.973   -15.789 1.00 53.78 ?  3   HIS A ND1 1 
ATOM   62  C CD2 . HIS A 1 8  ? -2.409  8.095   -13.917 1.00 28.34 ?  3   HIS A CD2 1 
ATOM   63  C CE1 . HIS A 1 8  ? -2.613  8.254   -16.095 1.00 34.17 ?  3   HIS A CE1 1 
ATOM   64  N NE2 . HIS A 1 8  ? -2.558  8.955   -14.977 1.00 25.66 ?  3   HIS A NE2 1 
ATOM   65  N N   . GLY A 1 9  ? -4.937  3.467   -13.254 1.00 14.68 ?  4   GLY A N   1 
ATOM   66  C CA  . GLY A 1 9  ? -5.400  2.094   -13.281 1.00 14.94 ?  4   GLY A CA  1 
ATOM   67  C C   . GLY A 1 9  ? -5.461  1.515   -11.884 1.00 14.35 ?  4   GLY A C   1 
ATOM   68  O O   . GLY A 1 9  ? -5.985  2.131   -10.947 1.00 14.88 ?  4   GLY A O   1 
ATOM   69  N N   . SER A 1 10 ? -4.901  0.317   -11.737 1.00 13.93 ?  5   SER A N   1 
ATOM   70  C CA  . SER A 1 10 ? -4.881  -0.380  -10.458 1.00 12.86 ?  5   SER A CA  1 
ATOM   71  C C   . SER A 1 10 ? -3.682  -0.011  -9.587  1.00 10.66 ?  5   SER A C   1 
ATOM   72  O O   . SER A 1 10 ? -3.465  -0.642  -8.546  1.00 10.31 ?  5   SER A O   1 
ATOM   73  C CB  . SER A 1 10 ? -4.982  -1.896  -10.660 1.00 14.08 ?  5   SER A CB  1 
ATOM   74  O OG  . SER A 1 10 ? -3.991  -2.352  -11.554 0.54 14.59 ?  5   SER A OG  1 
ATOM   75  N N   . GLY A 1 11 ? -2.908  0.996   -9.979  1.00 10.27 ?  6   GLY A N   1 
ATOM   76  C CA  . GLY A 1 11 ? -1.965  1.594   -9.052  1.00 10.40 ?  6   GLY A CA  1 
ATOM   77  C C   . GLY A 1 11 ? -0.654  0.869   -8.859  1.00 10.11 ?  6   GLY A C   1 
ATOM   78  O O   . GLY A 1 11 ? 0.003   1.065   -7.830  1.00 10.27 ?  6   GLY A O   1 
ATOM   79  N N   . GLU A 1 12 ? -0.237  0.047   -9.822  1.00 10.53 ?  7   GLU A N   1 
ATOM   80  C CA  . GLU A 1 12 ? 1.089   -0.545  -9.736  1.00 12.14 ?  7   GLU A CA  1 
ATOM   81  C C   . GLU A 1 12 ? 2.175   0.527   -9.641  1.00 12.48 ?  7   GLU A C   1 
ATOM   82  O O   . GLU A 1 12 ? 3.238   0.280   -9.062  0.90 13.56 ?  7   GLU A O   1 
ATOM   83  C CB  . GLU A 1 12 ? 1.323   -1.485  -10.918 0.89 13.03 ?  7   GLU A CB  1 
ATOM   84  C CG  . GLU A 1 12 ? 0.422   -2.715  -10.916 0.54 14.05 ?  7   GLU A CG  1 
ATOM   85  C CD  . GLU A 1 12 ? -1.006  -2.433  -11.362 0.33 15.06 ?  7   GLU A CD  1 
ATOM   86  O OE1 . GLU A 1 12 ? -1.849  -3.343  -11.220 0.23 14.96 ?  7   GLU A OE1 1 
ATOM   87  O OE2 . GLU A 1 12 ? -1.290  -1.318  -11.855 0.63 16.16 -1 7   GLU A OE2 1 
ATOM   88  N N   . ASN A 1 13 ? 1.923   1.726   -10.175 1.00 11.75 ?  8   ASN A N   1 
ATOM   89  C CA  . ASN A 1 13 ? 2.880   2.827   -10.135 0.97 12.39 ?  8   ASN A CA  1 
ATOM   90  C C   . ASN A 1 13 ? 2.489   3.919   -9.144  1.00 11.67 ?  8   ASN A C   1 
ATOM   91  O O   . ASN A 1 13 ? 3.079   5.002   -9.170  0.91 12.56 ?  8   ASN A O   1 
ATOM   92  C CB  . ASN A 1 13 ? 3.070   3.428   -11.532 0.94 13.32 ?  8   ASN A CB  1 
ATOM   93  C CG  . ASN A 1 13 ? 4.410   4.128   -11.692 0.40 13.55 ?  8   ASN A CG  1 
ATOM   94  O OD1 . ASN A 1 13 ? 5.429   3.668   -11.179 0.30 13.43 ?  8   ASN A OD1 1 
ATOM   95  N ND2 . ASN A 1 13 ? 4.413   5.245   -12.411 0.35 13.79 ?  8   ASN A ND2 1 
ATOM   96  N N   . TYR A 1 14 ? 1.511   3.662   -8.282  1.00 10.09 ?  9   TYR A N   1 
ATOM   97  C CA  . TYR A 1 14 ? 1.108   4.644   -7.284  1.00 8.96  ?  9   TYR A CA  1 
ATOM   98  C C   . TYR A 1 14 ? 2.245   4.869   -6.297  1.00 9.00  ?  9   TYR A C   1 
ATOM   99  O O   . TYR A 1 14 ? 2.807   3.916   -5.749  1.00 9.83  ?  9   TYR A O   1 
ATOM   100 C CB  . TYR A 1 14 ? -0.138  4.154   -6.545  1.00 8.77  ?  9   TYR A CB  1 
ATOM   101 C CG  . TYR A 1 14 ? -0.546  5.030   -5.380  1.00 8.51  ?  9   TYR A CG  1 
ATOM   102 C CD1 . TYR A 1 14 ? -0.973  6.335   -5.584  1.00 8.67  ?  9   TYR A CD1 1 
ATOM   103 C CD2 . TYR A 1 14 ? -0.494  4.554   -4.073  1.00 8.26  ?  9   TYR A CD2 1 
ATOM   104 C CE1 . TYR A 1 14 ? -1.345  7.145   -4.511  1.00 8.25  ?  9   TYR A CE1 1 
ATOM   105 C CE2 . TYR A 1 14 ? -0.856  5.344   -3.007  1.00 8.14  ?  9   TYR A CE2 1 
ATOM   106 C CZ  . TYR A 1 14 ? -1.278  6.634   -3.220  1.00 7.97  ?  9   TYR A CZ  1 
ATOM   107 O OH  . TYR A 1 14 ? -1.639  7.398   -2.133  1.00 8.55  ?  9   TYR A OH  1 
ATOM   108 N N   . ASP A 1 15 ? 2.571   6.138   -6.043  1.00 8.89  ?  10  ASP A N   1 
ATOM   109 C CA  . ASP A 1 15 ? 3.676   6.489   -5.159  1.00 9.20  ?  10  ASP A CA  1 
ATOM   110 C C   . ASP A 1 15 ? 3.274   7.583   -4.179  1.00 9.12  ?  10  ASP A C   1 
ATOM   111 O O   . ASP A 1 15 ? 4.119   8.366   -3.740  1.00 9.84  ?  10  ASP A O   1 
ATOM   112 C CB  . ASP A 1 15 ? 4.909   6.899   -5.968  1.00 10.93 ?  10  ASP A CB  1 
ATOM   113 C CG  . ASP A 1 15 ? 6.202   6.867   -5.162  1.00 12.05 ?  10  ASP A CG  1 
ATOM   114 O OD1 . ASP A 1 15 ? 6.322   6.092   -4.190  1.00 11.33 ?  10  ASP A OD1 1 
ATOM   115 O OD2 . ASP A 1 15 ? 7.118   7.639   -5.516  1.00 14.29 -1 10  ASP A OD2 1 
ATOM   116 N N   . GLY A 1 16 ? 1.982   7.643   -3.821  1.00 8.88  ?  11  GLY A N   1 
ATOM   117 C CA  . GLY A 1 16 ? 1.492   8.637   -2.885  1.00 9.01  ?  11  GLY A CA  1 
ATOM   118 C C   . GLY A 1 16 ? 1.638   8.212   -1.436  1.00 8.02  ?  11  GLY A C   1 
ATOM   119 O O   . GLY A 1 16 ? 2.174   7.150   -1.117  1.00 8.68  ?  11  GLY A O   1 
ATOM   120 N N   . LYS A 1 17 ? 1.119   9.059   -0.547  1.00 8.06  ?  12  LYS A N   1 
ATOM   121 C CA  . LYS A 1 17 ? 1.390   8.957   0.880   1.00 8.23  ?  12  LYS A CA  1 
ATOM   122 C C   . LYS A 1 17 ? 0.167   8.560   1.705   1.00 8.15  ?  12  LYS A C   1 
ATOM   123 O O   . LYS A 1 17 ? 0.171   8.717   2.928   1.00 9.55  ?  12  LYS A O   1 
ATOM   124 C CB  . LYS A 1 17 ? 2.024   10.249  1.398   1.00 9.03  ?  12  LYS A CB  1 
ATOM   125 C CG  . LYS A 1 17 ? 3.228   10.694  0.560   1.00 10.12 ?  12  LYS A CG  1 
ATOM   126 C CD  . LYS A 1 17 ? 4.157   11.643  1.290   1.00 11.73 ?  12  LYS A CD  1 
ATOM   127 C CE  . LYS A 1 17 ? 3.426   12.913  1.679   1.00 12.56 ?  12  LYS A CE  1 
ATOM   128 N NZ  . LYS A 1 17 ? 4.366   13.883  2.304   1.00 13.03 1  12  LYS A NZ  1 
ATOM   129 N N   . ILE A 1 18 ? -0.875  8.016   1.077   1.00 7.96  ?  13  ILE A N   1 
ATOM   130 C CA  . ILE A 1 18 ? -1.993  7.487   1.850   1.00 8.20  ?  13  ILE A CA  1 
ATOM   131 C C   . ILE A 1 18 ? -1.526  6.255   2.610   1.00 8.32  ?  13  ILE A C   1 
ATOM   132 O O   . ILE A 1 18 ? -0.909  5.347   2.037   1.00 8.93  ?  13  ILE A O   1 
ATOM   133 C CB  . ILE A 1 18 ? -3.195  7.196   0.943   1.00 8.58  ?  13  ILE A CB  1 
ATOM   134 C CG1 . ILE A 1 18 ? -3.730  8.509   0.362   1.00 9.07  ?  13  ILE A CG1 1 
ATOM   135 C CG2 . ILE A 1 18 ? -4.271  6.431   1.712   1.00 9.63  ?  13  ILE A CG2 1 
ATOM   136 C CD1 . ILE A 1 18 ? -4.867  8.352   -0.608  1.00 9.44  ?  13  ILE A CD1 1 
ATOM   137 N N   . SER A 1 19 ? -1.843  6.209   3.908   1.00 8.38  ?  14  SER A N   1 
ATOM   138 C CA  B SER A 1 19 ? -1.322  5.194   4.814   0.51 9.02  ?  14  SER A CA  1 
ATOM   139 C CA  C SER A 1 19 ? -1.323  5.188   4.808   0.25 8.87  ?  14  SER A CA  1 
ATOM   140 C CA  D SER A 1 19 ? -1.324  5.186   4.806   0.24 9.00  ?  14  SER A CA  1 
ATOM   141 C C   . SER A 1 19 ? -2.409  4.606   5.706   1.00 8.99  ?  14  SER A C   1 
ATOM   142 O O   . SER A 1 19 ? -2.092  4.061   6.775   1.00 10.24 ?  14  SER A O   1 
ATOM   143 C CB  B SER A 1 19 ? -0.195  5.774   5.669   0.51 10.37 ?  14  SER A CB  1 
ATOM   144 C CB  C SER A 1 19 ? -0.189  5.749   5.667   0.25 9.65  ?  14  SER A CB  1 
ATOM   145 C CB  D SER A 1 19 ? -0.180  5.747   5.649   0.24 10.04 ?  14  SER A CB  1 
ATOM   146 O OG  B SER A 1 19 ? 0.721   6.508   4.876   0.51 11.10 ?  14  SER A OG  1 
ATOM   147 O OG  C SER A 1 19 ? -0.706  6.323   6.854   0.25 10.10 ?  14  SER A OG  1 
ATOM   148 O OG  D SER A 1 19 ? -0.636  6.820   6.450   0.24 10.75 ?  14  SER A OG  1 
ATOM   149 N N   . LYS A 1 20 ? -3.673  4.714   5.298   1.00 8.79  ?  15  LYS A N   1 
ATOM   150 C CA  . LYS A 1 20 ? -4.796  4.170   6.038   1.00 9.76  ?  15  LYS A CA  1 
ATOM   151 C C   . LYS A 1 20 ? -5.623  3.313   5.095   1.00 9.33  ?  15  LYS A C   1 
ATOM   152 O O   . LYS A 1 20 ? -5.744  3.611   3.904   1.00 10.05 ?  15  LYS A O   1 
ATOM   153 C CB  . LYS A 1 20 ? -5.698  5.267   6.604   1.00 12.64 ?  15  LYS A CB  1 
ATOM   154 N N   . THR A 1 21 ? -6.194  2.247   5.642   1.00 9.26  ?  16  THR A N   1 
ATOM   155 C CA  . THR A 1 21 ? -7.040  1.367   4.857   1.00 9.52  ?  16  THR A CA  1 
ATOM   156 C C   . THR A 1 21 ? -8.415  1.998   4.635   1.00 10.02 ?  16  THR A C   1 
ATOM   157 O O   . THR A 1 21 ? -8.758  3.039   5.207   1.00 10.91 ?  16  THR A O   1 
ATOM   158 C CB  . THR A 1 21 ? -7.215  0.031   5.570   1.00 9.43  ?  16  THR A CB  1 
ATOM   159 O OG1 . THR A 1 21 ? -8.027  0.223   6.737   1.00 9.79  ?  16  THR A OG1 1 
ATOM   160 C CG2 . THR A 1 21 ? -5.869  -0.558  5.966   1.00 10.06 ?  16  THR A CG2 1 
ATOM   161 N N   . MET A 1 22 ? -9.222  1.314   3.812   1.00 10.56 ?  17  MET A N   1 
ATOM   162 C CA  . MET A 1 22 ? -10.582 1.767   3.523   1.00 13.96 ?  17  MET A CA  1 
ATOM   163 C C   . MET A 1 22 ? -11.390 1.984   4.794   1.00 14.24 ?  17  MET A C   1 
ATOM   164 O O   . MET A 1 22 ? -12.212 2.905   4.864   1.00 16.18 ?  17  MET A O   1 
ATOM   165 C CB  . MET A 1 22 ? -11.309 0.739   2.652   1.00 16.72 ?  17  MET A CB  1 
ATOM   166 C CG  . MET A 1 22 ? -10.818 0.614   1.224   1.00 19.74 ?  17  MET A CG  1 
ATOM   167 S SD  . MET A 1 22 ? -11.760 -0.614  0.295   1.00 22.20 ?  17  MET A SD  1 
ATOM   168 C CE  . MET A 1 22 ? -13.420 0.035   0.450   1.00 23.76 ?  17  MET A CE  1 
ATOM   169 N N   . SER A 1 23 ? -11.194 1.133   5.797   1.00 13.70 ?  18  SER A N   1 
ATOM   170 C CA  . SER A 1 23 ? -11.934 1.258   7.046   1.00 13.58 ?  18  SER A CA  1 
ATOM   171 C C   . SER A 1 23 ? -11.284 2.212   8.038   1.00 12.51 ?  18  SER A C   1 
ATOM   172 O O   . SER A 1 23 ? -11.851 2.440   9.114   1.00 13.23 ?  18  SER A O   1 
ATOM   173 C CB  . SER A 1 23 ? -12.143 -0.114  7.685   1.00 14.85 ?  18  SER A CB  1 
ATOM   174 O OG  . SER A 1 23 ? -10.932 -0.641  8.179   1.00 15.61 ?  18  SER A OG  1 
ATOM   175 N N   . GLY A 1 24 ? -10.124 2.770   7.705   1.00 11.69 ?  19  GLY A N   1 
ATOM   176 C CA  . GLY A 1 24 ? -9.479  3.760   8.533   1.00 11.91 ?  19  GLY A CA  1 
ATOM   177 C C   . GLY A 1 24 ? -8.374  3.253   9.430   1.00 11.48 ?  19  GLY A C   1 
ATOM   178 O O   . GLY A 1 24 ? -7.893  4.019   10.270  1.00 12.49 ?  19  GLY A O   1 
ATOM   179 N N   . LEU A 1 25 ? -7.960  1.995   9.287   1.00 10.78 ?  20  LEU A N   1 
ATOM   180 C CA  . LEU A 1 25 ? -6.852  1.468   10.071  1.00 10.25 ?  20  LEU A CA  1 
ATOM   181 C C   . LEU A 1 25 ? -5.525  1.999   9.548   1.00 9.59  ?  20  LEU A C   1 
ATOM   182 O O   . LEU A 1 25 ? -5.312  2.098   8.338   1.00 10.33 ?  20  LEU A O   1 
ATOM   183 C CB  . LEU A 1 25 ? -6.826  -0.056  9.989   1.00 10.71 ?  20  LEU A CB  1 
ATOM   184 C CG  . LEU A 1 25 ? -8.050  -0.786  10.529  1.00 11.95 ?  20  LEU A CG  1 
ATOM   185 C CD1 . LEU A 1 25 ? -7.969  -2.270  10.193  1.00 12.64 ?  20  LEU A CD1 1 
ATOM   186 C CD2 . LEU A 1 25 ? -8.194  -0.573  12.030  1.00 12.70 ?  20  LEU A CD2 1 
ATOM   187 N N   . GLU A 1 26 ? -4.612  2.314   10.462  1.00 9.65  ?  21  GLU A N   1 
ATOM   188 C CA  . GLU A 1 26 ? -3.264  2.682   10.060  1.00 9.80  ?  21  GLU A CA  1 
ATOM   189 C C   . GLU A 1 26 ? -2.521  1.459   9.520   1.00 9.33  ?  21  GLU A C   1 
ATOM   190 O O   . GLU A 1 26 ? -2.563  0.372   10.107  1.00 10.26 ?  21  GLU A O   1 
ATOM   191 C CB  . GLU A 1 26 ? -2.516  3.278   11.258  1.00 11.95 ?  21  GLU A CB  1 
ATOM   192 C CG  . GLU A 1 26 ? -1.105  3.773   10.964  1.00 13.58 ?  21  GLU A CG  1 
ATOM   193 C CD  . GLU A 1 26 ? -1.058  5.161   10.341  1.00 14.67 ?  21  GLU A CD  1 
ATOM   194 O OE1 . GLU A 1 26 ? -2.132  5.742   10.055  1.00 16.01 ?  21  GLU A OE1 1 
ATOM   195 O OE2 . GLU A 1 26 ? 0.074   5.666   10.142  0.67 14.04 -1 21  GLU A OE2 1 
ATOM   196 N N   . CYS A 1 27 ? -1.835  1.648   8.399   1.00 8.30  ?  22  CYS A N   1 
ATOM   197 C CA  . CYS A 1 27 ? -1.042  0.595   7.785   1.00 8.45  ?  22  CYS A CA  1 
ATOM   198 C C   . CYS A 1 27 ? 0.203   0.274   8.613   1.00 8.39  ?  22  CYS A C   1 
ATOM   199 O O   . CYS A 1 27 ? 0.800   1.143   9.254   1.00 8.39  ?  22  CYS A O   1 
ATOM   200 C CB  . CYS A 1 27 ? -0.580  1.052   6.407   1.00 8.91  ?  22  CYS A CB  1 
ATOM   201 S SG  . CYS A 1 27 ? -1.894  1.257   5.192   1.00 8.70  ?  22  CYS A SG  1 
ATOM   202 N N   . GLN A 1 28 ? 0.594   -0.996  8.572   1.00 8.32  ?  23  GLN A N   1 
ATOM   203 C CA  . GLN A 1 28 ? 1.892   -1.443  9.052   1.00 8.34  ?  23  GLN A CA  1 
ATOM   204 C C   . GLN A 1 28 ? 2.985   -1.055  8.057   1.00 8.02  ?  23  GLN A C   1 
ATOM   205 O O   . GLN A 1 28 ? 2.778   -1.090  6.841   1.00 8.09  ?  23  GLN A O   1 
ATOM   206 C CB  . GLN A 1 28 ? 1.837   -2.966  9.205   1.00 8.65  ?  23  GLN A CB  1 
ATOM   207 C CG  . GLN A 1 28 ? 3.161   -3.624  9.608   1.00 8.95  ?  23  GLN A CG  1 
ATOM   208 C CD  . GLN A 1 28 ? 3.072   -5.133  9.687   1.00 8.90  ?  23  GLN A CD  1 
ATOM   209 O OE1 . GLN A 1 28 ? 2.122   -5.680  10.254  1.00 9.16  ?  23  GLN A OE1 1 
ATOM   210 N NE2 . GLN A 1 28 ? 4.081   -5.817  9.143   1.00 9.66  ?  23  GLN A NE2 1 
ATOM   211 N N   . ALA A 1 29 ? 4.163   -0.703  8.572   1.00 7.69  ?  24  ALA A N   1 
ATOM   212 C CA  . ALA A 1 29 ? 5.281   -0.390  7.689   1.00 7.70  ?  24  ALA A CA  1 
ATOM   213 C C   . ALA A 1 29 ? 5.758   -1.635  6.945   1.00 7.43  ?  24  ALA A C   1 
ATOM   214 O O   . ALA A 1 29 ? 5.839   -2.726  7.516   1.00 7.93  ?  24  ALA A O   1 
ATOM   215 C CB  . ALA A 1 29 ? 6.450   0.185   8.491   1.00 9.44  ?  24  ALA A CB  1 
ATOM   216 N N   . TRP A 1 30 ? 6.140   -1.451  5.674   1.00 7.86  ?  25  TRP A N   1 
ATOM   217 C CA  . TRP A 1 30 ? 6.674   -2.563  4.881   1.00 7.70  ?  25  TRP A CA  1 
ATOM   218 C C   . TRP A 1 30 ? 7.948   -3.140  5.488   1.00 7.93  ?  25  TRP A C   1 
ATOM   219 O O   . TRP A 1 30 ? 8.177   -4.354  5.415   1.00 8.38  ?  25  TRP A O   1 
ATOM   220 C CB  . TRP A 1 30 ? 6.896   -2.122  3.428   1.00 8.18  ?  25  TRP A CB  1 
ATOM   221 C CG  . TRP A 1 30 ? 5.631   -1.632  2.796   1.00 7.56  ?  25  TRP A CG  1 
ATOM   222 C CD1 . TRP A 1 30 ? 5.224   -0.334  2.677   1.00 7.93  ?  25  TRP A CD1 1 
ATOM   223 C CD2 . TRP A 1 30 ? 4.574   -2.435  2.237   1.00 7.26  ?  25  TRP A CD2 1 
ATOM   224 N NE1 . TRP A 1 30 ? 3.996   -0.276  2.075   1.00 7.87  ?  25  TRP A NE1 1 
ATOM   225 C CE2 . TRP A 1 30 ? 3.570   -1.549  1.797   1.00 7.63  ?  25  TRP A CE2 1 
ATOM   226 C CE3 . TRP A 1 30 ? 4.389   -3.811  2.053   1.00 7.82  ?  25  TRP A CE3 1 
ATOM   227 C CZ2 . TRP A 1 30 ? 2.387   -1.990  1.191   1.00 7.87  ?  25  TRP A CZ2 1 
ATOM   228 C CZ3 . TRP A 1 30 ? 3.206   -4.250  1.443   1.00 8.09  ?  25  TRP A CZ3 1 
ATOM   229 C CH2 . TRP A 1 30 ? 2.223   -3.334  1.023   1.00 8.08  ?  25  TRP A CH2 1 
ATOM   230 N N   . ASP A 1 31 ? 8.776   -2.291  6.102   1.00 7.90  ?  26  ASP A N   1 
ATOM   231 C CA  . ASP A 1 31 ? 10.009  -2.729  6.749   1.00 8.28  ?  26  ASP A CA  1 
ATOM   232 C C   . ASP A 1 31 ? 9.783   -3.308  8.143   1.00 8.12  ?  26  ASP A C   1 
ATOM   233 O O   . ASP A 1 31 ? 10.762  -3.640  8.825   1.00 9.04  ?  26  ASP A O   1 
ATOM   234 C CB  . ASP A 1 31 ? 11.036  -1.584  6.835   1.00 8.36  ?  26  ASP A CB  1 
ATOM   235 C CG  . ASP A 1 31 ? 11.965  -1.498  5.622   1.00 8.94  ?  26  ASP A CG  1 
ATOM   236 O OD1 . ASP A 1 31 ? 12.166  -2.513  4.925   1.00 9.68  ?  26  ASP A OD1 1 
ATOM   237 O OD2 . ASP A 1 31 ? 12.515  -0.391  5.399   1.00 9.89  -1 26  ASP A OD2 1 
ATOM   238 N N   . SER A 1 32 ? 8.530   -3.452  8.574   1.00 8.04  ?  27  SER A N   1 
ATOM   239 C CA  . SER A 1 32 ? 8.199   -4.130  9.817   1.00 8.39  ?  27  SER A CA  1 
ATOM   240 C C   . SER A 1 32 ? 7.558   -5.482  9.521   1.00 8.56  ?  27  SER A C   1 
ATOM   241 O O   . SER A 1 32 ? 6.981   -5.711  8.451   1.00 8.39  ?  27  SER A O   1 
ATOM   242 C CB  . SER A 1 32 ? 7.293   -3.273  10.714  1.00 8.98  ?  27  SER A CB  1 
ATOM   243 O OG  . SER A 1 32 ? 7.992   -2.127  11.179  1.00 9.75  ?  27  SER A OG  1 
ATOM   244 N N   . GLN A 1 33 ? 7.668   -6.365  10.515  1.00 8.64  ?  28  GLN A N   1 
ATOM   245 C CA  . GLN A 1 33 ? 7.210   -7.745  10.450  1.00 9.02  ?  28  GLN A CA  1 
ATOM   246 C C   . GLN A 1 33 ? 6.225   -8.057  11.562  1.00 9.89  ?  28  GLN A C   1 
ATOM   247 O O   . GLN A 1 33 ? 5.959   -9.234  11.842  1.00 11.36 ?  28  GLN A O   1 
ATOM   248 C CB  . GLN A 1 33 ? 8.398   -8.703  10.508  1.00 9.82  ?  28  GLN A CB  1 
ATOM   249 C CG  . GLN A 1 33 ? 9.265   -8.634  9.269   1.00 9.98  ?  28  GLN A CG  1 
ATOM   250 C CD  . GLN A 1 33 ? 8.638   -9.362  8.091   1.00 9.70  ?  28  GLN A CD  1 
ATOM   251 O OE1 . GLN A 1 33 ? 7.999   -10.409 8.259   1.00 9.04  ?  28  GLN A OE1 1 
ATOM   252 N NE2 . GLN A 1 33 ? 8.838   -8.835  6.891   1.00 9.64  ?  28  GLN A NE2 1 
ATOM   253 N N   . SER A 1 34 ? 5.693   -7.022  12.212  1.00 9.90  ?  29  SER A N   1 
ATOM   254 C CA  . SER A 1 34 ? 4.750   -7.150  13.292  1.00 10.74 ?  29  SER A CA  1 
ATOM   255 C C   . SER A 1 34 ? 3.733   -6.026  13.135  1.00 10.68 ?  29  SER A C   1 
ATOM   256 O O   . SER A 1 34 ? 4.116   -4.884  12.846  1.00 11.23 ?  29  SER A O   1 
ATOM   257 C CB  . SER A 1 34 ? 5.478   -7.001  14.634  1.00 12.54 ?  29  SER A CB  1 
ATOM   258 O OG  . SER A 1 34 ? 4.582   -7.221  15.701  1.00 14.16 ?  29  SER A OG  1 
ATOM   259 N N   . PRO A 1 35 ? 2.439   -6.305  13.328  1.00 10.96 ?  30  PRO A N   1 
ATOM   260 C CA  . PRO A 1 35 ? 1.917   -7.611  13.752  1.00 11.10 ?  30  PRO A CA  1 
ATOM   261 C C   . PRO A 1 35 ? 1.937   -8.714  12.688  1.00 11.02 ?  30  PRO A C   1 
ATOM   262 O O   . PRO A 1 35 ? 1.716   -9.861  13.062  1.00 12.41 ?  30  PRO A O   1 
ATOM   263 C CB  . PRO A 1 35 ? 0.473   -7.291  14.172  1.00 12.62 ?  30  PRO A CB  1 
ATOM   264 C CG  . PRO A 1 35 ? 0.133   -6.033  13.487  1.00 13.31 ?  30  PRO A CG  1 
ATOM   265 C CD  . PRO A 1 35 ? 1.401   -5.261  13.332  1.00 12.26 ?  30  PRO A CD  1 
ATOM   266 N N   . HIS A 1 36 ? 2.215   -8.406  11.423  1.00 9.72  ?  31  HIS A N   1 
ATOM   267 C CA  . HIS A 1 36 ? 2.118   -9.392  10.350  1.00 9.43  ?  31  HIS A CA  1 
ATOM   268 C C   . HIS A 1 36 ? 3.470   -9.619  9.699   1.00 9.26  ?  31  HIS A C   1 
ATOM   269 O O   . HIS A 1 36 ? 4.104   -8.668  9.231   1.00 9.84  ?  31  HIS A O   1 
ATOM   270 C CB  . HIS A 1 36 ? 1.079   -8.945  9.332   1.00 9.71  ?  31  HIS A CB  1 
ATOM   271 C CG  . HIS A 1 36 ? -0.212  -8.616  9.985   1.00 9.97  ?  31  HIS A CG  1 
ATOM   272 N ND1 . HIS A 1 36 ? -0.979  -9.579  10.605  1.00 10.54 ?  31  HIS A ND1 1 
ATOM   273 C CD2 . HIS A 1 36 ? -0.810  -7.429  10.230  1.00 10.31 ?  31  HIS A CD2 1 
ATOM   274 C CE1 . HIS A 1 36 ? -2.027  -8.999  11.161  1.00 10.86 ?  31  HIS A CE1 1 
ATOM   275 N NE2 . HIS A 1 36 ? -1.947  -7.697  10.950  1.00 10.89 ?  31  HIS A NE2 1 
ATOM   276 N N   . ALA A 1 37 ? 3.893   -10.882 9.670   1.00 10.03 ?  32  ALA A N   1 
ATOM   277 C CA  . ALA A 1 37 ? 5.106   -11.274 8.970   1.00 10.18 ?  32  ALA A CA  1 
ATOM   278 C C   . ALA A 1 37 ? 4.790   -11.452 7.492   1.00 9.49  ?  32  ALA A C   1 
ATOM   279 O O   . ALA A 1 37 ? 3.706   -11.918 7.128   1.00 10.15 ?  32  ALA A O   1 
ATOM   280 C CB  . ALA A 1 37 ? 5.655   -12.576 9.553   1.00 10.87 ?  32  ALA A CB  1 
ATOM   281 N N   . HIS A 1 38 ? 5.727   -11.074 6.630   1.00 8.82  ?  33  HIS A N   1 
ATOM   282 C CA  . HIS A 1 38 ? 5.418   -11.046 5.208   1.00 8.48  ?  33  HIS A CA  1 
ATOM   283 C C   . HIS A 1 38 ? 6.703   -11.006 4.391   1.00 8.56  ?  33  HIS A C   1 
ATOM   284 O O   . HIS A 1 38 ? 7.797   -10.754 4.907   1.00 9.13  ?  33  HIS A O   1 
ATOM   285 C CB  . HIS A 1 38 ? 4.554   -9.830  4.874   1.00 8.43  ?  33  HIS A CB  1 
ATOM   286 C CG  . HIS A 1 38 ? 5.284   -8.541  5.040   1.00 8.35  ?  33  HIS A CG  1 
ATOM   287 N ND1 . HIS A 1 38 ? 6.009   -7.966  4.022   1.00 8.14  ?  33  HIS A ND1 1 
ATOM   288 C CD2 . HIS A 1 38 ? 5.447   -7.744  6.123   1.00 8.62  ?  33  HIS A CD2 1 
ATOM   289 C CE1 . HIS A 1 38 ? 6.569   -6.852  4.465   1.00 8.33  ?  33  HIS A CE1 1 
ATOM   290 N NE2 . HIS A 1 38 ? 6.239   -6.692  5.735   1.00 8.70  ?  33  HIS A NE2 1 
ATOM   291 N N   . GLY A 1 39 ? 6.538   -11.222 3.084   1.00 8.85  ?  34  GLY A N   1 
ATOM   292 C CA  . GLY A 1 39 ? 7.648   -11.249 2.153   1.00 9.24  ?  34  GLY A CA  1 
ATOM   293 C C   . GLY A 1 39 ? 7.710   -10.103 1.158   1.00 9.33  ?  34  GLY A C   1 
ATOM   294 O O   . GLY A 1 39 ? 8.407   -10.214 0.142   1.00 10.03 ?  34  GLY A O   1 
ATOM   295 N N   . TYR A 1 40 ? 6.990   -9.006  1.419   1.00 8.58  ?  35  TYR A N   1 
ATOM   296 C CA  . TYR A 1 40 ? 7.034   -7.816  0.565   1.00 9.05  ?  35  TYR A CA  1 
ATOM   297 C C   . TYR A 1 40 ? 8.082   -6.843  1.107   1.00 8.95  ?  35  TYR A C   1 
ATOM   298 O O   . TYR A 1 40 ? 7.787   -5.787  1.662   1.00 9.42  ?  35  TYR A O   1 
ATOM   299 C CB  . TYR A 1 40 ? 5.646   -7.198  0.433   1.00 9.61  ?  35  TYR A CB  1 
ATOM   300 C CG  . TYR A 1 40 ? 4.805   -8.033  -0.500  1.00 11.51 ?  35  TYR A CG  1 
ATOM   301 C CD1 . TYR A 1 40 ? 4.935   -7.888  -1.874  1.00 12.64 ?  35  TYR A CD1 1 
ATOM   302 C CD2 . TYR A 1 40 ? 3.951   -9.015  -0.020  1.00 13.05 ?  35  TYR A CD2 1 
ATOM   303 C CE1 . TYR A 1 40 ? 4.215   -8.661  -2.748  1.00 14.37 ?  35  TYR A CE1 1 
ATOM   304 C CE2 . TYR A 1 40 ? 3.212   -9.807  -0.900  1.00 14.14 ?  35  TYR A CE2 1 
ATOM   305 C CZ  . TYR A 1 40 ? 3.362   -9.618  -2.262  1.00 14.39 ?  35  TYR A CZ  1 
ATOM   306 O OH  . TYR A 1 40 ? 2.664   -10.380 -3.167  1.00 16.33 ?  35  TYR A OH  1 
ATOM   307 N N   . ILE A 1 41 ? 9.341   -7.236  0.923   1.00 9.37  ?  36  ILE A N   1 
ATOM   308 C CA  . ILE A 1 41 ? 10.479  -6.544  1.515   1.00 9.47  ?  36  ILE A CA  1 
ATOM   309 C C   . ILE A 1 41 ? 10.921  -5.443  0.553   1.00 9.19  ?  36  ILE A C   1 
ATOM   310 O O   . ILE A 1 41 ? 11.270  -5.751  -0.599  1.00 10.30 ?  36  ILE A O   1 
ATOM   311 C CB  . ILE A 1 41 ? 11.630  -7.514  1.794   1.00 9.95  ?  36  ILE A CB  1 
ATOM   312 C CG1 . ILE A 1 41 ? 11.133  -8.735  2.568   1.00 10.34 ?  36  ILE A CG1 1 
ATOM   313 C CG2 . ILE A 1 41 ? 12.762  -6.799  2.510   1.00 10.96 ?  36  ILE A CG2 1 
ATOM   314 C CD1 . ILE A 1 41 ? 10.362  -8.424  3.816   1.00 11.14 ?  36  ILE A CD1 1 
ATOM   315 N N   . PRO A 1 42 ? 10.950  -4.179  0.980   1.00 9.03  ?  37  PRO A N   1 
ATOM   316 C CA  . PRO A 1 42 ? 11.281  -3.091  0.036   1.00 9.93  ?  37  PRO A CA  1 
ATOM   317 C C   . PRO A 1 42 ? 12.568  -3.305  -0.750  1.00 10.75 ?  37  PRO A C   1 
ATOM   318 O O   . PRO A 1 42 ? 12.597  -3.084  -1.970  1.00 11.89 ?  37  PRO A O   1 
ATOM   319 C CB  . PRO A 1 42 ? 11.338  -1.856  0.946   1.00 9.91  ?  37  PRO A CB  1 
ATOM   320 C CG  . PRO A 1 42 ? 10.366  -2.179  2.056   1.00 9.74  ?  37  PRO A CG  1 
ATOM   321 C CD  . PRO A 1 42 ? 10.483  -3.668  2.283   1.00 9.23  ?  37  PRO A CD  1 
ATOM   322 N N   . SER A 1 43 ? 13.631  -3.756  -0.084  1.00 10.53 ?  38  SER A N   1 
ATOM   323 C CA  . SER A 1 43 ? 14.923  -3.932  -0.742  1.00 11.71 ?  38  SER A CA  1 
ATOM   324 C C   . SER A 1 43 ? 14.893  -5.006  -1.825  1.00 12.87 ?  38  SER A C   1 
ATOM   325 O O   . SER A 1 43 ? 15.783  -5.022  -2.684  1.00 14.01 ?  38  SER A O   1 
ATOM   326 C CB  . SER A 1 43 ? 15.984  -4.293  0.296   1.00 12.00 ?  38  SER A CB  1 
ATOM   327 O OG  . SER A 1 43 ? 15.609  -5.470  0.990   1.00 12.50 ?  38  SER A OG  1 
ATOM   328 N N   . LYS A 1 44 ? 13.912  -5.912  -1.793  1.00 14.42 ?  39  LYS A N   1 
ATOM   329 C CA  . LYS A 1 44 ? 13.807  -6.948  -2.818  1.00 17.70 ?  39  LYS A CA  1 
ATOM   330 C C   . LYS A 1 44 ? 13.278  -6.427  -4.145  1.00 22.96 ?  39  LYS A C   1 
ATOM   331 O O   . LYS A 1 44 ? 13.566  -7.017  -5.190  1.00 20.21 ?  39  LYS A O   1 
ATOM   332 C CB  . LYS A 1 44 ? 12.922  -8.098  -2.344  1.00 16.96 ?  39  LYS A CB  1 
ATOM   333 C CG  . LYS A 1 44 ? 13.522  -8.904  -1.224  1.00 23.72 ?  39  LYS A CG  1 
ATOM   334 C CD  . LYS A 1 44 ? 13.761  -10.332 -1.698  0.62 24.63 ?  39  LYS A CD  1 
ATOM   335 C CE  . LYS A 1 44 ? 15.083  -10.847 -1.169  0.45 22.24 ?  39  LYS A CE  1 
ATOM   336 N NZ  . LYS A 1 44 ? 15.700  -11.959 -1.925  1.00 37.80 ?  39  LYS A NZ  1 
ATOM   337 N N   . PHE A 1 45 ? 12.468  -5.374  -4.129  1.00 32.00 ?  40  PHE A N   1 
ATOM   338 C CA  A PHE A 1 45 ? 11.918  -4.787  -5.352  0.62 37.19 ?  40  PHE A CA  1 
ATOM   339 C CA  B PHE A 1 45 ? 11.907  -4.791  -5.348  0.38 36.91 ?  40  PHE A CA  1 
ATOM   340 C C   . PHE A 1 45 ? 11.834  -3.283  -5.168  1.00 29.85 ?  40  PHE A C   1 
ATOM   341 O O   . PHE A 1 45 ? 10.755  -2.724  -4.937  1.00 26.44 ?  40  PHE A O   1 
ATOM   342 C CB  A PHE A 1 45 ? 10.551  -5.382  -5.708  0.62 49.86 ?  40  PHE A CB  1 
ATOM   343 C CB  B PHE A 1 45 ? 10.516  -5.360  -5.649  0.38 48.99 ?  40  PHE A CB  1 
ATOM   344 C CG  A PHE A 1 45 ? 10.064  -6.419  -4.740  0.62 13.30 ?  40  PHE A CG  1 
ATOM   345 C CG  B PHE A 1 45 ? 10.251  -6.708  -5.032  0.38 38.65 ?  40  PHE A CG  1 
ATOM   346 C CD1 A PHE A 1 45 ? 9.533   -6.046  -3.518  0.62 19.47 ?  40  PHE A CD1 1 
ATOM   347 C CD1 B PHE A 1 45 ? 9.736   -6.817  -3.749  0.38 16.23 ?  40  PHE A CD1 1 
ATOM   348 C CD2 A PHE A 1 45 ? 10.115  -7.764  -5.063  0.62 16.91 ?  40  PHE A CD2 1 
ATOM   349 C CD2 B PHE A 1 45 ? 10.501  -7.867  -5.746  0.38 19.19 ?  40  PHE A CD2 1 
ATOM   350 C CE1 A PHE A 1 45 ? 9.081   -6.992  -2.625  0.62 19.68 ?  40  PHE A CE1 1 
ATOM   351 C CE1 B PHE A 1 45 ? 9.489   -8.059  -3.186  0.38 18.59 ?  40  PHE A CE1 1 
ATOM   352 C CE2 A PHE A 1 45 ? 9.659   -8.721  -4.172  0.62 26.29 ?  40  PHE A CE2 1 
ATOM   353 C CE2 B PHE A 1 45 ? 10.256  -9.109  -5.191  0.38 17.06 ?  40  PHE A CE2 1 
ATOM   354 C CZ  A PHE A 1 45 ? 9.141   -8.334  -2.952  0.62 26.49 ?  40  PHE A CZ  1 
ATOM   355 C CZ  B PHE A 1 45 ? 9.749   -9.205  -3.912  0.38 14.30 ?  40  PHE A CZ  1 
ATOM   356 N N   . PRO A 1 46 ? 12.971  -2.588  -5.268  1.00 19.53 ?  41  PRO A N   1 
ATOM   357 C CA  . PRO A 1 46 ? 12.952  -1.134  -5.048  1.00 15.42 ?  41  PRO A CA  1 
ATOM   358 C C   . PRO A 1 46 ? 11.967  -0.385  -5.931  1.00 13.25 ?  41  PRO A C   1 
ATOM   359 O O   . PRO A 1 46 ? 11.358  0.587   -5.467  1.00 12.98 ?  41  PRO A O   1 
ATOM   360 C CB  . PRO A 1 46 ? 14.408  -0.723  -5.304  1.00 15.40 ?  41  PRO A CB  1 
ATOM   361 C CG  . PRO A 1 46 ? 15.200  -1.958  -4.968  1.00 16.38 ?  41  PRO A CG  1 
ATOM   362 C CD  . PRO A 1 46 ? 14.343  -3.111  -5.417  1.00 16.96 ?  41  PRO A CD  1 
ATOM   363 N N   . ASN A 1 47 ? 11.757  -0.824  -7.174  1.00 12.84 ?  42  ASN A N   1 
ATOM   364 C CA  . ASN A 1 47 ? 10.852  -0.103  -8.061  1.00 13.58 ?  42  ASN A CA  1 
ATOM   365 C C   . ASN A 1 47 ? 9.382   -0.257  -7.692  1.00 13.07 ?  42  ASN A C   1 
ATOM   366 O O   . ASN A 1 47 ? 8.546   0.439   -8.279  1.00 14.47 ?  42  ASN A O   1 
ATOM   367 C CB  . ASN A 1 47 ? 11.101  -0.465  -9.523  1.00 14.97 ?  42  ASN A CB  1 
ATOM   368 C CG  . ASN A 1 47 ? 12.394  0.113   -10.042 1.00 16.65 ?  42  ASN A CG  1 
ATOM   369 O OD1 . ASN A 1 47 ? 13.040  0.923   -9.374  1.00 17.89 ?  42  ASN A OD1 1 
ATOM   370 N ND2 . ASN A 1 47 ? 12.782  -0.294  -11.241 1.00 17.39 ?  42  ASN A ND2 1 
ATOM   371 N N   . LYS A 1 48 ? 9.041   -1.138  -6.751  1.00 11.89 ?  43  LYS A N   1 
ATOM   372 C CA  A LYS A 1 48 ? 7.681   -1.232  -6.236  0.53 11.59 ?  43  LYS A CA  1 
ATOM   373 C CA  B LYS A 1 48 ? 7.673   -1.213  -6.258  0.47 11.50 ?  43  LYS A CA  1 
ATOM   374 C C   . LYS A 1 48 ? 7.363   -0.141  -5.221  1.00 10.82 ?  43  LYS A C   1 
ATOM   375 O O   . LYS A 1 48 ? 6.218   -0.062  -4.754  1.00 11.37 ?  43  LYS A O   1 
ATOM   376 C CB  A LYS A 1 48 ? 7.424   -2.617  -5.634  0.53 12.21 ?  43  LYS A CB  1 
ATOM   377 C CB  B LYS A 1 48 ? 7.373   -2.617  -5.732  0.47 11.89 ?  43  LYS A CB  1 
ATOM   378 C CG  A LYS A 1 48 ? 7.237   -3.712  -6.676  0.53 13.22 ?  43  LYS A CG  1 
ATOM   379 C CG  B LYS A 1 48 ? 7.543   -3.668  -6.813  0.47 12.55 ?  43  LYS A CG  1 
ATOM   380 C CD  A LYS A 1 48 ? 6.920   -5.053  -6.031  0.53 14.29 ?  43  LYS A CD  1 
ATOM   381 C CD  B LYS A 1 48 ? 6.906   -4.992  -6.453  0.47 13.03 ?  43  LYS A CD  1 
ATOM   382 C CE  A LYS A 1 48 ? 6.940   -6.188  -7.046  0.53 15.15 ?  43  LYS A CE  1 
ATOM   383 C CE  B LYS A 1 48 ? 7.014   -5.964  -7.616  0.47 13.66 ?  43  LYS A CE  1 
ATOM   384 N NZ  A LYS A 1 48 ? 5.916   -6.014  -8.112  0.53 15.77 1  43  LYS A NZ  1 
ATOM   385 N NZ  B LYS A 1 48 ? 6.228   -7.199  -7.378  0.47 13.91 1  43  LYS A NZ  1 
ATOM   386 N N   . ASN A 1 49 ? 8.344   0.684   -4.857  1.00 9.97  ?  44  ASN A N   1 
ATOM   387 C CA  . ASN A 1 49 ? 8.104   1.875   -4.040  1.00 10.02 ?  44  ASN A CA  1 
ATOM   388 C C   . ASN A 1 49 ? 7.497   1.554   -2.678  1.00 8.97  ?  44  ASN A C   1 
ATOM   389 O O   . ASN A 1 49 ? 6.666   2.307   -2.169  1.00 9.60  ?  44  ASN A O   1 
ATOM   390 C CB  . ASN A 1 49 ? 7.233   2.890   -4.781  1.00 12.49 ?  44  ASN A CB  1 
ATOM   391 C CG  . ASN A 1 49 ? 7.887   3.414   -6.028  1.00 15.04 ?  44  ASN A CG  1 
ATOM   392 O OD1 . ASN A 1 49 ? 9.050   3.800   -6.008  1.00 16.73 ?  44  ASN A OD1 1 
ATOM   393 N ND2 . ASN A 1 49 ? 7.142   3.429   -7.128  1.00 15.93 ?  44  ASN A ND2 1 
ATOM   394 N N   . LEU A 1 50 ? 7.934   0.463   -2.060  1.00 8.64  ?  45  LEU A N   1 
ATOM   395 C CA  . LEU A 1 50 ? 7.401   0.066   -0.759  1.00 9.11  ?  45  LEU A CA  1 
ATOM   396 C C   . LEU A 1 50 ? 8.079   0.896   0.324   1.00 10.40 ?  45  LEU A C   1 
ATOM   397 O O   . LEU A 1 50 ? 9.075   0.501   0.924   1.00 13.75 ?  45  LEU A O   1 
ATOM   398 C CB  . LEU A 1 50 ? 7.587   -1.423  -0.522  1.00 8.71  ?  45  LEU A CB  1 
ATOM   399 C CG  . LEU A 1 50 ? 6.922   -2.348  -1.546  1.00 9.26  ?  45  LEU A CG  1 
ATOM   400 C CD1 . LEU A 1 50 ? 7.151   -3.788  -1.154  1.00 11.24 ?  45  LEU A CD1 1 
ATOM   401 C CD2 . LEU A 1 50 ? 5.438   -2.044  -1.669  1.00 9.96  ?  45  LEU A CD2 1 
ATOM   402 N N   . LYS A 1 51 ? 7.508   2.059   0.594   1.00 9.42  ?  46  LYS A N   1 
ATOM   403 C CA  . LYS A 1 51 ? 8.088   3.069   1.464   1.00 9.77  ?  46  LYS A CA  1 
ATOM   404 C C   . LYS A 1 51 ? 7.205   3.256   2.687   1.00 8.49  ?  46  LYS A C   1 
ATOM   405 O O   . LYS A 1 51 ? 5.973   3.203   2.583   1.00 8.35  ?  46  LYS A O   1 
ATOM   406 C CB  . LYS A 1 51 ? 8.156   4.410   0.712   1.00 12.35 ?  46  LYS A CB  1 
ATOM   407 C CG  . LYS A 1 51 ? 9.000   4.400   -0.558  1.00 14.88 ?  46  LYS A CG  1 
ATOM   408 C CD  . LYS A 1 51 ? 8.734   5.647   -1.387  1.00 16.98 ?  46  LYS A CD  1 
ATOM   409 C CE  . LYS A 1 51 ? 9.422   5.598   -2.737  1.00 18.68 ?  46  LYS A CE  1 
ATOM   410 N NZ  . LYS A 1 51 ? 9.019   6.754   -3.574  1.00 19.88 1  46  LYS A NZ  1 
ATOM   411 N N   . LYS A 1 52 ? 7.836   3.490   3.837   1.00 8.35  ?  47  LYS A N   1 
ATOM   412 C CA  . LYS A 1 52 ? 7.131   3.843   5.075   1.00 8.61  ?  47  LYS A CA  1 
ATOM   413 C C   . LYS A 1 52 ? 6.006   2.832   5.287   1.00 8.21  ?  47  LYS A C   1 
ATOM   414 O O   . LYS A 1 52 ? 6.245   1.619   5.191   1.00 8.31  ?  47  LYS A O   1 
ATOM   415 C CB  . LYS A 1 52 ? 6.713   5.306   5.070   1.00 10.24 ?  47  LYS A CB  1 
ATOM   416 C CG  . LYS A 1 52 ? 7.828   6.254   4.656   1.00 12.24 ?  47  LYS A CG  1 
ATOM   417 C CD  . LYS A 1 52 ? 8.891   6.420   5.739   0.38 14.55 ?  47  LYS A CD  1 
ATOM   418 C CE  . LYS A 1 52 ? 10.102  7.202   5.213   0.34 17.03 ?  47  LYS A CE  1 
ATOM   419 N NZ  . LYS A 1 52 ? 11.332  6.372   4.993   1.00 19.47 1  47  LYS A NZ  1 
ATOM   420 N N   . ASN A 1 53 ? 4.785   3.279   5.552   1.00 7.88  ?  48  ASN A N   1 
ATOM   421 C CA  . ASN A 1 53 ? 3.595   2.451   5.637   1.00 8.04  ?  48  ASN A CA  1 
ATOM   422 C C   . ASN A 1 53 ? 2.566   2.888   4.603   1.00 8.19  ?  48  ASN A C   1 
ATOM   423 O O   . ASN A 1 53 ? 1.362   2.866   4.854   1.00 9.25  ?  48  ASN A O   1 
ATOM   424 C CB  . ASN A 1 53 ? 3.002   2.461   7.046   1.00 8.03  ?  48  ASN A CB  1 
ATOM   425 C CG  . ASN A 1 53 ? 2.457   3.815   7.445   1.00 8.78  ?  48  ASN A CG  1 
ATOM   426 O OD1 . ASN A 1 53 ? 2.887   4.851   6.938   1.00 9.58  ?  48  ASN A OD1 1 
ATOM   427 N ND2 . ASN A 1 53 ? 1.494   3.809   8.359   1.00 9.33  ?  48  ASN A ND2 1 
ATOM   428 N N   . TYR A 1 54 ? 3.028   3.272   3.417   1.00 7.54  ?  49  TYR A N   1 
ATOM   429 C CA  . TYR A 1 54 ? 2.128   3.770   2.392   1.00 7.85  ?  49  TYR A CA  1 
ATOM   430 C C   . TYR A 1 54 ? 1.439   2.620   1.655   1.00 7.56  ?  49  TYR A C   1 
ATOM   431 O O   . TYR A 1 54 ? 2.037   1.574   1.386   1.00 7.92  ?  49  TYR A O   1 
ATOM   432 C CB  . TYR A 1 54 ? 2.892   4.630   1.384   1.00 8.48  ?  49  TYR A CB  1 
ATOM   433 C CG  . TYR A 1 54 ? 3.598   5.844   1.949   1.00 10.04 ?  49  TYR A CG  1 
ATOM   434 C CD1 . TYR A 1 54 ? 3.156   6.479   3.106   1.00 11.01 ?  49  TYR A CD1 1 
ATOM   435 C CD2 . TYR A 1 54 ? 4.705   6.371   1.299   1.00 11.38 ?  49  TYR A CD2 1 
ATOM   436 C CE1 . TYR A 1 54 ? 3.806   7.610   3.599   1.00 12.27 ?  49  TYR A CE1 1 
ATOM   437 C CE2 . TYR A 1 54 ? 5.362   7.497   1.788   1.00 12.59 ?  49  TYR A CE2 1 
ATOM   438 C CZ  . TYR A 1 54 ? 4.907   8.106   2.937   1.00 13.18 ?  49  TYR A CZ  1 
ATOM   439 O OH  . TYR A 1 54 ? 5.547   9.223   3.436   1.00 15.52 ?  49  TYR A OH  1 
ATOM   440 N N   . CYS A 1 55 ? 0.173   2.834   1.314   1.00 7.67  ?  50  CYS A N   1 
ATOM   441 C CA  . CYS A 1 55 ? -0.580  1.852   0.548   1.00 7.17  ?  50  CYS A CA  1 
ATOM   442 C C   . CYS A 1 55 ? 0.070   1.639   -0.813  1.00 7.05  ?  50  CYS A C   1 
ATOM   443 O O   . CYS A 1 55 ? 0.380   2.610   -1.509  1.00 7.22  ?  50  CYS A O   1 
ATOM   444 C CB  . CYS A 1 55 ? -2.001  2.370   0.348   1.00 8.60  ?  50  CYS A CB  1 
ATOM   445 S SG  . CYS A 1 55 ? -2.925  2.604   1.882   1.00 8.89  ?  50  CYS A SG  1 
ATOM   446 N N   . ARG A 1 56 ? 0.250   0.371   -1.197  1.00 6.92  ?  51  ARG A N   1 
ATOM   447 C CA  . ARG A 1 56 ? 0.906   0.030   -2.453  1.00 7.25  ?  51  ARG A CA  1 
ATOM   448 C C   . ARG A 1 56 ? 0.263   -1.228  -3.010  1.00 6.96  ?  51  ARG A C   1 
ATOM   449 O O   . ARG A 1 56 ? -0.503  -1.910  -2.326  1.00 7.38  ?  51  ARG A O   1 
ATOM   450 C CB  . ARG A 1 56 ? 2.414   -0.186  -2.264  1.00 7.57  ?  51  ARG A CB  1 
ATOM   451 C CG  . ARG A 1 56 ? 3.199   1.074   -1.889  1.00 7.75  ?  51  ARG A CG  1 
ATOM   452 C CD  . ARG A 1 56 ? 3.340   2.034   -3.060  1.00 7.99  ?  51  ARG A CD  1 
ATOM   453 N NE  . ARG A 1 56 ? 4.135   3.219   -2.740  1.00 8.37  ?  51  ARG A NE  1 
ATOM   454 C CZ  . ARG A 1 56 ? 3.642   4.368   -2.295  1.00 8.52  ?  51  ARG A CZ  1 
ATOM   455 N NH1 . ARG A 1 56 ? 2.335   4.496   -2.086  1.00 8.41  1  51  ARG A NH1 1 
ATOM   456 N NH2 . ARG A 1 56 ? 4.465   5.385   -2.058  1.00 9.25  ?  51  ARG A NH2 1 
ATOM   457 N N   . ASN A 1 57 ? 0.587   -1.535  -4.265  1.00 7.67  ?  52  ASN A N   1 
ATOM   458 C CA  . ASN A 1 57 ? 0.027   -2.700  -4.947  1.00 7.89  ?  52  ASN A CA  1 
ATOM   459 C C   . ASN A 1 57 ? 1.135   -3.578  -5.514  1.00 8.21  ?  52  ASN A C   1 
ATOM   460 O O   . ASN A 1 57 ? 1.250   -3.743  -6.733  1.00 9.09  ?  52  ASN A O   1 
ATOM   461 C CB  . ASN A 1 57 ? -0.952  -2.279  -6.038  1.00 8.42  ?  52  ASN A CB  1 
ATOM   462 C CG  . ASN A 1 57 ? -1.746  -3.433  -6.548  1.00 8.32  ?  52  ASN A CG  1 
ATOM   463 O OD1 . ASN A 1 57 ? -1.661  -4.541  -6.005  1.00 9.05  ?  52  ASN A OD1 1 
ATOM   464 N ND2 . ASN A 1 57 ? -2.524  -3.197  -7.593  1.00 8.94  ?  52  ASN A ND2 1 
ATOM   465 N N   . PRO A 1 58 ? 1.956   -4.180  -4.651  1.00 8.11  ?  53  PRO A N   1 
ATOM   466 C CA  . PRO A 1 58 ? 3.124   -4.928  -5.146  1.00 8.36  ?  53  PRO A CA  1 
ATOM   467 C C   . PRO A 1 58 ? 2.790   -6.284  -5.749  1.00 9.12  ?  53  PRO A C   1 
ATOM   468 O O   . PRO A 1 58 ? 3.663   -6.880  -6.397  1.00 10.71 ?  53  PRO A O   1 
ATOM   469 C CB  . PRO A 1 58 ? 3.995   -5.084  -3.894  1.00 9.22  ?  53  PRO A CB  1 
ATOM   470 C CG  . PRO A 1 58 ? 3.025   -5.058  -2.767  1.00 9.17  ?  53  PRO A CG  1 
ATOM   471 C CD  . PRO A 1 58 ? 1.957   -4.076  -3.179  1.00 9.01  ?  53  PRO A CD  1 
ATOM   472 N N   . ASP A 1 59 ? 1.574   -6.798  -5.559  1.00 8.87  ?  54  ASP A N   1 
ATOM   473 C CA  . ASP A 1 59 ? 1.156   -8.046  -6.177  1.00 8.56  ?  54  ASP A CA  1 
ATOM   474 C C   . ASP A 1 59 ? 0.194   -7.837  -7.340  1.00 8.53  ?  54  ASP A C   1 
ATOM   475 O O   . ASP A 1 59 ? -0.433  -8.801  -7.791  1.00 9.28  ?  54  ASP A O   1 
ATOM   476 C CB  . ASP A 1 59 ? 0.565   -9.003  -5.141  1.00 9.33  ?  54  ASP A CB  1 
ATOM   477 C CG  . ASP A 1 59 ? -0.782  -8.553  -4.627  1.00 8.84  ?  54  ASP A CG  1 
ATOM   478 O OD1 . ASP A 1 59 ? -1.033  -7.335  -4.634  1.00 9.03  -1 54  ASP A OD1 1 
ATOM   479 O OD2 . ASP A 1 59 ? -1.577  -9.425  -4.206  1.00 9.28  ?  54  ASP A OD2 1 
ATOM   480 N N   . ASN A 1 60 ? 0.071   -6.610  -7.847  1.00 8.64  ?  55  ASN A N   1 
ATOM   481 C CA  . ASN A 1 60 ? -0.718  -6.351  -9.053  1.00 9.32  ?  55  ASN A CA  1 
ATOM   482 C C   . ASN A 1 60 ? -2.173  -6.786  -8.884  1.00 8.88  ?  55  ASN A C   1 
ATOM   483 O O   . ASN A 1 60 ? -2.790  -7.344  -9.794  1.00 10.10 ?  55  ASN A O   1 
ATOM   484 C CB  . ASN A 1 60 ? -0.081  -6.985  -10.293 1.00 11.81 ?  55  ASN A CB  1 
ATOM   485 C CG  . ASN A 1 60 ? 1.389   -6.635  -10.428 1.00 15.28 ?  55  ASN A CG  1 
ATOM   486 O OD1 . ASN A 1 60 ? 1.767   -5.475  -10.311 1.00 17.00 ?  55  ASN A OD1 1 
ATOM   487 N ND2 . ASN A 1 60 ? 2.226   -7.641  -10.640 1.00 17.20 ?  55  ASN A ND2 1 
ATOM   488 N N   . ASP A 1 61 ? -2.725  -6.529  -7.709  1.00 8.21  ?  56  ASP A N   1 
ATOM   489 C CA  . ASP A 1 61 ? -4.120  -6.850  -7.452  1.00 7.94  ?  56  ASP A CA  1 
ATOM   490 C C   . ASP A 1 61 ? -5.000  -5.944  -8.307  1.00 8.02  ?  56  ASP A C   1 
ATOM   491 O O   . ASP A 1 61 ? -4.853  -4.716  -8.260  1.00 7.85  ?  56  ASP A O   1 
ATOM   492 C CB  . ASP A 1 61 ? -4.392  -6.616  -5.967  1.00 7.97  ?  56  ASP A CB  1 
ATOM   493 C CG  . ASP A 1 61 ? -5.728  -7.170  -5.498  1.00 8.14  ?  56  ASP A CG  1 
ATOM   494 O OD1 . ASP A 1 61 ? -6.735  -7.054  -6.237  1.00 8.77  ?  56  ASP A OD1 1 
ATOM   495 O OD2 . ASP A 1 61 ? -5.771  -7.692  -4.355  1.00 9.03  -1 56  ASP A OD2 1 
ATOM   496 N N   . PRO A 1 62 ? -5.931  -6.493  -9.092  1.00 8.11  ?  57  PRO A N   1 
ATOM   497 C CA  A PRO A 1 62 ? -6.778  -5.615  -9.914  0.60 8.53  ?  57  PRO A CA  1 
ATOM   498 C CA  B PRO A 1 62 ? -6.804  -5.639  -9.914  0.40 8.40  ?  57  PRO A CA  1 
ATOM   499 C C   . PRO A 1 62 ? -7.673  -4.686  -9.107  1.00 7.84  ?  57  PRO A C   1 
ATOM   500 O O   . PRO A 1 62 ? -8.196  -3.715  -9.676  1.00 8.87  ?  57  PRO A O   1 
ATOM   501 C CB  A PRO A 1 62 ? -7.585  -6.597  -10.771 0.60 9.67  ?  57  PRO A CB  1 
ATOM   502 C CB  B PRO A 1 62 ? -7.644  -6.652  -10.705 0.40 9.31  ?  57  PRO A CB  1 
ATOM   503 C CG  A PRO A 1 62 ? -7.632  -7.828  -9.971  0.60 9.71  ?  57  PRO A CG  1 
ATOM   504 C CG  B PRO A 1 62 ? -6.810  -7.911  -10.727 0.40 9.43  ?  57  PRO A CG  1 
ATOM   505 C CD  A PRO A 1 62 ? -6.304  -7.909  -9.250  0.60 9.15  ?  57  PRO A CD  1 
ATOM   506 C CD  B PRO A 1 62 ? -6.082  -7.925  -9.411  0.40 8.89  ?  57  PRO A CD  1 
ATOM   507 N N   . GLN A 1 63 ? -7.864  -4.937  -7.811  1.00 8.00  ?  58  GLN A N   1 
ATOM   508 C CA  . GLN A 1 63 ? -8.621  -4.022  -6.966  1.00 7.97  ?  58  GLN A CA  1 
ATOM   509 C C   . GLN A 1 63 ? -7.782  -2.873  -6.419  1.00 8.43  ?  58  GLN A C   1 
ATOM   510 O O   . GLN A 1 63 ? -8.336  -1.998  -5.744  1.00 9.53  ?  58  GLN A O   1 
ATOM   511 C CB  . GLN A 1 63 ? -9.315  -4.769  -5.830  1.00 8.22  ?  58  GLN A CB  1 
ATOM   512 C CG  . GLN A 1 63 ? -10.409 -5.710  -6.309  1.00 8.34  ?  58  GLN A CG  1 
ATOM   513 C CD  . GLN A 1 63 ? -11.314 -6.115  -5.175  1.00 7.79  ?  58  GLN A CD  1 
ATOM   514 O OE1 . GLN A 1 63 ? -11.072 -7.124  -4.500  1.00 9.68  ?  58  GLN A OE1 1 
ATOM   515 N NE2 . GLN A 1 63 ? -12.323 -5.310  -4.911  1.00 7.43  ?  58  GLN A NE2 1 
ATOM   516 N N   . GLY A 1 64 ? -6.474  -2.851  -6.670  1.00 8.37  ?  59  GLY A N   1 
ATOM   517 C CA  . GLY A 1 64 ? -5.665  -1.702  -6.334  1.00 8.98  ?  59  GLY A CA  1 
ATOM   518 C C   . GLY A 1 64 ? -4.873  -1.840  -5.047  1.00 8.16  ?  59  GLY A C   1 
ATOM   519 O O   . GLY A 1 64 ? -4.788  -2.924  -4.444  1.00 8.54  ?  59  GLY A O   1 
ATOM   520 N N   . PRO A 1 65 ? -4.308  -0.723  -4.589  1.00 7.60  ?  60  PRO A N   1 
ATOM   521 C CA  . PRO A 1 65 ? -3.391  -0.748  -3.445  1.00 7.35  ?  60  PRO A CA  1 
ATOM   522 C C   . PRO A 1 65 ? -4.042  -1.149  -2.131  1.00 7.36  ?  60  PRO A C   1 
ATOM   523 O O   . PRO A 1 65 ? -5.252  -0.997  -1.903  1.00 7.93  ?  60  PRO A O   1 
ATOM   524 C CB  . PRO A 1 65 ? -2.859  0.689   -3.387  1.00 7.69  ?  60  PRO A CB  1 
ATOM   525 C CG  . PRO A 1 65 ? -2.992  1.179   -4.789  1.00 8.29  ?  60  PRO A CG  1 
ATOM   526 C CD  . PRO A 1 65 ? -4.269  0.570   -5.280  1.00 7.93  ?  60  PRO A CD  1 
ATOM   527 N N   . TRP A 1 66 ? -3.172  -1.622  -1.245  1.00 7.29  ?  61  TRP A N   1 
ATOM   528 C CA  . TRP A 1 66 ? -3.533  -2.221  0.031   1.00 7.57  ?  61  TRP A CA  1 
ATOM   529 C C   . TRP A 1 66 ? -2.330  -2.066  0.959   1.00 7.15  ?  61  TRP A C   1 
ATOM   530 O O   . TRP A 1 66 ? -1.273  -1.561  0.568   1.00 7.65  ?  61  TRP A O   1 
ATOM   531 C CB  . TRP A 1 66 ? -3.905  -3.701  -0.159  1.00 7.68  ?  61  TRP A CB  1 
ATOM   532 C CG  . TRP A 1 66 ? -2.867  -4.501  -0.916  1.00 7.55  ?  61  TRP A CG  1 
ATOM   533 C CD1 . TRP A 1 66 ? -2.774  -4.650  -2.274  1.00 7.70  ?  61  TRP A CD1 1 
ATOM   534 C CD2 . TRP A 1 66 ? -1.777  -5.246  -0.355  1.00 7.87  ?  61  TRP A CD2 1 
ATOM   535 N NE1 . TRP A 1 66 ? -1.690  -5.446  -2.593  1.00 8.28  ?  61  TRP A NE1 1 
ATOM   536 C CE2 . TRP A 1 66 ? -1.062  -5.810  -1.432  1.00 8.28  ?  61  TRP A CE2 1 
ATOM   537 C CE3 . TRP A 1 66 ? -1.329  -5.485  0.952   1.00 8.04  ?  61  TRP A CE3 1 
ATOM   538 C CZ2 . TRP A 1 66 ? 0.064   -6.613  -1.241  1.00 8.69  ?  61  TRP A CZ2 1 
ATOM   539 C CZ3 . TRP A 1 66 ? -0.204  -6.286  1.140   1.00 8.48  ?  61  TRP A CZ3 1 
ATOM   540 C CH2 . TRP A 1 66 ? 0.478   -6.833  0.045   1.00 9.02  ?  61  TRP A CH2 1 
ATOM   541 N N   . CYS A 1 67 ? -2.501  -2.494  2.203   1.00 7.57  ?  62  CYS A N   1 
ATOM   542 C CA  . CYS A 1 67 ? -1.360  -2.582  3.102   1.00 7.40  ?  62  CYS A CA  1 
ATOM   543 C C   . CYS A 1 67 ? -1.633  -3.674  4.124   1.00 7.76  ?  62  CYS A C   1 
ATOM   544 O O   . CYS A 1 67 ? -2.786  -4.033  4.374   1.00 8.05  ?  62  CYS A O   1 
ATOM   545 C CB  . CYS A 1 67 ? -1.072  -1.257  3.809   1.00 8.30  ?  62  CYS A CB  1 
ATOM   546 S SG  . CYS A 1 67 ? -2.454  -0.668  4.794   1.00 8.55  ?  62  CYS A SG  1 
ATOM   547 N N   . PHE A 1 68 ? -0.567  -4.180  4.734   1.00 7.78  ?  63  PHE A N   1 
ATOM   548 C CA  . PHE A 1 68 ? -0.732  -4.917  5.980   1.00 8.13  ?  63  PHE A CA  1 
ATOM   549 C C   . PHE A 1 68 ? -1.192  -3.927  7.040   1.00 8.32  ?  63  PHE A C   1 
ATOM   550 O O   . PHE A 1 68 ? -0.794  -2.759  7.004   1.00 8.42  ?  63  PHE A O   1 
ATOM   551 C CB  . PHE A 1 68 ? 0.589   -5.599  6.360   1.00 8.38  ?  63  PHE A CB  1 
ATOM   552 C CG  . PHE A 1 68 ? 1.018   -6.625  5.350   1.00 8.56  ?  63  PHE A CG  1 
ATOM   553 C CD1 . PHE A 1 68 ? 0.330   -7.820  5.234   1.00 9.09  ?  63  PHE A CD1 1 
ATOM   554 C CD2 . PHE A 1 68 ? 2.062   -6.375  4.476   1.00 8.86  ?  63  PHE A CD2 1 
ATOM   555 C CE1 . PHE A 1 68 ? 0.679   -8.756  4.281   1.00 9.11  ?  63  PHE A CE1 1 
ATOM   556 C CE2 . PHE A 1 68 ? 2.425   -7.313  3.524   1.00 9.12  ?  63  PHE A CE2 1 
ATOM   557 C CZ  . PHE A 1 68 ? 1.720   -8.504  3.421   1.00 9.19  ?  63  PHE A CZ  1 
ATOM   558 N N   . THR A 1 69 ? -2.064  -4.358  7.961   1.00 8.80  ?  64  THR A N   1 
ATOM   559 C CA  . THR A 1 69 ? -2.636  -3.386  8.894   1.00 9.47  ?  64  THR A CA  1 
ATOM   560 C C   . THR A 1 69 ? -2.026  -3.536  10.285  1.00 9.72  ?  64  THR A C   1 
ATOM   561 O O   . THR A 1 69 ? -1.504  -4.588  10.662  1.00 10.39 ?  64  THR A O   1 
ATOM   562 C CB  . THR A 1 69 ? -4.177  -3.455  9.024   1.00 10.08 ?  64  THR A CB  1 
ATOM   563 O OG1 . THR A 1 69 ? -4.567  -4.413  10.024  1.00 10.82 ?  64  THR A OG1 1 
ATOM   564 C CG2 . THR A 1 69 ? -4.837  -3.810  7.690   1.00 10.52 ?  64  THR A CG2 1 
ATOM   565 N N   . THR A 1 70 ? -2.135  -2.463  11.070  1.00 10.08 ?  65  THR A N   1 
ATOM   566 C CA  . THR A 1 70 ? -1.665  -2.506  12.448  1.00 11.04 ?  65  THR A CA  1 
ATOM   567 C C   . THR A 1 70 ? -2.622  -3.233  13.388  1.00 11.19 ?  65  THR A C   1 
ATOM   568 O O   . THR A 1 70 ? -2.273  -3.426  14.556  1.00 12.29 ?  65  THR A O   1 
ATOM   569 C CB  . THR A 1 70 ? -1.372  -1.100  12.983  1.00 12.43 ?  65  THR A CB  1 
ATOM   570 O OG1 . THR A 1 70 ? -2.520  -0.261  12.807  1.00 13.35 ?  65  THR A OG1 1 
ATOM   571 C CG2 . THR A 1 70 ? -0.166  -0.488  12.270  1.00 12.93 ?  65  THR A CG2 1 
ATOM   572 N N   . ASP A 1 71 ? -3.814  -3.613  12.922  1.00 11.22 ?  66  ASP A N   1 
ATOM   573 C CA  A ASP A 1 71 ? -4.695  -4.450  13.722  0.64 12.05 ?  66  ASP A CA  1 
ATOM   574 C CA  B ASP A 1 71 ? -4.709  -4.453  13.714  0.36 11.84 ?  66  ASP A CA  1 
ATOM   575 C C   . ASP A 1 71 ? -4.159  -5.873  13.705  1.00 11.77 ?  66  ASP A C   1 
ATOM   576 O O   . ASP A 1 71 ? -4.049  -6.475  12.626  1.00 11.29 ?  66  ASP A O   1 
ATOM   577 C CB  A ASP A 1 71 ? -6.116  -4.423  13.169  0.64 12.92 ?  66  ASP A CB  1 
ATOM   578 C CB  B ASP A 1 71 ? -6.111  -4.412  13.097  0.36 12.44 ?  66  ASP A CB  1 
ATOM   579 C CG  A ASP A 1 71 ? -7.116  -5.125  14.078  0.64 13.77 ?  66  ASP A CG  1 
ATOM   580 C CG  B ASP A 1 71 ? -7.148  -5.192  13.903  0.36 12.81 ?  66  ASP A CG  1 
ATOM   581 O OD1 A ASP A 1 71 ? -6.859  -6.273  14.500  0.64 13.50 ?  66  ASP A OD1 1 
ATOM   582 O OD1 B ASP A 1 71 ? -6.779  -5.853  14.896  0.36 12.59 ?  66  ASP A OD1 1 
ATOM   583 O OD2 A ASP A 1 71 ? -8.169  -4.527  14.366  0.64 14.77 -1 66  ASP A OD2 1 
ATOM   584 O OD2 B ASP A 1 71 ? -8.345  -5.140  13.536  0.36 13.30 -1 66  ASP A OD2 1 
ATOM   585 N N   . PRO A 1 72 ? -3.801  -6.445  14.855  1.00 13.35 ?  67  PRO A N   1 
ATOM   586 C CA  . PRO A 1 72 ? -3.199  -7.787  14.841  1.00 14.19 ?  67  PRO A CA  1 
ATOM   587 C C   . PRO A 1 72 ? -4.126  -8.865  14.309  1.00 13.51 ?  67  PRO A C   1 
ATOM   588 O O   . PRO A 1 72 ? -3.653  -9.950  13.952  1.00 14.76 ?  67  PRO A O   1 
ATOM   589 C CB  . PRO A 1 72 ? -2.828  -8.024  16.314  1.00 15.35 ?  67  PRO A CB  1 
ATOM   590 C CG  . PRO A 1 72 ? -3.770  -7.148  17.076  1.00 15.97 ?  67  PRO A CG  1 
ATOM   591 C CD  . PRO A 1 72 ? -3.926  -5.916  16.225  1.00 14.95 ?  67  PRO A CD  1 
ATOM   592 N N   . ASN A 1 73 ? -5.426  -8.597  14.225  1.00 12.60 ?  68  ASN A N   1 
ATOM   593 C CA  . ASN A 1 73 ? -6.395  -9.570  13.745  1.00 12.80 ?  68  ASN A CA  1 
ATOM   594 C C   . ASN A 1 73 ? -6.877  -9.285  12.327  1.00 12.36 ?  68  ASN A C   1 
ATOM   595 O O   . ASN A 1 73 ? -7.814  -9.941  11.861  1.00 14.03 ?  68  ASN A O   1 
ATOM   596 C CB  . ASN A 1 73 ? -7.578  -9.645  14.704  1.00 14.95 ?  68  ASN A CB  1 
ATOM   597 C CG  . ASN A 1 73 ? -7.179  -10.160 16.064  1.00 18.12 ?  68  ASN A CG  1 
ATOM   598 O OD1 . ASN A 1 73 ? -6.837  -11.331 16.213  1.00 19.99 ?  68  ASN A OD1 1 
ATOM   599 N ND2 . ASN A 1 73 ? -7.215  -9.293  17.063  1.00 19.44 ?  68  ASN A ND2 1 
ATOM   600 N N   . LYS A 1 74 ? -6.264  -8.333  11.625  1.00 11.21 ?  69  LYS A N   1 
ATOM   601 C CA  . LYS A 1 74 ? -6.589  -8.089  10.220  1.00 11.15 ?  69  LYS A CA  1 
ATOM   602 C C   . LYS A 1 74 ? -5.278  -7.959  9.455   1.00 10.22 ?  69  LYS A C   1 
ATOM   603 O O   . LYS A 1 74 ? -4.630  -6.907  9.478   1.00 9.93  ?  69  LYS A O   1 
ATOM   604 C CB  . LYS A 1 74 ? -7.465  -6.862  10.022  1.00 12.24 ?  69  LYS A CB  1 
ATOM   605 C CG  . LYS A 1 74 ? -7.981  -6.772  8.587   1.00 13.91 ?  69  LYS A CG  1 
ATOM   606 C CD  . LYS A 1 74 ? -8.671  -5.459  8.277   1.00 16.28 ?  69  LYS A CD  1 
ATOM   607 C CE  . LYS A 1 74 ? -9.932  -5.289  9.087   1.00 18.38 ?  69  LYS A CE  1 
ATOM   608 N NZ  . LYS A 1 74 ? -10.858 -4.317  8.448   1.00 20.07 1  69  LYS A NZ  1 
ATOM   609 N N   . ARG A 1 75 ? -4.908  -9.025  8.750   1.00 9.65  ?  70  ARG A N   1 
ATOM   610 C CA  . ARG A 1 75 ? -3.598  -9.075  8.118   1.00 9.00  ?  70  ARG A CA  1 
ATOM   611 C C   . ARG A 1 75 ? -3.416  -7.949  7.104   1.00 8.71  ?  70  ARG A C   1 
ATOM   612 O O   . ARG A 1 75 ? -2.396  -7.251  7.121   1.00 9.03  ?  70  ARG A O   1 
ATOM   613 C CB  . ARG A 1 75 ? -3.381  -10.442 7.484   1.00 9.52  ?  70  ARG A CB  1 
ATOM   614 C CG  . ARG A 1 75 ? -2.049  -10.580 6.785   1.00 9.84  ?  70  ARG A CG  1 
ATOM   615 C CD  . ARG A 1 75 ? -1.803  -12.031 6.365   1.00 10.06 ?  70  ARG A CD  1 
ATOM   616 N NE  . ARG A 1 75 ? -0.603  -12.139 5.538   1.00 9.96  ?  70  ARG A NE  1 
ATOM   617 C CZ  . ARG A 1 75 ? 0.642   -12.158 6.007   1.00 10.07 ?  70  ARG A CZ  1 
ATOM   618 N NH1 . ARG A 1 75 ? 0.885   -12.118 7.315   1.00 10.88 1  70  ARG A NH1 1 
ATOM   619 N NH2 . ARG A 1 75 ? 1.656   -12.215 5.158   1.00 10.86 ?  70  ARG A NH2 1 
ATOM   620 N N   . TRP A 1 76 ? -4.381  -7.768  6.206   1.00 8.49  ?  71  TRP A N   1 
ATOM   621 C CA  . TRP A 1 76 ? -4.262  -6.751  5.171   1.00 8.79  ?  71  TRP A CA  1 
ATOM   622 C C   . TRP A 1 76 ? -5.646  -6.220  4.831   1.00 8.65  ?  71  TRP A C   1 
ATOM   623 O O   . TRP A 1 76 ? -6.666  -6.835  5.150   1.00 8.98  ?  71  TRP A O   1 
ATOM   624 C CB  . TRP A 1 76 ? -3.581  -7.298  3.908   1.00 8.87  ?  71  TRP A CB  1 
ATOM   625 C CG  . TRP A 1 76 ? -4.357  -8.389  3.230   1.00 9.19  ?  71  TRP A CG  1 
ATOM   626 C CD1 . TRP A 1 76 ? -4.257  -9.729  3.459   1.00 9.43  ?  71  TRP A CD1 1 
ATOM   627 C CD2 . TRP A 1 76 ? -5.358  -8.226  2.222   1.00 9.46  ?  71  TRP A CD2 1 
ATOM   628 N NE1 . TRP A 1 76 ? -5.136  -10.419 2.658   1.00 10.14 ?  71  TRP A NE1 1 
ATOM   629 C CE2 . TRP A 1 76 ? -5.824  -9.516  1.888   1.00 10.26 ?  71  TRP A CE2 1 
ATOM   630 C CE3 . TRP A 1 76 ? -5.901  -7.119  1.561   1.00 10.11 ?  71  TRP A CE3 1 
ATOM   631 C CZ2 . TRP A 1 76 ? -6.806  -9.724  0.924   1.00 11.78 ?  71  TRP A CZ2 1 
ATOM   632 C CZ3 . TRP A 1 76 ? -6.875  -7.325  0.609   1.00 11.60 ?  71  TRP A CZ3 1 
ATOM   633 C CH2 . TRP A 1 76 ? -7.320  -8.621  0.294   1.00 12.21 ?  71  TRP A CH2 1 
ATOM   634 N N   . GLU A 1 77 ? -5.664  -5.058  4.182   1.00 8.56  ?  72  GLU A N   1 
ATOM   635 C CA  . GLU A 1 77 ? -6.907  -4.448  3.732   1.00 8.74  ?  72  GLU A CA  1 
ATOM   636 C C   . GLU A 1 77 ? -6.599  -3.488  2.588   1.00 8.21  ?  72  GLU A C   1 
ATOM   637 O O   . GLU A 1 77 ? -5.538  -2.861  2.568   1.00 8.59  ?  72  GLU A O   1 
ATOM   638 C CB  . GLU A 1 77 ? -7.602  -3.711  4.881   1.00 9.79  ?  72  GLU A CB  1 
ATOM   639 C CG  . GLU A 1 77 ? -9.010  -3.255  4.574   1.00 10.88 ?  72  GLU A CG  1 
ATOM   640 C CD  . GLU A 1 77 ? -9.617  -2.414  5.687   1.00 12.35 ?  72  GLU A CD  1 
ATOM   641 O OE1 . GLU A 1 77 ? -10.683 -1.822  5.440   0.56 12.81 ?  72  GLU A OE1 1 
ATOM   642 O OE2 . GLU A 1 77 ? -9.038  -2.327  6.792   1.00 12.97 -1 72  GLU A OE2 1 
ATOM   643 N N   . TYR A 1 78 ? -7.526  -3.393  1.630   1.00 8.27  ?  73  TYR A N   1 
ATOM   644 C CA  . TYR A 1 78 ? -7.410  -2.368  0.595   1.00 8.56  ?  73  TYR A CA  1 
ATOM   645 C C   . TYR A 1 78 ? -7.465  -0.976  1.206   1.00 7.58  ?  73  TYR A C   1 
ATOM   646 O O   . TYR A 1 78 ? -8.073  -0.750  2.257   1.00 8.18  ?  73  TYR A O   1 
ATOM   647 C CB  . TYR A 1 78 ? -8.528  -2.495  -0.451  1.00 8.46  ?  73  TYR A CB  1 
ATOM   648 C CG  . TYR A 1 78 ? -8.439  -3.785  -1.211  1.00 8.50  ?  73  TYR A CG  1 
ATOM   649 C CD1 . TYR A 1 78 ? -7.341  -4.070  -2.019  1.00 8.48  ?  73  TYR A CD1 1 
ATOM   650 C CD2 . TYR A 1 78 ? -9.418  -4.751  -1.076  1.00 8.70  ?  73  TYR A CD2 1 
ATOM   651 C CE1 . TYR A 1 78 ? -7.235  -5.273  -2.691  1.00 8.55  ?  73  TYR A CE1 1 
ATOM   652 C CE2 . TYR A 1 78 ? -9.331  -5.949  -1.742  1.00 9.12  ?  73  TYR A CE2 1 
ATOM   653 C CZ  . TYR A 1 78 ? -8.231  -6.210  -2.536  1.00 8.48  ?  73  TYR A CZ  1 
ATOM   654 O OH  . TYR A 1 78 ? -8.144  -7.422  -3.173  1.00 9.01  ?  73  TYR A OH  1 
ATOM   655 N N   . CYS A 1 79 ? -6.827  -0.044  0.516   1.00 8.33  ?  74  CYS A N   1 
ATOM   656 C CA  . CYS A 1 79 ? -6.947  1.376   0.787   1.00 8.42  ?  74  CYS A CA  1 
ATOM   657 C C   . CYS A 1 79 ? -7.885  2.002   -0.239  1.00 9.61  ?  74  CYS A C   1 
ATOM   658 O O   . CYS A 1 79 ? -8.252  1.379   -1.239  1.00 11.96 ?  74  CYS A O   1 
ATOM   659 C CB  . CYS A 1 79 ? -5.569  2.034   0.740   1.00 8.96  ?  74  CYS A CB  1 
ATOM   660 S SG  . CYS A 1 79 ? -4.368  1.167   1.741   1.00 8.61  ?  74  CYS A SG  1 
ATOM   661 N N   . ASP A 1 80 ? -8.289  3.243   0.024   1.00 9.74  ?  75  ASP A N   1 
ATOM   662 C CA  . ASP A 1 80 ? -9.161  3.986   -0.889  1.00 11.40 ?  75  ASP A CA  1 
ATOM   663 C C   . ASP A 1 80 ? -8.315  5.008   -1.642  1.00 10.53 ?  75  ASP A C   1 
ATOM   664 O O   . ASP A 1 80 ? -8.192  6.162   -1.236  1.00 12.43 ?  75  ASP A O   1 
ATOM   665 C CB  . ASP A 1 80 ? -10.312 4.657   -0.146  1.00 14.33 ?  75  ASP A CB  1 
ATOM   666 C CG  . ASP A 1 80 ? -11.372 5.202   -1.086  1.00 17.11 ?  75  ASP A CG  1 
ATOM   667 O OD1 . ASP A 1 80 ? -11.459 4.714   -2.232  1.00 18.09 ?  75  ASP A OD1 1 
ATOM   668 O OD2 . ASP A 1 80 ? -12.122 6.107   -0.675  1.00 19.38 -1 75  ASP A OD2 1 
ATOM   669 N N   . ILE A 1 81 ? -7.699  4.568   -2.731  1.00 9.59  ?  76  ILE A N   1 
ATOM   670 C CA  . ILE A 1 81 ? -6.876  5.430   -3.573  1.00 9.47  ?  76  ILE A CA  1 
ATOM   671 C C   . ILE A 1 81 ? -7.712  5.797   -4.794  1.00 9.75  ?  76  ILE A C   1 
ATOM   672 O O   . ILE A 1 81 ? -8.107  4.895   -5.542  1.00 10.96 ?  76  ILE A O   1 
ATOM   673 C CB  . ILE A 1 81 ? -5.580  4.727   -4.012  1.00 9.91  ?  76  ILE A CB  1 
ATOM   674 C CG1 . ILE A 1 81 ? -4.910  3.978   -2.851  1.00 10.26 ?  76  ILE A CG1 1 
ATOM   675 C CG2 . ILE A 1 81 ? -4.654  5.729   -4.665  1.00 10.79 ?  76  ILE A CG2 1 
ATOM   676 C CD1 . ILE A 1 81 ? -4.527  4.844   -1.667  1.00 10.54 ?  76  ILE A CD1 1 
ATOM   677 N N   . PRO A 1 82 ? -7.989  7.069   -5.045  1.00 9.14  ?  77  PRO A N   1 
ATOM   678 C CA  . PRO A 1 82 ? -8.819  7.396   -6.204  1.00 9.39  ?  77  PRO A CA  1 
ATOM   679 C C   . PRO A 1 82 ? -8.068  7.133   -7.498  1.00 9.00  ?  77  PRO A C   1 
ATOM   680 O O   . PRO A 1 82 ? -6.857  7.365   -7.597  1.00 9.74  ?  77  PRO A O   1 
ATOM   681 C CB  . PRO A 1 82 ? -9.137  8.883   -6.016  1.00 10.93 ?  77  PRO A CB  1 
ATOM   682 C CG  . PRO A 1 82 ? -8.041  9.398   -5.167  1.00 11.10 ?  77  PRO A CG  1 
ATOM   683 C CD  . PRO A 1 82 ? -7.594  8.263   -4.283  1.00 9.85  ?  77  PRO A CD  1 
ATOM   684 N N   . ARG A 1 83 ? -8.801  6.629   -8.490  1.00 9.91  ?  78  ARG A N   1 
ATOM   685 C CA  A ARG A 1 83 ? -8.233  6.399   -9.812  0.57 9.81  ?  78  ARG A CA  1 
ATOM   686 C CA  B ARG A 1 83 ? -8.226  6.405   -9.808  0.43 10.24 ?  78  ARG A CA  1 
ATOM   687 C C   . ARG A 1 83 ? -8.267  7.699   -10.609 1.00 9.68  ?  78  ARG A C   1 
ATOM   688 O O   . ARG A 1 83 ? -9.291  8.391   -10.639 1.00 10.51 ?  78  ARG A O   1 
ATOM   689 C CB  A ARG A 1 83 ? -8.992  5.284   -10.541 0.57 10.07 ?  78  ARG A CB  1 
ATOM   690 C CB  B ARG A 1 83 ? -8.970  5.282   -10.531 0.43 11.30 ?  78  ARG A CB  1 
ATOM   691 C CG  A ARG A 1 83 ? -8.883  3.924   -9.849  0.57 10.92 ?  78  ARG A CG  1 
ATOM   692 C CG  B ARG A 1 83 ? -8.689  3.921   -9.918  0.43 12.78 ?  78  ARG A CG  1 
ATOM   693 C CD  A ARG A 1 83 ? -9.730  2.832   -10.521 0.57 12.01 ?  78  ARG A CD  1 
ATOM   694 C CD  B ARG A 1 83 ? -9.736  2.880   -10.273 0.43 13.98 ?  78  ARG A CD  1 
ATOM   695 N NE  A ARG A 1 83 ? -9.127  2.264   -11.729 0.57 12.57 ?  78  ARG A NE  1 
ATOM   696 N NE  B ARG A 1 83 ? -9.962  1.964   -9.157  0.43 14.88 ?  78  ARG A NE  1 
ATOM   697 C CZ  A ARG A 1 83 ? -8.634  1.031   -11.832 0.57 13.09 ?  78  ARG A CZ  1 
ATOM   698 C CZ  B ARG A 1 83 ? -9.452  0.739   -9.067  0.43 14.63 ?  78  ARG A CZ  1 
ATOM   699 N NH1 A ARG A 1 83 ? -8.120  0.620   -12.983 0.57 13.15 1  78  ARG A NH1 1 
ATOM   700 N NH1 B ARG A 1 83 ? -9.714  -0.010  -8.003  0.43 12.83 1  78  ARG A NH1 1 
ATOM   701 N NH2 A ARG A 1 83 ? -8.636  0.204   -10.796 0.57 13.24 ?  78  ARG A NH2 1 
ATOM   702 N NH2 B ARG A 1 83 ? -8.680  0.260   -10.033 0.43 15.33 ?  78  ARG A NH2 1 
ATOM   703 N N   . CYS A 1 84 ? -7.139  8.042   -11.226 1.00 9.95  ?  79  CYS A N   1 
ATOM   704 C CA  . CYS A 1 84 ? -7.067  9.252   -12.028 1.00 10.46 ?  79  CYS A CA  1 
ATOM   705 C C   . CYS A 1 84 ? -8.085  9.182   -13.157 1.00 11.07 ?  79  CYS A C   1 
ATOM   706 O O   . CYS A 1 84 ? -8.299  8.126   -13.763 1.00 12.34 ?  79  CYS A O   1 
ATOM   707 C CB  . CYS A 1 84 ? -5.667  9.411   -12.621 1.00 11.25 ?  79  CYS A CB  1 
ATOM   708 S SG  . CYS A 1 84 ? -4.302  9.506   -11.430 1.00 11.46 ?  79  CYS A SG  1 
ATOM   709 N N   . ALA A 1 85 ? -8.715  10.315  -13.443 1.00 11.70 ?  80  ALA A N   1 
ATOM   710 C CA  . ALA A 1 85 ? -9.650  10.396  -14.556 1.00 13.18 ?  80  ALA A CA  1 
ATOM   711 C C   . ALA A 1 85 ? -8.921  10.188  -15.870 1.00 17.69 ?  80  ALA A C   1 
ATOM   712 O O   . ALA A 1 85 ? -7.726  10.449  -15.968 1.00 19.13 ?  80  ALA A O   1 
ATOM   713 C CB  . ALA A 1 85 ? -10.348 11.730  -14.554 1.00 15.77 ?  80  ALA A CB  1 
HETATM 714 C C   . ACA B 2 .  ? 0.159   -11.745 1.946   1.00 12.86 ?  101 ACA A C   1 
HETATM 715 O O   . ACA B 2 .  ? 1.380   -11.696 2.241   1.00 15.84 ?  101 ACA A O   1 
HETATM 716 O OXT . ACA B 2 .  ? -0.665  -12.209 2.773   1.00 15.97 ?  101 ACA A OXT 1 
HETATM 717 C C2  . ACA B 2 .  ? -0.317  -11.245 0.582   1.00 17.65 ?  101 ACA A C2  1 
HETATM 718 C C3  . ACA B 2 .  ? -1.569  -10.390 0.758   1.00 12.67 ?  101 ACA A C3  1 
HETATM 719 C C4  . ACA B 2 .  ? -2.007  -9.788  -0.579  1.00 14.34 ?  101 ACA A C4  1 
HETATM 720 C C5  . ACA B 2 .  ? -3.303  -9.026  -0.337  1.00 13.91 ?  101 ACA A C5  1 
HETATM 721 C C6  . ACA B 2 .  ? -3.733  -8.180  -1.535  1.00 11.16 ?  101 ACA A C6  1 
HETATM 722 N N   . ACA B 2 .  ? -3.896  -8.979  -2.742  1.00 9.67  ?  101 ACA A N   1 
HETATM 723 O O   . HOH C 3 .  ? 1.471   -12.452 -2.929  1.00 22.55 ?  201 HOH A O   1 
HETATM 724 O O   . HOH C 3 .  ? -11.324 2.478   -3.186  1.00 26.31 ?  202 HOH A O   1 
HETATM 725 O O   . HOH C 3 .  ? -12.608 -2.842  4.168   1.00 33.60 ?  203 HOH A O   1 
HETATM 726 O O   . HOH C 3 .  ? -6.270  4.617   12.144  1.00 37.90 ?  204 HOH A O   1 
HETATM 727 O O   . HOH C 3 .  ? -10.376 -4.233  12.284  1.00 22.44 ?  205 HOH A O   1 
HETATM 728 O O   . HOH C 3 .  ? -10.383 1.899   -6.390  1.00 28.80 ?  206 HOH A O   1 
HETATM 729 O O   . HOH C 3 .  ? -9.184  -7.074  4.520   1.00 27.60 ?  207 HOH A O   1 
HETATM 730 O O   . HOH C 3 .  ? -0.931  18.159  -8.266  1.00 12.63 ?  208 HOH A O   1 
HETATM 731 O O   . HOH C 3 .  ? 13.325  0.554   3.067   1.00 18.23 ?  209 HOH A O   1 
HETATM 732 O O   . HOH C 3 .  ? 3.351   -4.202  -8.611  1.00 25.58 ?  210 HOH A O   1 
HETATM 733 O O   . HOH C 3 .  ? -2.578  9.817   -2.677  1.00 8.97  ?  211 HOH A O   1 
HETATM 734 O O   . HOH C 3 .  ? 3.973   -12.273 2.232   1.00 14.69 ?  212 HOH A O   1 
HETATM 735 O O   . HOH C 3 .  ? 5.458   11.314  -8.722  1.00 28.07 ?  213 HOH A O   1 
HETATM 736 O O   . HOH C 3 .  ? -0.672  -14.633 1.662   1.00 40.48 ?  214 HOH A O   1 
HETATM 737 O O   . HOH C 3 .  ? 6.946   10.151  -6.442  1.00 41.66 ?  215 HOH A O   1 
HETATM 738 O O   . HOH C 3 .  ? 5.319   -11.011 13.767  1.00 30.61 ?  216 HOH A O   1 
HETATM 739 O O   . HOH C 3 .  ? -5.000  11.311  -2.606  1.00 9.04  ?  217 HOH A O   1 
HETATM 740 O O   . HOH C 3 .  ? -8.346  6.586   10.997  1.00 32.27 ?  218 HOH A O   1 
HETATM 741 O O   . HOH C 3 .  ? 3.380   -2.290  13.095  1.00 29.72 ?  219 HOH A O   1 
HETATM 742 O O   . HOH C 3 .  ? 11.228  1.892   6.095   1.00 17.53 ?  220 HOH A O   1 
HETATM 743 O O   . HOH C 3 .  ? 0.054   7.762   -9.340  1.00 13.27 ?  221 HOH A O   1 
HETATM 744 O O   . HOH C 3 .  ? 5.046   6.055   8.067   1.00 28.70 ?  222 HOH A O   1 
HETATM 745 O O   . HOH C 3 .  ? -7.703  4.721   2.364   1.00 13.93 ?  223 HOH A O   1 
HETATM 746 O O   . HOH C 3 .  ? -3.545  -7.577  -12.405 1.00 33.79 ?  224 HOH A O   1 
HETATM 747 O O   . HOH C 3 .  ? 3.395   7.536   -10.322 1.00 17.58 ?  225 HOH A O   1 
HETATM 748 O O   . HOH C 3 .  ? 4.479   -2.025  -8.283  1.00 21.48 ?  226 HOH A O   1 
HETATM 749 O O   . HOH C 3 .  ? -8.910  -2.854  -12.171 1.00 11.71 ?  227 HOH A O   1 
HETATM 750 O O   . HOH C 3 .  ? -4.503  17.843  -5.974  1.00 17.52 ?  228 HOH A O   1 
HETATM 751 O O   . HOH C 3 .  ? -0.105  -2.890  16.151  1.00 31.03 ?  229 HOH A O   1 
HETATM 752 O O   . HOH C 3 .  ? -12.094 -2.379  9.958   1.00 23.75 ?  230 HOH A O   1 
HETATM 753 O O   . HOH C 3 .  ? 4.473   2.115   -6.983  1.00 16.48 ?  231 HOH A O   1 
HETATM 754 O O   . HOH C 3 .  ? -11.012 7.114   -3.501  1.00 41.74 ?  232 HOH A O   1 
HETATM 755 O O   . HOH C 3 .  ? 8.761   0.542   5.562   1.00 11.65 ?  233 HOH A O   1 
HETATM 756 O O   . HOH C 3 .  ? 4.787   10.879  -2.801  1.00 23.75 ?  234 HOH A O   1 
HETATM 757 O O   . HOH C 3 .  ? -4.381  6.635   11.400  1.00 35.44 ?  235 HOH A O   1 
HETATM 758 O O   . HOH C 3 .  ? 2.525   1.793   11.322  1.00 22.13 ?  236 HOH A O   1 
HETATM 759 O O   . HOH C 3 .  ? 1.804   0.533   -5.792  1.00 13.33 ?  237 HOH A O   1 
HETATM 760 O O   . HOH C 3 .  ? 13.955  -3.038  2.868   1.00 11.00 ?  238 HOH A O   1 
HETATM 761 O O   . HOH C 3 .  ? 10.218  -1.166  -2.698  1.00 15.60 ?  239 HOH A O   1 
HETATM 762 O O   . HOH C 3 .  ? -14.064 7.339   -2.238  1.00 30.03 ?  240 HOH A O   1 
HETATM 763 O O   . HOH C 3 .  ? -7.604  -1.997  15.373  1.00 27.42 ?  241 HOH A O   1 
HETATM 764 O O   . HOH C 3 .  ? -0.558  -12.213 9.804   1.00 13.39 ?  242 HOH A O   1 
HETATM 765 O O   . HOH C 3 .  ? 3.901   -1.338  -5.630  1.00 16.01 ?  243 HOH A O   1 
HETATM 766 O O   . HOH C 3 .  ? -8.784  -8.885  -5.731  1.00 8.66  ?  244 HOH A O   1 
HETATM 767 O O   . HOH C 3 .  ? 3.697   -4.812  16.811  1.00 33.21 ?  245 HOH A O   1 
HETATM 768 O O   . HOH C 3 .  ? -0.162  2.904   -11.635 1.00 18.66 ?  246 HOH A O   1 
HETATM 769 O O   . HOH C 3 .  ? -7.573  -0.520  -3.483  1.00 10.97 ?  247 HOH A O   1 
HETATM 770 O O   . HOH C 3 .  ? 7.753   -9.235  -8.566  1.00 33.11 ?  248 HOH A O   1 
HETATM 771 O O   . HOH C 3 .  ? -11.023 8.239   0.786   1.00 34.84 ?  249 HOH A O   1 
HETATM 772 O O   . HOH C 3 .  ? 17.942  -3.226  -2.777  1.00 22.38 ?  250 HOH A O   1 
HETATM 773 O O   . HOH C 3 .  ? -10.462 6.373   -14.172 1.00 17.50 ?  251 HOH A O   1 
HETATM 774 O O   . HOH C 3 .  ? 11.564  2.352   -3.280  1.00 32.67 ?  252 HOH A O   1 
HETATM 775 O O   . HOH C 3 .  ? 11.425  1.834   1.761   1.00 24.48 ?  253 HOH A O   1 
HETATM 776 O O   . HOH C 3 .  ? -12.094 8.163   -10.325 1.00 46.40 ?  254 HOH A O   1 
HETATM 777 O O   . HOH C 3 .  ? 2.013   -2.789  4.702   1.00 9.18  ?  255 HOH A O   1 
HETATM 778 O O   . HOH C 3 .  ? 5.590   10.183  6.105   1.00 42.31 ?  256 HOH A O   1 
HETATM 779 O O   . HOH C 3 .  ? -0.315  5.476   -10.564 1.00 20.54 ?  257 HOH A O   1 
HETATM 780 O O   . HOH C 3 .  ? -2.914  -9.777  -6.690  1.00 9.40  ?  258 HOH A O   1 
HETATM 781 O O   . HOH C 3 .  ? 9.231   -12.231 10.089  1.00 10.13 ?  259 HOH A O   1 
HETATM 782 O O   . HOH C 3 .  ? 10.007  -6.198  6.638   1.00 11.10 ?  260 HOH A O   1 
HETATM 783 O O   . HOH C 3 .  ? -6.464  -11.443 8.784   1.00 23.38 ?  261 HOH A O   1 
HETATM 784 O O   . HOH C 3 .  ? -5.353  2.356   13.249  1.00 19.32 ?  262 HOH A O   1 
HETATM 785 O O   . HOH C 3 .  ? 4.418   -0.390  11.434  1.00 15.47 ?  263 HOH A O   1 
HETATM 786 O O   . HOH C 3 .  ? -10.268 -9.116  10.564  1.00 33.71 ?  264 HOH A O   1 
HETATM 787 O O   . HOH C 3 .  ? -11.564 5.876   -8.059  1.00 23.57 ?  265 HOH A O   1 
HETATM 788 O O   . HOH C 3 .  ? 10.741  3.529   4.067   1.00 14.49 ?  266 HOH A O   1 
HETATM 789 O O   . HOH C 3 .  ? -9.871  5.740   5.108   1.00 32.96 ?  267 HOH A O   1 
HETATM 790 O O   . HOH C 3 .  ? -6.682  5.714   -14.103 1.00 22.29 ?  268 HOH A O   1 
HETATM 791 O O   . HOH C 3 .  ? 2.004   -12.966 10.574  1.00 14.49 ?  269 HOH A O   1 
HETATM 792 O O   . HOH C 3 .  ? -3.157  -0.514  -14.004 1.00 31.35 ?  270 HOH A O   1 
HETATM 793 O O   . HOH C 3 .  ? 9.291   9.289   -2.064  1.00 36.51 ?  271 HOH A O   1 
HETATM 794 O O   . HOH C 3 .  ? 7.651   10.226  1.562   1.00 35.79 ?  272 HOH A O   1 
HETATM 795 O O   . HOH C 3 .  ? -9.846  -5.254  2.089   1.00 18.38 ?  273 HOH A O   1 
HETATM 796 O O   . HOH C 3 .  ? -8.339  2.114   -4.401  1.00 17.40 ?  274 HOH A O   1 
HETATM 797 O O   . HOH C 3 .  ? 3.566   -10.859 -6.009  1.00 30.40 ?  275 HOH A O   1 
HETATM 798 O O   . HOH C 3 .  ? 2.765   12.766  -2.532  1.00 14.08 ?  276 HOH A O   1 
HETATM 799 O O   . HOH C 3 .  ? -5.183  -4.686  -13.162 1.00 25.63 ?  277 HOH A O   1 
HETATM 800 O O   . HOH C 3 .  ? -7.177  -10.420 -4.019  1.00 13.67 ?  278 HOH A O   1 
HETATM 801 O O   . HOH C 3 .  ? -15.264 3.304   5.523   1.00 31.72 ?  279 HOH A O   1 
HETATM 802 O O   . HOH C 3 .  ? 2.129   -13.979 0.021   1.00 31.31 ?  280 HOH A O   1 
HETATM 803 O O   . HOH C 3 .  ? -7.044  -10.007 5.910   1.00 30.30 ?  281 HOH A O   1 
HETATM 804 O O   . HOH C 3 .  ? 3.450   16.559  -13.651 1.00 35.41 ?  282 HOH A O   1 
HETATM 805 O O   . HOH C 3 .  ? 12.451  0.277   -1.658  1.00 37.17 ?  283 HOH A O   1 
HETATM 806 O O   . HOH C 3 .  ? 4.145   -14.527 4.671   1.00 26.55 ?  284 HOH A O   1 
HETATM 807 O O   . HOH C 3 .  ? 6.227   7.441   -10.456 1.00 32.85 ?  285 HOH A O   1 
HETATM 808 O O   . HOH C 3 .  ? 14.581  -0.229  -0.851  1.00 37.88 ?  286 HOH A O   1 
HETATM 809 O O   . HOH C 3 .  ? -3.136  11.121  -17.884 1.00 29.46 ?  287 HOH A O   1 
HETATM 810 O O   . HOH C 3 .  ? 15.112  -0.873  1.683   1.00 24.11 ?  288 HOH A O   1 
HETATM 811 O O   . HOH C 3 .  ? 4.436   14.065  -4.575  1.00 37.06 ?  289 HOH A O   1 
HETATM 812 O O   . HOH C 3 .  ? 4.784   4.462   10.228  1.00 30.98 ?  290 HOH A O   1 
HETATM 813 O O   . HOH C 3 .  ? -7.754  7.630   2.317   1.00 17.44 ?  291 HOH A O   1 
HETATM 814 O O   . HOH C 3 .  ? 6.022   11.807  -4.572  1.00 44.28 ?  292 HOH A O   1 
HETATM 815 O O   . HOH C 3 .  ? -0.754  0.348   -15.510 1.00 54.70 ?  293 HOH A O   1 
HETATM 816 O O   . HOH C 3 .  ? 2.268   -2.230  15.298  1.00 40.59 ?  294 HOH A O   1 
HETATM 817 O O   . HOH C 3 .  ? -1.453  -1.871  -15.951 1.00 57.40 ?  295 HOH A O   1 
HETATM 818 O O   . HOH C 3 .  ? 1.113   -4.944  17.110  1.00 35.66 ?  296 HOH A O   1 
HETATM 819 O O   . HOH C 3 .  ? -7.853  -4.938  -13.760 1.00 17.62 ?  297 HOH A O   1 
HETATM 820 O O   . HOH C 3 .  ? 6.992   10.253  -0.873  1.00 38.26 ?  298 HOH A O   1 
HETATM 821 O O   . HOH C 3 .  ? 15.012  2.902   3.629   1.00 33.87 ?  299 HOH A O   1 
HETATM 822 O O   . HOH C 3 .  ? 8.271   -14.288 11.602  1.00 12.91 ?  300 HOH A O   1 
# 
loop_
_atom_site_anisotrop.id 
_atom_site_anisotrop.type_symbol 
_atom_site_anisotrop.pdbx_label_atom_id 
_atom_site_anisotrop.pdbx_label_alt_id 
_atom_site_anisotrop.pdbx_label_comp_id 
_atom_site_anisotrop.pdbx_label_asym_id 
_atom_site_anisotrop.pdbx_label_seq_id 
_atom_site_anisotrop.pdbx_PDB_ins_code 
_atom_site_anisotrop.U[1][1] 
_atom_site_anisotrop.U[2][2] 
_atom_site_anisotrop.U[3][3] 
_atom_site_anisotrop.U[1][2] 
_atom_site_anisotrop.U[1][3] 
_atom_site_anisotrop.U[2][3] 
_atom_site_anisotrop.pdbx_auth_seq_id 
_atom_site_anisotrop.pdbx_auth_comp_id 
_atom_site_anisotrop.pdbx_auth_asym_id 
_atom_site_anisotrop.pdbx_auth_atom_id 
1   N N   . GLU A 1  ? 0.4091 0.2128 0.3863 -0.0506 0.0229  0.0434  -4  GLU A N   
2   C CA  . GLU A 1  ? 0.3981 0.2174 0.3784 -0.0489 0.0239  0.0443  -4  GLU A CA  
3   C C   . GLU A 1  ? 0.3410 0.1770 0.3329 -0.0385 0.0092  0.0432  -4  GLU A C   
4   O O   . GLU A 1  ? 0.3314 0.1742 0.3432 -0.0332 0.0038  0.0297  -4  GLU A O   
6   N N   . PHE A 2  ? 0.2920 0.1501 0.2803 -0.0242 -0.0010 0.0429  -3  PHE A N   
7   C CA  . PHE A 2  ? 0.2425 0.1365 0.2206 -0.0075 -0.0096 0.0364  -3  PHE A CA  
8   C C   . PHE A 2  ? 0.1960 0.1344 0.1935 0.0064  -0.0208 0.0313  -3  PHE A C   
9   O O   . PHE A 2  ? 0.1820 0.1683 0.2182 0.0116  -0.0338 0.0334  -3  PHE A O   
10  C CB  . PHE A 2  ? 0.2296 0.1387 0.2210 -0.0049 -0.0123 0.0289  -3  PHE A CB  
11  C CG  . PHE A 2  ? 0.2204 0.1358 0.2076 0.0031  -0.0153 0.0241  -3  PHE A CG  
12  C CD1 . PHE A 2  ? 0.2075 0.1465 0.2239 -0.0018 -0.0221 0.0246  -3  PHE A CD1 
13  C CD2 . PHE A 2  ? 0.2298 0.1386 0.2021 0.0144  -0.0179 0.0179  -3  PHE A CD2 
14  C CE1 . PHE A 2  ? 0.2119 0.1432 0.2246 -0.0023 -0.0248 0.0284  -3  PHE A CE1 
15  C CE2 . PHE A 2  ? 0.2350 0.1405 0.1944 0.0094  -0.0215 0.0204  -3  PHE A CE2 
16  C CZ  . PHE A 2  ? 0.2264 0.1379 0.2064 0.0016  -0.0232 0.0288  -3  PHE A CZ  
17  N N   . SER A 3  ? 0.1807 0.0974 0.1586 0.0113  -0.0164 0.0218  -2  SER A N   
18  C CA  . SER A 3  ? 0.1628 0.0927 0.1397 0.0067  -0.0266 0.0196  -2  SER A CA  
19  C C   . SER A 3  ? 0.1368 0.0768 0.1184 0.0115  -0.0345 0.0208  -2  SER A C   
20  O O   . SER A 3  ? 0.1432 0.0890 0.1137 0.0105  -0.0330 0.0147  -2  SER A O   
21  C CB  . SER A 3  ? 0.1850 0.1161 0.1713 -0.0072 -0.0228 0.0042  -2  SER A CB  
22  O OG  . SER A 3  ? 0.2064 0.1390 0.2154 -0.0154 -0.0183 -0.0069 -2  SER A OG  
23  N N   . GLU A 4  ? 0.1316 0.0773 0.1288 0.0181  -0.0363 0.0219  -1  GLU A N   
24  C CA  . GLU A 4  ? 0.1280 0.0895 0.1315 0.0210  -0.0352 0.0241  -1  GLU A CA  
25  C C   . GLU A 4  ? 0.1366 0.0798 0.1221 0.0125  -0.0308 0.0225  -1  GLU A C   
26  O O   . GLU A 4  ? 0.1389 0.0796 0.1433 0.0152  -0.0210 0.0171  -1  GLU A O   
27  C CB  . GLU A 4  ? 0.1261 0.1172 0.1392 0.0264  -0.0307 0.0269  -1  GLU A CB  
28  C CG  . GLU A 4  ? 0.1290 0.1353 0.1562 0.0228  -0.0184 0.0156  -1  GLU A CG  
29  C CD  . GLU A 4  ? 0.1342 0.1345 0.1615 0.0155  -0.0074 0.0146  -1  GLU A CD  
30  O OE1 . GLU A 4  ? 0.1651 0.1602 0.1771 -0.0027 0.0034  0.0132  -1  GLU A OE1 
31  O OE2 . GLU A 4  ? 0.1410 0.1308 0.1514 0.0163  -0.0206 0.0166  -1  GLU A OE2 
32  N N   . GLU A 5  ? 0.1239 0.0908 0.1243 0.0167  -0.0389 0.0103  0   GLU A N   
33  C CA  . GLU A 5  ? 0.1245 0.0824 0.1310 0.0103  -0.0348 0.0137  0   GLU A CA  
34  C C   . GLU A 5  ? 0.1249 0.0912 0.1311 0.0107  -0.0308 0.0011  0   GLU A C   
35  O O   . GLU A 5  ? 0.1270 0.1068 0.1465 0.0041  -0.0270 -0.0106 0   GLU A O   
36  C CB  . GLU A 5  ? 0.1395 0.0825 0.1375 0.0223  -0.0362 0.0174  0   GLU A CB  
37  C CG  . GLU A 5  ? 0.1490 0.0796 0.1424 0.0231  -0.0246 0.0150  0   GLU A CG  
38  C CD  . GLU A 5  ? 0.1473 0.0782 0.1466 0.0288  -0.0301 0.0170  0   GLU A CD  
39  O OE1 . GLU A 5  ? 0.1560 0.0827 0.1465 0.0246  -0.0280 0.0245  0   GLU A OE1 
40  O OE2 . GLU A 5  ? 0.1364 0.0878 0.1633 0.0252  -0.0225 0.0170  0   GLU A OE2 
41  N N   . CYS A 6  ? 0.1394 0.0840 0.1301 0.0099  -0.0374 0.0070  1   CYS A N   
42  C CA  . CYS A 6  ? 0.1369 0.0814 0.1487 0.0114  -0.0443 0.0055  1   CYS A CA  
43  C C   . CYS A 6  ? 0.1332 0.0735 0.1518 0.0142  -0.0403 0.0092  1   CYS A C   
44  O O   . CYS A 6  ? 0.1339 0.0840 0.1663 0.0126  -0.0342 0.0015  1   CYS A O   
45  C CB  . CYS A 6  ? 0.1389 0.0977 0.1629 0.0165  -0.0544 0.0078  1   CYS A CB  
46  S SG  . CYS A 6  ? 0.1617 0.0997 0.1592 0.0160  -0.0542 0.0195  1   CYS A SG  
47  N N   . MET A 7  ? 0.1383 0.0612 0.1543 0.0177  -0.0413 0.0117  2   MET A N   
48  C CA  . MET A 7  ? 0.1441 0.0789 0.1532 0.0283  -0.0420 0.0110  2   MET A CA  
49  C C   . MET A 7  ? 0.1520 0.1021 0.1355 0.0250  -0.0424 0.0196  2   MET A C   
50  O O   . MET A 7  ? 0.1513 0.1015 0.1440 0.0288  -0.0543 0.0130  2   MET A O   
51  C CB  . MET A 7  ? 0.1377 0.0747 0.1583 0.0339  -0.0406 0.0093  2   MET A CB  
52  C CG  . MET A 7  ? 0.1573 0.0770 0.1565 0.0382  -0.0454 0.0154  2   MET A CG  
53  S SD  . MET A 7  ? 0.1644 0.0782 0.1607 0.0245  -0.0434 0.0209  2   MET A SD  
54  C CE  . MET A 7  ? 0.1841 0.0854 0.1761 0.0226  -0.0456 0.0263  2   MET A CE  
55  N N   . HIS A 8  ? 0.1815 0.1170 0.1413 0.0247  -0.0302 0.0187  3   HIS A N   
56  C CA  . HIS A 8  ? 0.2294 0.1518 0.1462 0.0195  -0.0272 0.0210  3   HIS A CA  
57  C C   . HIS A 8  ? 0.2150 0.1477 0.1321 0.0298  -0.0507 0.0220  3   HIS A C   
58  O O   . HIS A 8  ? 0.2001 0.1145 0.1486 0.0345  -0.0473 0.0197  3   HIS A O   
65  N N   . GLY A 9  ? 0.2124 0.1833 0.1621 0.0282  -0.0656 0.0176  4   GLY A N   
66  C CA  . GLY A 9  ? 0.2100 0.1837 0.1742 0.0234  -0.0688 0.0115  4   GLY A CA  
67  C C   . GLY A 9  ? 0.1920 0.1733 0.1800 0.0256  -0.0709 0.0163  4   GLY A C   
68  O O   . GLY A 9  ? 0.1855 0.1891 0.1906 0.0362  -0.0862 0.0279  4   GLY A O   
69  N N   . SER A 10 ? 0.1880 0.1598 0.1815 0.0200  -0.0590 0.0126  5   SER A N   
70  C CA  . SER A 10 ? 0.1739 0.1480 0.1667 0.0203  -0.0554 0.0200  5   SER A CA  
71  C C   . SER A 10 ? 0.1478 0.1191 0.1382 0.0225  -0.0468 0.0258  5   SER A C   
72  O O   . SER A 10 ? 0.1450 0.1082 0.1385 0.0255  -0.0387 0.0315  5   SER A O   
73  C CB  . SER A 10 ? 0.1934 0.1523 0.1890 0.0213  -0.0451 0.0136  5   SER A CB  
74  O OG  . SER A 10 ? 0.2171 0.1341 0.2032 0.0210  -0.0291 0.0173  5   SER A OG  
75  N N   . GLY A 11 ? 0.1497 0.1089 0.1316 0.0247  -0.0422 0.0266  6   GLY A N   
76  C CA  . GLY A 11 ? 0.1522 0.1009 0.1418 0.0306  -0.0513 0.0106  6   GLY A CA  
77  C C   . GLY A 11 ? 0.1492 0.0838 0.1511 0.0293  -0.0524 0.0072  6   GLY A C   
78  O O   . GLY A 11 ? 0.1493 0.0941 0.1466 0.0277  -0.0535 0.0092  6   GLY A O   
79  N N   . GLU A 12 ? 0.1545 0.0945 0.1511 0.0253  -0.0452 0.0057  7   GLU A N   
80  C CA  . GLU A 12 ? 0.1631 0.1093 0.1890 0.0281  -0.0366 -0.0174 7   GLU A CA  
81  C C   . GLU A 12 ? 0.1626 0.1231 0.1886 0.0226  -0.0305 -0.0151 7   GLU A C   
82  O O   . GLU A 12 ? 0.1521 0.1544 0.2088 0.0203  -0.0432 0.0008  7   GLU A O   
83  C CB  . GLU A 12 ? 0.1675 0.1041 0.2236 0.0296  -0.0243 -0.0350 7   GLU A CB  
84  C CG  . GLU A 12 ? 0.1785 0.1076 0.2479 0.0247  -0.0208 -0.0444 7   GLU A CG  
85  C CD  . GLU A 12 ? 0.1814 0.1310 0.2600 0.0198  -0.0255 -0.0539 7   GLU A CD  
86  O OE1 . GLU A 12 ? 0.1732 0.1317 0.2636 0.0185  -0.0287 -0.0509 7   GLU A OE1 
87  O OE2 . GLU A 12 ? 0.1905 0.1549 0.2685 0.0211  -0.0281 -0.0674 7   GLU A OE2 
88  N N   . ASN A 13 ? 0.1743 0.1103 0.1619 0.0110  -0.0162 -0.0242 8   ASN A N   
89  C CA  . ASN A 13 ? 0.1736 0.1302 0.1671 0.0009  -0.0057 -0.0192 8   ASN A CA  
90  C C   . ASN A 13 ? 0.1674 0.1208 0.1552 0.0017  -0.0122 -0.0132 8   ASN A C   
91  O O   . ASN A 13 ? 0.1745 0.1306 0.1720 -0.0167 -0.0064 -0.0129 8   ASN A O   
92  C CB  . ASN A 13 ? 0.1846 0.1596 0.1620 -0.0077 0.0037  -0.0193 8   ASN A CB  
93  C CG  . ASN A 13 ? 0.1816 0.1681 0.1651 -0.0148 0.0036  -0.0183 8   ASN A CG  
94  O OD1 . ASN A 13 ? 0.1706 0.1701 0.1695 -0.0180 0.0055  -0.0154 8   ASN A OD1 
95  N ND2 . ASN A 13 ? 0.1801 0.1752 0.1687 -0.0189 0.0028  -0.0214 8   ASN A ND2 
96  N N   . TYR A 14 ? 0.1564 0.1037 0.1234 0.0228  -0.0259 -0.0010 9   TYR A N   
97  C CA  . TYR A 14 ? 0.1489 0.0815 0.1099 0.0236  -0.0312 0.0079  9   TYR A CA  
98  C C   . TYR A 14 ? 0.1393 0.0759 0.1270 0.0294  -0.0308 0.0055  9   TYR A C   
99  O O   . TYR A 14 ? 0.1432 0.0803 0.1501 0.0293  -0.0371 0.0063  9   TYR A O   
100 C CB  . TYR A 14 ? 0.1399 0.0742 0.1190 0.0204  -0.0354 0.0028  9   TYR A CB  
101 C CG  . TYR A 14 ? 0.1311 0.0697 0.1224 0.0233  -0.0408 0.0048  9   TYR A CG  
102 C CD1 . TYR A 14 ? 0.1368 0.0702 0.1224 0.0241  -0.0384 0.0116  9   TYR A CD1 
103 C CD2 . TYR A 14 ? 0.1207 0.0672 0.1261 0.0253  -0.0462 0.0112  9   TYR A CD2 
104 C CE1 . TYR A 14 ? 0.1328 0.0645 0.1159 0.0253  -0.0421 0.0173  9   TYR A CE1 
105 C CE2 . TYR A 14 ? 0.1139 0.0734 0.1222 0.0258  -0.0471 0.0170  9   TYR A CE2 
106 C CZ  . TYR A 14 ? 0.1237 0.0660 0.1133 0.0284  -0.0384 0.0117  9   TYR A CZ  
107 O OH  . TYR A 14 ? 0.1330 0.0728 0.1191 0.0367  -0.0356 0.0126  9   TYR A OH  
108 N N   . ASP A 15 ? 0.1306 0.0760 0.1313 0.0265  -0.0343 0.0082  10  ASP A N   
109 C CA  . ASP A 15 ? 0.1215 0.0899 0.1381 0.0217  -0.0316 0.0127  10  ASP A CA  
110 C C   . ASP A 15 ? 0.1277 0.0815 0.1373 0.0137  -0.0300 0.0161  10  ASP A C   
111 O O   . ASP A 15 ? 0.1361 0.0773 0.1604 0.0130  -0.0324 0.0072  10  ASP A O   
112 C CB  . ASP A 15 ? 0.1310 0.1148 0.1694 0.0124  -0.0153 0.0073  10  ASP A CB  
113 C CG  . ASP A 15 ? 0.1324 0.1341 0.1913 0.0038  -0.0125 0.0125  10  ASP A CG  
114 O OD1 . ASP A 15 ? 0.1319 0.1174 0.1812 0.0128  -0.0220 0.0093  10  ASP A OD1 
115 O OD2 . ASP A 15 ? 0.1413 0.1724 0.2294 -0.0127 -0.0271 0.0201  10  ASP A OD2 
116 N N   . GLY A 16 ? 0.1292 0.0762 0.1319 0.0187  -0.0285 0.0130  11  GLY A N   
117 C CA  . GLY A 16 ? 0.1353 0.0696 0.1373 0.0226  -0.0306 0.0034  11  GLY A CA  
118 C C   . GLY A 16 ? 0.1299 0.0453 0.1293 0.0152  -0.0335 0.0059  11  GLY A C   
119 O O   . GLY A 16 ? 0.1476 0.0511 0.1311 0.0193  -0.0401 0.0045  11  GLY A O   
120 N N   . LYS A 17 ? 0.1126 0.0666 0.1270 0.0191  -0.0372 0.0039  12  LYS A N   
121 C CA  . LYS A 17 ? 0.1243 0.0608 0.1275 0.0119  -0.0368 0.0151  12  LYS A CA  
122 C C   . LYS A 17 ? 0.1224 0.0606 0.1269 0.0129  -0.0351 0.0140  12  LYS A C   
123 O O   . LYS A 17 ? 0.1279 0.1096 0.1253 -0.0007 -0.0425 0.0124  12  LYS A O   
124 C CB  . LYS A 17 ? 0.1293 0.0604 0.1534 0.0151  -0.0232 0.0099  12  LYS A CB  
125 C CG  . LYS A 17 ? 0.1303 0.0766 0.1777 0.0079  -0.0227 0.0084  12  LYS A CG  
126 C CD  . LYS A 17 ? 0.1488 0.0922 0.2048 0.0018  -0.0169 0.0018  12  LYS A CD  
127 C CE  . LYS A 17 ? 0.1555 0.0973 0.2243 0.0056  -0.0206 -0.0061 12  LYS A CE  
128 N NZ  . LYS A 17 ? 0.1577 0.0804 0.2568 0.0129  -0.0183 -0.0252 12  LYS A NZ  
129 N N   . ILE A 18 ? 0.1247 0.0518 0.1260 0.0190  -0.0303 0.0148  13  ILE A N   
130 C CA  . ILE A 18 ? 0.1149 0.0550 0.1418 0.0214  -0.0239 0.0056  13  ILE A CA  
131 C C   . ILE A 18 ? 0.1184 0.0553 0.1424 0.0189  -0.0246 0.0023  13  ILE A C   
132 O O   . ILE A 18 ? 0.1398 0.0495 0.1501 0.0228  -0.0241 0.0056  13  ILE A O   
133 C CB  . ILE A 18 ? 0.1265 0.0608 0.1385 0.0228  -0.0245 0.0139  13  ILE A CB  
134 C CG1 . ILE A 18 ? 0.1351 0.0634 0.1462 0.0313  -0.0347 0.0119  13  ILE A CG1 
135 C CG2 . ILE A 18 ? 0.1303 0.0839 0.1516 0.0104  -0.0187 0.0195  13  ILE A CG2 
136 C CD1 . ILE A 18 ? 0.1407 0.0731 0.1447 0.0259  -0.0441 0.0205  13  ILE A CD1 
137 N N   . SER A 19 ? 0.1214 0.0636 0.1334 0.0195  -0.0327 0.0227  14  SER A N   
138 C CA  B SER A 19 ? 0.1272 0.0760 0.1394 0.0209  -0.0426 0.0180  14  SER A CA  
139 C CA  C SER A 19 ? 0.1312 0.0705 0.1355 0.0206  -0.0422 0.0216  14  SER A CA  
140 C CA  D SER A 19 ? 0.1293 0.0737 0.1392 0.0194  -0.0412 0.0207  14  SER A CA  
141 C C   . SER A 19 ? 0.1379 0.0737 0.1300 0.0248  -0.0436 0.0182  14  SER A C   
142 O O   . SER A 19 ? 0.1555 0.0993 0.1341 0.0217  -0.0538 0.0242  14  SER A O   
143 C CB  B SER A 19 ? 0.1248 0.1130 0.1564 0.0169  -0.0490 0.0110  14  SER A CB  
144 C CB  C SER A 19 ? 0.1361 0.0854 0.1453 0.0155  -0.0502 0.0232  14  SER A CB  
145 C CB  D SER A 19 ? 0.1323 0.0943 0.1550 0.0117  -0.0470 0.0215  14  SER A CB  
146 O OG  B SER A 19 ? 0.1270 0.1292 0.1655 0.0163  -0.0496 0.0089  14  SER A OG  
147 O OG  C SER A 19 ? 0.1456 0.0861 0.1519 0.0112  -0.0574 0.0302  14  SER A OG  
148 O OG  D SER A 19 ? 0.1423 0.0999 0.1663 0.0047  -0.0513 0.0282  14  SER A OG  
149 N N   . LYS A 20 ? 0.1290 0.0744 0.1308 0.0183  -0.0349 0.0204  15  LYS A N   
150 C CA  . LYS A 20 ? 0.1451 0.1016 0.1241 0.0097  -0.0179 0.0127  15  LYS A CA  
151 C C   . LYS A 20 ? 0.1486 0.0992 0.1068 0.0105  -0.0333 0.0156  15  LYS A C   
152 O O   . LYS A 20 ? 0.1515 0.1013 0.1292 0.0121  -0.0445 0.0240  15  LYS A O   
154 N N   . THR A 21 ? 0.1410 0.0987 0.1122 0.0011  -0.0276 0.0142  16  THR A N   
155 C CA  . THR A 21 ? 0.1295 0.1098 0.1225 0.0079  -0.0319 0.0082  16  THR A CA  
156 C C   . THR A 21 ? 0.1335 0.1108 0.1365 0.0230  -0.0433 -0.0048 16  THR A C   
157 O O   . THR A 21 ? 0.1512 0.1056 0.1578 0.0375  -0.0379 -0.0140 16  THR A O   
158 C CB  . THR A 21 ? 0.1249 0.1125 0.1210 0.0122  -0.0200 0.0078  16  THR A CB  
159 O OG1 . THR A 21 ? 0.1311 0.1061 0.1349 0.0105  -0.0117 0.0037  16  THR A OG1 
160 C CG2 . THR A 21 ? 0.1288 0.1259 0.1275 0.0151  -0.0348 0.0056  16  THR A CG2 
161 N N   . MET A 22 ? 0.1275 0.1355 0.1383 0.0344  -0.0603 -0.0069 17  MET A N   
162 C CA  . MET A 22 ? 0.1515 0.1960 0.1828 0.0489  -0.0564 -0.0329 17  MET A CA  
163 C C   . MET A 22 ? 0.1483 0.1958 0.1970 0.0547  -0.0394 -0.0368 17  MET A C   
164 O O   . MET A 22 ? 0.1702 0.1996 0.2451 0.0680  -0.0280 -0.0423 17  MET A O   
165 C CB  . MET A 22 ? 0.1663 0.2524 0.2167 0.0554  -0.0709 -0.0571 17  MET A CB  
166 C CG  . MET A 22 ? 0.1910 0.2884 0.2706 0.0507  -0.0728 -0.0720 17  MET A CG  
167 S SD  . MET A 22 ? 0.2108 0.3192 0.3137 0.0448  -0.0735 -0.0847 17  MET A SD  
168 C CE  . MET A 22 ? 0.2225 0.3337 0.3466 0.0440  -0.0737 -0.0860 17  MET A CE  
169 N N   . SER A 23 ? 0.1435 0.1961 0.1810 0.0400  -0.0285 -0.0390 18  SER A N   
170 C CA  . SER A 23 ? 0.1407 0.1999 0.1754 0.0331  -0.0166 -0.0342 18  SER A CA  
171 C C   . SER A 23 ? 0.1313 0.1838 0.1604 0.0390  -0.0129 -0.0268 18  SER A C   
172 O O   . SER A 23 ? 0.1478 0.1898 0.1652 0.0454  -0.0101 -0.0272 18  SER A O   
173 C CB  . SER A 23 ? 0.1628 0.2147 0.1867 0.0097  0.0034  -0.0305 18  SER A CB  
174 O OG  . SER A 23 ? 0.1792 0.2115 0.2023 0.0028  0.0153  -0.0381 18  SER A OG  
175 N N   . GLY A 24 ? 0.1330 0.1658 0.1454 0.0356  -0.0188 -0.0150 19  GLY A N   
176 C CA  . GLY A 24 ? 0.1519 0.1566 0.1439 0.0346  -0.0190 -0.0185 19  GLY A CA  
177 C C   . GLY A 24 ? 0.1433 0.1423 0.1505 0.0270  -0.0181 -0.0170 19  GLY A C   
178 O O   . GLY A 24 ? 0.1548 0.1501 0.1694 0.0266  -0.0316 -0.0270 19  GLY A O   
179 N N   . LEU A 25 ? 0.1344 0.1366 0.1384 0.0206  -0.0146 -0.0021 20  LEU A N   
180 C CA  . LEU A 25 ? 0.1310 0.1295 0.1291 0.0126  -0.0123 0.0049  20  LEU A CA  
181 C C   . LEU A 25 ? 0.1285 0.1129 0.1229 0.0146  -0.0104 0.0013  20  LEU A C   
182 O O   . LEU A 25 ? 0.1450 0.1266 0.1207 0.0008  -0.0106 0.0004  20  LEU A O   
183 C CB  . LEU A 25 ? 0.1371 0.1333 0.1364 -0.0004 -0.0036 0.0168  20  LEU A CB  
184 C CG  . LEU A 25 ? 0.1591 0.1388 0.1563 -0.0013 0.0071  0.0169  20  LEU A CG  
185 C CD1 . LEU A 25 ? 0.1810 0.1364 0.1628 0.0014  0.0050  0.0157  20  LEU A CD1 
186 C CD2 . LEU A 25 ? 0.1623 0.1524 0.1679 -0.0030 0.0157  0.0110  20  LEU A CD2 
187 N N   . GLU A 26 ? 0.1309 0.1083 0.1273 0.0095  -0.0116 0.0013  21  GLU A N   
188 C CA  . GLU A 26 ? 0.1349 0.1012 0.1365 0.0156  -0.0151 -0.0077 21  GLU A CA  
189 C C   . GLU A 26 ? 0.1408 0.0886 0.1251 0.0129  -0.0222 0.0125  21  GLU A C   
190 O O   . GLU A 26 ? 0.1532 0.1064 0.1301 0.0121  -0.0097 0.0093  21  GLU A O   
191 C CB  . GLU A 26 ? 0.1469 0.1353 0.1718 0.0080  -0.0198 -0.0196 21  GLU A CB  
192 C CG  . GLU A 26 ? 0.1546 0.1582 0.2029 0.0042  -0.0167 -0.0261 21  GLU A CG  
193 C CD  . GLU A 26 ? 0.1633 0.1608 0.2331 0.0043  -0.0126 -0.0301 21  GLU A CD  
194 O OE1 . GLU A 26 ? 0.1901 0.1827 0.2357 -0.0104 -0.0203 -0.0182 21  GLU A OE1 
195 O OE2 . GLU A 26 ? 0.1582 0.1303 0.2452 -0.0017 0.0010  -0.0345 21  GLU A OE2 
196 N N   . CYS A 27 ? 0.1167 0.0808 0.1179 0.0160  -0.0329 0.0159  22  CYS A N   
197 C CA  . CYS A 27 ? 0.1261 0.0799 0.1153 0.0161  -0.0210 0.0072  22  CYS A CA  
198 C C   . CYS A 27 ? 0.1262 0.0883 0.1042 0.0072  -0.0199 0.0080  22  CYS A C   
199 O O   . CYS A 27 ? 0.1225 0.0889 0.1074 0.0053  -0.0317 0.0062  22  CYS A O   
200 C CB  . CYS A 27 ? 0.1281 0.0832 0.1271 0.0137  -0.0212 -0.0056 22  CYS A CB  
201 S SG  . CYS A 27 ? 0.1251 0.0823 0.1231 0.0184  -0.0412 0.0030  22  CYS A SG  
202 N N   . GLN A 28 ? 0.1230 0.0863 0.1069 0.0132  -0.0264 0.0140  23  GLN A N   
203 C CA  . GLN A 28 ? 0.1214 0.0847 0.1108 0.0182  -0.0368 0.0203  23  GLN A CA  
204 C C   . GLN A 28 ? 0.1169 0.0733 0.1146 0.0157  -0.0357 0.0159  23  GLN A C   
205 O O   . GLN A 28 ? 0.1112 0.0889 0.1074 0.0082  -0.0300 0.0093  23  GLN A O   
206 C CB  . GLN A 28 ? 0.1198 0.0921 0.1169 0.0144  -0.0425 0.0267  23  GLN A CB  
207 C CG  . GLN A 28 ? 0.1232 0.0927 0.1243 0.0129  -0.0401 0.0229  23  GLN A CG  
208 C CD  . GLN A 28 ? 0.1197 0.1026 0.1160 0.0144  -0.0436 0.0197  23  GLN A CD  
209 O OE1 . GLN A 28 ? 0.1225 0.0927 0.1331 0.0140  -0.0328 0.0223  23  GLN A OE1 
210 N NE2 . GLN A 28 ? 0.1205 0.1026 0.1440 0.0146  -0.0329 0.0090  23  GLN A NE2 
211 N N   . ALA A 29 ? 0.1159 0.0664 0.1099 0.0152  -0.0405 0.0199  24  ALA A N   
212 C CA  . ALA A 29 ? 0.1083 0.0720 0.1125 0.0130  -0.0406 0.0157  24  ALA A CA  
213 C C   . ALA A 29 ? 0.0996 0.0672 0.1155 0.0124  -0.0395 0.0216  24  ALA A C   
214 O O   . ALA A 29 ? 0.1094 0.0666 0.1253 0.0160  -0.0373 0.0223  24  ALA A O   
215 C CB  . ALA A 29 ? 0.1264 0.0973 0.1350 0.0143  -0.0417 0.0013  24  ALA A CB  
216 N N   . TRP A 30 ? 0.1118 0.0712 0.1158 0.0109  -0.0404 0.0086  25  TRP A N   
217 C CA  . TRP A 30 ? 0.1095 0.0802 0.1029 0.0131  -0.0515 0.0198  25  TRP A CA  
218 C C   . TRP A 30 ? 0.1136 0.0798 0.1081 0.0075  -0.0471 0.0197  25  TRP A C   
219 O O   . TRP A 30 ? 0.1092 0.0789 0.1303 0.0120  -0.0589 0.0095  25  TRP A O   
220 C CB  . TRP A 30 ? 0.1114 0.0809 0.1186 0.0170  -0.0455 0.0218  25  TRP A CB  
221 C CG  . TRP A 30 ? 0.1146 0.0701 0.1027 0.0188  -0.0382 0.0275  25  TRP A CG  
222 C CD1 . TRP A 30 ? 0.1175 0.0740 0.1099 0.0201  -0.0409 0.0283  25  TRP A CD1 
223 C CD2 . TRP A 30 ? 0.1042 0.0714 0.1003 0.0220  -0.0452 0.0153  25  TRP A CD2 
224 N NE1 . TRP A 30 ? 0.1149 0.0670 0.1169 0.0300  -0.0412 0.0126  25  TRP A NE1 
225 C CE2 . TRP A 30 ? 0.1107 0.0688 0.1103 0.0297  -0.0396 0.0147  25  TRP A CE2 
226 C CE3 . TRP A 30 ? 0.1088 0.0748 0.1133 0.0249  -0.0458 0.0177  25  TRP A CE3 
227 C CZ2 . TRP A 30 ? 0.1072 0.0742 0.1177 0.0270  -0.0428 0.0189  25  TRP A CZ2 
228 C CZ3 . TRP A 30 ? 0.1154 0.0761 0.1160 0.0199  -0.0406 0.0231  25  TRP A CZ3 
229 C CH2 . TRP A 30 ? 0.0988 0.0916 0.1166 0.0260  -0.0495 0.0163  25  TRP A CH2 
230 N N   . ASP A 31 ? 0.1075 0.0829 0.1097 0.0101  -0.0452 0.0155  26  ASP A N   
231 C CA  . ASP A 31 ? 0.1054 0.0848 0.1243 0.0102  -0.0409 0.0117  26  ASP A CA  
232 C C   . ASP A 31 ? 0.1088 0.0820 0.1179 0.0141  -0.0406 0.0177  26  ASP A C   
233 O O   . ASP A 31 ? 0.1080 0.1123 0.1233 0.0207  -0.0493 0.0220  26  ASP A O   
234 C CB  . ASP A 31 ? 0.1061 0.0860 0.1255 0.0071  -0.0443 0.0138  26  ASP A CB  
235 C CG  . ASP A 31 ? 0.1262 0.0814 0.1322 0.0131  -0.0434 0.0190  26  ASP A CG  
236 O OD1 . ASP A 31 ? 0.1323 0.0977 0.1378 0.0166  -0.0267 0.0108  26  ASP A OD1 
237 O OD2 . ASP A 31 ? 0.1348 0.0922 0.1488 0.0109  -0.0315 0.0233  26  ASP A OD2 
238 N N   . SER A 32 ? 0.1192 0.0750 0.1113 0.0175  -0.0385 0.0178  27  SER A N   
239 C CA  . SER A 32 ? 0.1309 0.0722 0.1156 0.0228  -0.0403 0.0178  27  SER A CA  
240 C C   . SER A 32 ? 0.1249 0.0769 0.1233 0.0212  -0.0579 0.0140  27  SER A C   
241 O O   . SER A 32 ? 0.1134 0.0785 0.1269 0.0158  -0.0537 0.0158  27  SER A O   
242 C CB  . SER A 32 ? 0.1509 0.0766 0.1137 0.0280  -0.0359 0.0116  27  SER A CB  
243 O OG  . SER A 32 ? 0.1627 0.0767 0.1312 0.0316  -0.0402 0.0104  27  SER A OG  
244 N N   . GLN A 33 ? 0.1214 0.0796 0.1272 0.0191  -0.0538 0.0150  28  GLN A N   
245 C CA  . GLN A 33 ? 0.1370 0.0722 0.1335 0.0119  -0.0617 0.0210  28  GLN A CA  
246 C C   . GLN A 33 ? 0.1557 0.0778 0.1421 -0.0046 -0.0572 0.0356  28  GLN A C   
247 O O   . GLN A 33 ? 0.1700 0.1020 0.1595 -0.0065 -0.0508 0.0223  28  GLN A O   
248 C CB  . GLN A 33 ? 0.1449 0.0782 0.1501 0.0209  -0.0617 0.0206  28  GLN A CB  
249 C CG  . GLN A 33 ? 0.1449 0.0761 0.1583 0.0246  -0.0612 0.0157  28  GLN A CG  
250 C CD  . GLN A 33 ? 0.1361 0.0724 0.1601 0.0229  -0.0598 0.0132  28  GLN A CD  
251 O OE1 . GLN A 33 ? 0.1268 0.0614 0.1554 0.0185  -0.0501 0.0139  28  GLN A OE1 
252 N NE2 . GLN A 33 ? 0.1336 0.0798 0.1529 0.0230  -0.0587 0.0209  28  GLN A NE2 
253 N N   . SER A 34 ? 0.1417 0.1058 0.1286 -0.0090 -0.0500 0.0356  29  SER A N   
254 C CA  . SER A 34 ? 0.1389 0.1414 0.1279 -0.0096 -0.0499 0.0293  29  SER A CA  
255 C C   . SER A 34 ? 0.1446 0.1308 0.1305 -0.0089 -0.0445 0.0180  29  SER A C   
256 O O   . SER A 34 ? 0.1617 0.1201 0.1451 -0.0145 -0.0336 0.0113  29  SER A O   
257 C CB  . SER A 34 ? 0.1421 0.2010 0.1334 -0.0110 -0.0563 0.0274  29  SER A CB  
258 O OG  . SER A 34 ? 0.1615 0.2391 0.1375 -0.0074 -0.0562 0.0259  29  SER A OG  
259 N N   . PRO A 35 ? 0.1531 0.1244 0.1389 -0.0013 -0.0357 0.0214  30  PRO A N   
260 C CA  . PRO A 35 ? 0.1497 0.1401 0.1321 -0.0087 -0.0380 0.0307  30  PRO A CA  
261 C C   . PRO A 35 ? 0.1492 0.1325 0.1372 -0.0115 -0.0406 0.0351  30  PRO A C   
262 O O   . PRO A 35 ? 0.1913 0.1416 0.1386 -0.0151 -0.0458 0.0519  30  PRO A O   
263 C CB  . PRO A 35 ? 0.1585 0.1558 0.1652 0.0044  -0.0311 0.0180  30  PRO A CB  
264 C CG  . PRO A 35 ? 0.1697 0.1502 0.1862 0.0102  -0.0278 0.0126  30  PRO A CG  
265 C CD  . PRO A 35 ? 0.1682 0.1368 0.1610 0.0113  -0.0254 0.0151  30  PRO A CD  
266 N N   . HIS A 36 ? 0.1285 0.1157 0.1251 -0.0090 -0.0473 0.0353  31  HIS A N   
267 C CA  . HIS A 36 ? 0.1201 0.1170 0.1211 -0.0054 -0.0495 0.0327  31  HIS A CA  
268 C C   . HIS A 36 ? 0.1185 0.1223 0.1113 -0.0027 -0.0513 0.0386  31  HIS A C   
269 O O   . HIS A 36 ? 0.1251 0.1170 0.1318 -0.0056 -0.0476 0.0396  31  HIS A O   
270 C CB  . HIS A 36 ? 0.1209 0.1232 0.1247 -0.0008 -0.0481 0.0255  31  HIS A CB  
271 C CG  . HIS A 36 ? 0.1306 0.1317 0.1166 -0.0042 -0.0469 0.0240  31  HIS A CG  
272 N ND1 . HIS A 36 ? 0.1236 0.1512 0.1258 -0.0052 -0.0456 0.0207  31  HIS A ND1 
273 C CD2 . HIS A 36 ? 0.1309 0.1450 0.1161 0.0012  -0.0522 0.0212  31  HIS A CD2 
274 C CE1 . HIS A 36 ? 0.1272 0.1510 0.1344 0.0002  -0.0425 0.0149  31  HIS A CE1 
275 N NE2 . HIS A 36 ? 0.1279 0.1565 0.1294 0.0038  -0.0467 0.0147  31  HIS A NE2 
276 N N   . ALA A 37 ? 0.1256 0.1177 0.1376 0.0038  -0.0525 0.0327  32  ALA A N   
277 C CA  . ALA A 37 ? 0.1270 0.1112 0.1486 0.0099  -0.0502 0.0345  32  ALA A CA  
278 C C   . ALA A 37 ? 0.1256 0.0891 0.1456 0.0108  -0.0548 0.0332  32  ALA A C   
279 O O   . ALA A 37 ? 0.1194 0.1075 0.1590 -0.0034 -0.0510 0.0286  32  ALA A O   
280 C CB  . ALA A 37 ? 0.1520 0.1062 0.1548 0.0157  -0.0443 0.0425  32  ALA A CB  
281 N N   . HIS A 38 ? 0.1307 0.0646 0.1400 0.0161  -0.0432 0.0268  33  HIS A N   
282 C CA  . HIS A 38 ? 0.1265 0.0648 0.1308 0.0109  -0.0482 0.0265  33  HIS A CA  
283 C C   . HIS A 38 ? 0.1235 0.0672 0.1343 0.0153  -0.0520 0.0219  33  HIS A C   
284 O O   . HIS A 38 ? 0.1249 0.0754 0.1465 0.0138  -0.0559 0.0273  33  HIS A O   
285 C CB  . HIS A 38 ? 0.1241 0.0664 0.1297 0.0185  -0.0516 0.0181  33  HIS A CB  
286 C CG  . HIS A 38 ? 0.1155 0.0685 0.1333 0.0206  -0.0517 0.0158  33  HIS A CG  
287 N ND1 . HIS A 38 ? 0.1197 0.0639 0.1259 0.0215  -0.0466 0.0163  33  HIS A ND1 
288 C CD2 . HIS A 38 ? 0.1203 0.0740 0.1332 0.0151  -0.0501 0.0197  33  HIS A CD2 
289 C CE1 . HIS A 38 ? 0.1272 0.0671 0.1223 0.0209  -0.0481 0.0092  33  HIS A CE1 
290 N NE2 . HIS A 38 ? 0.1225 0.0764 0.1315 0.0172  -0.0555 0.0160  33  HIS A NE2 
291 N N   . GLY A 39 ? 0.1175 0.0803 0.1386 0.0168  -0.0452 0.0171  34  GLY A N   
292 C CA  . GLY A 39 ? 0.1303 0.0759 0.1451 0.0214  -0.0391 0.0182  34  GLY A CA  
293 C C   . GLY A 39 ? 0.1274 0.0810 0.1461 0.0258  -0.0401 0.0225  34  GLY A C   
294 O O   . GLY A 39 ? 0.1350 0.0970 0.1492 0.0325  -0.0353 0.0196  34  GLY A O   
295 N N   . TYR A 40 ? 0.1196 0.0648 0.1415 0.0216  -0.0428 0.0211  35  TYR A N   
296 C CA  . TYR A 40 ? 0.1126 0.0819 0.1491 0.0206  -0.0594 0.0163  35  TYR A CA  
297 C C   . TYR A 40 ? 0.1167 0.0892 0.1343 0.0188  -0.0594 0.0218  35  TYR A C   
298 O O   . TYR A 40 ? 0.1192 0.0825 0.1562 0.0147  -0.0513 0.0231  35  TYR A O   
299 C CB  . TYR A 40 ? 0.1105 0.0903 0.1642 0.0198  -0.0648 0.0140  35  TYR A CB  
300 C CG  . TYR A 40 ? 0.1419 0.0937 0.2017 0.0184  -0.0788 0.0181  35  TYR A CG  
301 C CD1 . TYR A 40 ? 0.1747 0.1145 0.1909 0.0200  -0.0938 0.0221  35  TYR A CD1 
302 C CD2 . TYR A 40 ? 0.1473 0.0985 0.2501 0.0186  -0.0787 0.0122  35  TYR A CD2 
303 C CE1 . TYR A 40 ? 0.1956 0.1283 0.2222 0.0230  -0.1100 0.0165  35  TYR A CE1 
304 C CE2 . TYR A 40 ? 0.1656 0.1022 0.2696 0.0219  -0.0917 0.0053  35  TYR A CE2 
305 C CZ  . TYR A 40 ? 0.1836 0.1204 0.2428 0.0175  -0.1164 0.0085  35  TYR A CZ  
306 O OH  . TYR A 40 ? 0.2091 0.1463 0.2651 0.0132  -0.1335 0.0006  35  TYR A OH  
307 N N   . ILE A 41 ? 0.1023 0.1155 0.1383 0.0168  -0.0560 0.0194  36  ILE A N   
308 C CA  . ILE A 41 ? 0.1049 0.1128 0.1422 0.0169  -0.0521 0.0209  36  ILE A CA  
309 C C   . ILE A 41 ? 0.1090 0.1110 0.1293 0.0218  -0.0386 0.0138  36  ILE A C   
310 O O   . ILE A 41 ? 0.1265 0.1296 0.1352 0.0198  -0.0313 0.0024  36  ILE A O   
311 C CB  . ILE A 41 ? 0.1158 0.1122 0.1499 0.0171  -0.0568 0.0258  36  ILE A CB  
312 C CG1 . ILE A 41 ? 0.1268 0.1061 0.1598 0.0232  -0.0509 0.0210  36  ILE A CG1 
313 C CG2 . ILE A 41 ? 0.1169 0.1291 0.1702 0.0112  -0.0601 0.0246  36  ILE A CG2 
314 C CD1 . ILE A 41 ? 0.1512 0.1123 0.1599 0.0208  -0.0381 0.0228  36  ILE A CD1 
315 N N   . PRO A 42 ? 0.1077 0.1052 0.1302 0.0247  -0.0411 0.0170  37  PRO A N   
316 C CA  . PRO A 42 ? 0.1222 0.1134 0.1415 0.0191  -0.0247 0.0302  37  PRO A CA  
317 C C   . PRO A 42 ? 0.1398 0.1278 0.1412 0.0205  -0.0128 0.0357  37  PRO A C   
318 O O   . PRO A 42 ? 0.1572 0.1358 0.1585 0.0198  -0.0126 0.0405  37  PRO A O   
319 C CB  . PRO A 42 ? 0.1223 0.1061 0.1482 0.0295  -0.0265 0.0206  37  PRO A CB  
320 C CG  . PRO A 42 ? 0.1252 0.1049 0.1399 0.0322  -0.0327 0.0085  37  PRO A CG  
321 C CD  . PRO A 42 ? 0.1175 0.1003 0.1329 0.0273  -0.0351 0.0036  37  PRO A CD  
322 N N   . SER A 43 ? 0.1238 0.1395 0.1368 0.0313  -0.0146 0.0337  38  SER A N   
323 C CA  . SER A 43 ? 0.1352 0.1649 0.1450 0.0337  -0.0079 0.0367  38  SER A CA  
324 C C   . SER A 43 ? 0.1449 0.1955 0.1486 0.0423  -0.0005 0.0251  38  SER A C   
325 O O   . SER A 43 ? 0.1552 0.2162 0.1611 0.0439  0.0086  0.0033  38  SER A O   
326 C CB  . SER A 43 ? 0.1381 0.1660 0.1517 0.0367  -0.0145 0.0424  38  SER A CB  
327 O OG  . SER A 43 ? 0.1537 0.1531 0.1682 0.0376  -0.0177 0.0448  38  SER A OG  
328 N N   . LYS A 44 ? 0.1701 0.2243 0.1534 0.0292  -0.0155 0.0304  39  LYS A N   
329 C CA  . LYS A 44 ? 0.1893 0.2948 0.1885 0.0003  -0.0285 0.0455  39  LYS A CA  
330 C C   . LYS A 44 ? 0.2313 0.3907 0.2503 -0.0224 -0.0349 0.0780  39  LYS A C   
331 O O   . LYS A 44 ? 0.1676 0.3792 0.2212 -0.0161 -0.0396 0.0817  39  LYS A O   
337 N N   . PHE A 45 ? 0.3605 0.5031 0.3522 -0.0399 -0.0428 0.0954  40  PHE A N   
338 C CA  A PHE A 45 ? 0.4308 0.5673 0.4150 -0.0443 -0.0488 0.0979  40  PHE A CA  
339 C CA  B PHE A 45 ? 0.4273 0.5632 0.4120 -0.0443 -0.0485 0.0976  40  PHE A CA  
340 C C   . PHE A 45 ? 0.3352 0.4812 0.3177 -0.0365 -0.0387 0.1112  40  PHE A C   
341 O O   . PHE A 45 ? 0.2924 0.4624 0.2497 -0.0526 -0.0413 0.1430  40  PHE A O   
356 N N   . PRO A 46 ? 0.1845 0.3411 0.2166 -0.0002 -0.0162 0.0977  41  PRO A N   
357 C CA  . PRO A 46 ? 0.1403 0.2596 0.1859 0.0201  -0.0053 0.0751  41  PRO A CA  
358 C C   . PRO A 46 ? 0.1519 0.1855 0.1662 0.0338  0.0108  0.0508  41  PRO A C   
359 O O   . PRO A 46 ? 0.1605 0.1450 0.1875 0.0414  0.0149  0.0319  41  PRO A O   
360 C CB  . PRO A 46 ? 0.1248 0.2642 0.1963 0.0204  -0.0043 0.0746  41  PRO A CB  
361 C CG  . PRO A 46 ? 0.1352 0.2812 0.2059 0.0178  -0.0042 0.0778  41  PRO A CG  
362 C CD  . PRO A 46 ? 0.1338 0.3069 0.2037 0.0171  -0.0131 0.0876  41  PRO A CD  
363 N N   . ASN A 47 ? 0.1624 0.1769 0.1486 0.0416  0.0094  0.0428  42  ASN A N   
364 C CA  . ASN A 47 ? 0.1740 0.1910 0.1512 0.0464  0.0109  0.0359  42  ASN A CA  
365 C C   . ASN A 47 ? 0.1606 0.1842 0.1519 0.0419  -0.0030 0.0369  42  ASN A C   
366 O O   . ASN A 47 ? 0.1651 0.2136 0.1711 0.0460  -0.0183 0.0461  42  ASN A O   
367 C CB  . ASN A 47 ? 0.2065 0.2035 0.1589 0.0500  0.0201  0.0365  42  ASN A CB  
368 C CG  . ASN A 47 ? 0.2379 0.2178 0.1770 0.0506  0.0236  0.0351  42  ASN A CG  
369 O OD1 . ASN A 47 ? 0.2477 0.2364 0.1956 0.0469  0.0198  0.0399  42  ASN A OD1 
370 N ND2 . ASN A 47 ? 0.2507 0.2254 0.1847 0.0537  0.0310  0.0305  42  ASN A ND2 
371 N N   . LYS A 48 ? 0.1431 0.1538 0.1547 0.0323  -0.0119 0.0143  43  LYS A N   
372 C CA  A LYS A 48 ? 0.1391 0.1421 0.1591 0.0335  -0.0222 0.0071  43  LYS A CA  
373 C CA  B LYS A 48 ? 0.1345 0.1456 0.1567 0.0284  -0.0253 0.0099  43  LYS A CA  
374 C C   . LYS A 48 ? 0.1273 0.1355 0.1483 0.0303  -0.0351 0.0139  43  LYS A C   
375 O O   . LYS A 48 ? 0.1181 0.1528 0.1613 0.0298  -0.0393 0.0086  43  LYS A O   
376 C CB  A LYS A 48 ? 0.1494 0.1356 0.1788 0.0442  -0.0171 -0.0137 43  LYS A CB  
377 C CB  B LYS A 48 ? 0.1372 0.1455 0.1690 0.0269  -0.0270 -0.0034 43  LYS A CB  
378 C CG  A LYS A 48 ? 0.1611 0.1415 0.1999 0.0510  -0.0114 -0.0308 43  LYS A CG  
379 C CG  B LYS A 48 ? 0.1445 0.1519 0.1805 0.0210  -0.0242 -0.0152 43  LYS A CG  
380 C CD  A LYS A 48 ? 0.1828 0.1456 0.2147 0.0487  -0.0105 -0.0359 43  LYS A CD  
381 C CD  B LYS A 48 ? 0.1522 0.1518 0.1912 0.0179  -0.0227 -0.0238 43  LYS A CD  
382 C CE  A LYS A 48 ? 0.2020 0.1493 0.2244 0.0515  -0.0097 -0.0435 43  LYS A CE  
383 C CE  B LYS A 48 ? 0.1631 0.1547 0.2011 0.0179  -0.0220 -0.0313 43  LYS A CE  
384 N NZ  A LYS A 48 ? 0.2072 0.1626 0.2293 0.0537  -0.0077 -0.0493 43  LYS A NZ  
385 N NZ  B LYS A 48 ? 0.1624 0.1595 0.2065 0.0170  -0.0206 -0.0328 43  LYS A NZ  
386 N N   . ASN A 49 ? 0.1331 0.1049 0.1408 0.0318  -0.0283 0.0149  44  ASN A N   
387 C CA  . ASN A 49 ? 0.1488 0.0904 0.1415 0.0293  -0.0209 0.0289  44  ASN A CA  
388 C C   . ASN A 49 ? 0.1250 0.0718 0.1441 0.0206  -0.0296 0.0199  44  ASN A C   
389 O O   . ASN A 49 ? 0.1362 0.0948 0.1336 0.0364  -0.0475 -0.0040 44  ASN A O   
390 C CB  . ASN A 49 ? 0.1763 0.1231 0.1750 0.0308  -0.0105 0.0400  44  ASN A CB  
391 C CG  . ASN A 49 ? 0.1934 0.1588 0.2193 0.0298  -0.0100 0.0509  44  ASN A CG  
392 O OD1 . ASN A 49 ? 0.2015 0.1797 0.2545 0.0227  -0.0119 0.0546  44  ASN A OD1 
393 N ND2 . ASN A 49 ? 0.2097 0.1782 0.2174 0.0307  -0.0111 0.0598  44  ASN A ND2 
394 N N   . LEU A 50 ? 0.1080 0.0783 0.1420 0.0198  -0.0287 0.0144  45  LEU A N   
395 C CA  . LEU A 50 ? 0.1125 0.0915 0.1421 0.0218  -0.0424 -0.0026 45  LEU A CA  
396 C C   . LEU A 50 ? 0.1219 0.1024 0.1708 0.0182  -0.0595 -0.0133 45  LEU A C   
397 O O   . LEU A 50 ? 0.1674 0.1312 0.2239 0.0355  -0.1045 -0.0279 45  LEU A O   
398 C CB  . LEU A 50 ? 0.1210 0.0758 0.1343 0.0232  -0.0428 0.0049  45  LEU A CB  
399 C CG  . LEU A 50 ? 0.1399 0.0793 0.1328 0.0279  -0.0578 0.0132  45  LEU A CG  
400 C CD1 . LEU A 50 ? 0.1750 0.0838 0.1681 0.0277  -0.0634 0.0101  45  LEU A CD1 
401 C CD2 . LEU A 50 ? 0.1265 0.1014 0.1507 0.0353  -0.0537 -0.0120 45  LEU A CD2 
402 N N   . LYS A 51 ? 0.1233 0.0948 0.1399 0.0118  -0.0312 -0.0111 46  LYS A N   
403 C CA  . LYS A 51 ? 0.1427 0.0921 0.1363 -0.0013 -0.0178 -0.0073 46  LYS A CA  
404 C C   . LYS A 51 ? 0.1170 0.0803 0.1253 0.0045  -0.0384 0.0040  46  LYS A C   
405 O O   . LYS A 51 ? 0.1088 0.0892 0.1191 0.0137  -0.0434 0.0004  46  LYS A O   
406 C CB  . LYS A 51 ? 0.1977 0.1135 0.1582 -0.0182 0.0074  -0.0045 46  LYS A CB  
407 C CG  . LYS A 51 ? 0.2296 0.1477 0.1881 -0.0263 0.0059  0.0118  46  LYS A CG  
408 C CD  . LYS A 51 ? 0.2479 0.1802 0.2172 -0.0290 -0.0075 0.0235  46  LYS A CD  
409 C CE  . LYS A 51 ? 0.2662 0.2065 0.2370 -0.0285 -0.0180 0.0263  46  LYS A CE  
410 N NZ  . LYS A 51 ? 0.2749 0.2216 0.2588 -0.0258 -0.0276 0.0262  46  LYS A NZ  
411 N N   . LYS A 52 ? 0.1101 0.0856 0.1217 0.0083  -0.0395 0.0109  47  LYS A N   
412 C CA  . LYS A 52 ? 0.1143 0.0891 0.1238 0.0107  -0.0433 0.0118  47  LYS A CA  
413 C C   . LYS A 52 ? 0.1130 0.0778 0.1213 0.0094  -0.0389 0.0148  47  LYS A C   
414 O O   . LYS A 52 ? 0.0991 0.0928 0.1237 0.0155  -0.0492 0.0302  47  LYS A O   
415 C CB  . LYS A 52 ? 0.1466 0.0797 0.1630 0.0024  -0.0334 0.0092  47  LYS A CB  
416 C CG  . LYS A 52 ? 0.1743 0.0935 0.1975 -0.0048 -0.0338 0.0056  47  LYS A CG  
417 C CD  . LYS A 52 ? 0.1874 0.1366 0.2289 -0.0035 -0.0468 0.0108  47  LYS A CD  
418 C CE  . LYS A 52 ? 0.2105 0.1713 0.2655 -0.0054 -0.0552 0.0183  47  LYS A CE  
419 N NZ  . LYS A 52 ? 0.2373 0.2033 0.2993 -0.0053 -0.0607 0.0205  47  LYS A NZ  
420 N N   . ASN A 53 ? 0.0920 0.0849 0.1223 0.0064  -0.0343 0.0107  48  ASN A N   
421 C CA  . ASN A 53 ? 0.1011 0.0854 0.1190 0.0165  -0.0445 0.0126  48  ASN A CA  
422 C C   . ASN A 53 ? 0.1120 0.0818 0.1173 0.0169  -0.0401 0.0085  48  ASN A C   
423 O O   . ASN A 53 ? 0.1063 0.1127 0.1325 0.0083  -0.0477 0.0237  48  ASN A O   
424 C CB  . ASN A 53 ? 0.1180 0.0721 0.1151 0.0194  -0.0466 0.0168  48  ASN A CB  
425 C CG  . ASN A 53 ? 0.1227 0.0865 0.1243 0.0132  -0.0387 0.0189  48  ASN A CG  
426 O OD1 . ASN A 53 ? 0.1340 0.0839 0.1460 0.0190  -0.0331 0.0097  48  ASN A OD1 
427 N ND2 . ASN A 53 ? 0.1242 0.1098 0.1205 0.0235  -0.0389 0.0152  48  ASN A ND2 
428 N N   . TYR A 54 ? 0.1121 0.0716 0.1028 0.0181  -0.0441 0.0125  49  TYR A N   
429 C CA  . TYR A 54 ? 0.1235 0.0675 0.1070 0.0157  -0.0487 0.0155  49  TYR A CA  
430 C C   . TYR A 54 ? 0.1255 0.0624 0.0994 0.0152  -0.0489 0.0151  49  TYR A C   
431 O O   . TYR A 54 ? 0.1135 0.0588 0.1286 0.0255  -0.0469 0.0026  49  TYR A O   
432 C CB  . TYR A 54 ? 0.1316 0.0667 0.1240 0.0116  -0.0527 0.0227  49  TYR A CB  
433 C CG  . TYR A 54 ? 0.1626 0.0657 0.1533 0.0098  -0.0571 0.0224  49  TYR A CG  
434 C CD1 . TYR A 54 ? 0.1817 0.0671 0.1697 0.0206  -0.0653 0.0039  49  TYR A CD1 
435 C CD2 . TYR A 54 ? 0.1493 0.1005 0.1828 0.0011  -0.0609 0.0178  49  TYR A CD2 
436 C CE1 . TYR A 54 ? 0.1955 0.0742 0.1963 0.0126  -0.0689 0.0028  49  TYR A CE1 
437 C CE2 . TYR A 54 ? 0.1575 0.1071 0.2137 -0.0062 -0.0643 0.0179  49  TYR A CE2 
438 C CZ  . TYR A 54 ? 0.1902 0.0900 0.2204 -0.0039 -0.0736 0.0098  49  TYR A CZ  
439 O OH  . TYR A 54 ? 0.2183 0.1108 0.2608 -0.0171 -0.0743 -0.0038 49  TYR A OH  
440 N N   . CYS A 55 ? 0.1119 0.0763 0.1033 0.0135  -0.0464 0.0068  50  CYS A N   
441 C CA  . CYS A 55 ? 0.0983 0.0727 0.1015 0.0151  -0.0383 0.0107  50  CYS A CA  
442 C C   . CYS A 55 ? 0.0964 0.0616 0.1100 0.0175  -0.0424 0.0169  50  CYS A C   
443 O O   . CYS A 55 ? 0.1117 0.0535 0.1092 0.0201  -0.0263 0.0178  50  CYS A O   
444 C CB  . CYS A 55 ? 0.1153 0.1041 0.1076 0.0168  -0.0346 -0.0001 50  CYS A CB  
445 S SG  . CYS A 55 ? 0.1086 0.1088 0.1202 0.0092  -0.0325 -0.0056 50  CYS A SG  
446 N N   . ARG A 56 ? 0.0991 0.0573 0.1066 0.0170  -0.0409 0.0154  51  ARG A N   
447 C CA  . ARG A 56 ? 0.1036 0.0667 0.1052 0.0167  -0.0379 0.0126  51  ARG A CA  
448 C C   . ARG A 56 ? 0.1094 0.0624 0.0926 0.0201  -0.0331 0.0174  51  ARG A C   
449 O O   . ARG A 56 ? 0.1042 0.0744 0.1019 0.0202  -0.0266 0.0084  51  ARG A O   
450 C CB  . ARG A 56 ? 0.1049 0.0651 0.1177 0.0173  -0.0463 0.0124  51  ARG A CB  
451 C CG  . ARG A 56 ? 0.1146 0.0562 0.1238 0.0191  -0.0407 0.0108  51  ARG A CG  
452 C CD  . ARG A 56 ? 0.1255 0.0487 0.1294 0.0134  -0.0341 0.0094  51  ARG A CD  
453 N NE  . ARG A 56 ? 0.1166 0.0635 0.1378 0.0137  -0.0376 0.0017  51  ARG A NE  
454 C CZ  . ARG A 56 ? 0.1231 0.0610 0.1400 0.0059  -0.0369 0.0089  51  ARG A CZ  
455 N NH1 . ARG A 56 ? 0.1245 0.0658 0.1292 0.0169  -0.0395 0.0018  51  ARG A NH1 
456 N NH2 . ARG A 56 ? 0.1420 0.0582 0.1509 0.0095  -0.0402 0.0088  51  ARG A NH2 
457 N N   . ASN A 57 ? 0.1142 0.0631 0.1141 0.0158  -0.0301 0.0081  52  ASN A N   
458 C CA  . ASN A 57 ? 0.1187 0.0614 0.1197 0.0143  -0.0298 0.0051  52  ASN A CA  
459 C C   . ASN A 57 ? 0.1072 0.0823 0.1225 0.0166  -0.0273 -0.0014 52  ASN A C   
460 O O   . ASN A 57 ? 0.1213 0.0991 0.1248 0.0195  -0.0250 -0.0029 52  ASN A O   
461 C CB  . ASN A 57 ? 0.1121 0.0742 0.1336 0.0156  -0.0357 0.0017  52  ASN A CB  
462 C CG  . ASN A 57 ? 0.1185 0.0580 0.1397 0.0192  -0.0419 -0.0006 52  ASN A CG  
463 O OD1 . ASN A 57 ? 0.1235 0.0726 0.1479 0.0124  -0.0490 -0.0005 52  ASN A OD1 
464 N ND2 . ASN A 57 ? 0.1181 0.0786 0.1429 0.0191  -0.0525 0.0046  52  ASN A ND2 
465 N N   . PRO A 58 ? 0.1156 0.0710 0.1217 0.0155  -0.0312 -0.0003 53  PRO A N   
466 C CA  . PRO A 58 ? 0.1047 0.0780 0.1352 0.0200  -0.0383 -0.0022 53  PRO A CA  
467 C C   . PRO A 58 ? 0.1112 0.0777 0.1577 0.0210  -0.0265 -0.0093 53  PRO A C   
468 O O   . PRO A 58 ? 0.1166 0.1050 0.1853 0.0200  -0.0264 -0.0246 53  PRO A O   
469 C CB  . PRO A 58 ? 0.1179 0.0908 0.1418 0.0159  -0.0466 0.0096  53  PRO A CB  
470 C CG  . PRO A 58 ? 0.1198 0.0943 0.1342 0.0194  -0.0455 0.0081  53  PRO A CG  
471 C CD  . PRO A 58 ? 0.1242 0.0842 0.1339 0.0131  -0.0416 0.0022  53  PRO A CD  
472 N N   . ASP A 59 ? 0.1089 0.0690 0.1592 0.0226  -0.0367 0.0010  54  ASP A N   
473 C CA  . ASP A 59 ? 0.1120 0.0664 0.1469 0.0168  -0.0368 0.0041  54  ASP A CA  
474 C C   . ASP A 59 ? 0.1190 0.0514 0.1538 0.0177  -0.0290 0.0012  54  ASP A C   
475 O O   . ASP A 59 ? 0.1464 0.0602 0.1458 0.0112  -0.0363 0.0038  54  ASP A O   
476 C CB  . ASP A 59 ? 0.1185 0.0896 0.1463 0.0167  -0.0377 0.0066  54  ASP A CB  
477 C CG  . ASP A 59 ? 0.1244 0.0787 0.1326 0.0197  -0.0281 0.0072  54  ASP A CG  
478 O OD1 . ASP A 59 ? 0.1318 0.0772 0.1339 0.0256  -0.0259 0.0040  54  ASP A OD1 
479 O OD2 . ASP A 59 ? 0.1302 0.0862 0.1361 0.0164  -0.0357 0.0146  54  ASP A OD2 
480 N N   . ASN A 60 ? 0.1038 0.0755 0.1489 0.0200  -0.0329 0.0044  55  ASN A N   
481 C CA  . ASN A 60 ? 0.1189 0.1005 0.1347 0.0138  -0.0345 0.0126  55  ASN A CA  
482 C C   . ASN A 60 ? 0.1083 0.1024 0.1268 0.0141  -0.0426 0.0107  55  ASN A C   
483 O O   . ASN A 60 ? 0.1224 0.1322 0.1294 0.0156  -0.0467 0.0001  55  ASN A O   
484 C CB  . ASN A 60 ? 0.1424 0.1375 0.1687 0.0066  -0.0167 0.0005  55  ASN A CB  
485 C CG  . ASN A 60 ? 0.1829 0.1762 0.2214 0.0083  -0.0073 -0.0126 55  ASN A CG  
486 O OD1 . ASN A 60 ? 0.2091 0.1938 0.2431 0.0057  -0.0019 -0.0171 55  ASN A OD1 
487 N ND2 . ASN A 60 ? 0.1880 0.2043 0.2611 0.0152  -0.0102 -0.0201 55  ASN A ND2 
488 N N   . ASP A 61 ? 0.1100 0.0778 0.1243 0.0182  -0.0373 0.0051  56  ASP A N   
489 C CA  . ASP A 61 ? 0.0940 0.0810 0.1268 0.0164  -0.0402 0.0099  56  ASP A CA  
490 C C   . ASP A 61 ? 0.0992 0.0817 0.1238 0.0259  -0.0416 0.0045  56  ASP A C   
491 O O   . ASP A 61 ? 0.1060 0.0655 0.1269 0.0212  -0.0463 0.0098  56  ASP A O   
492 C CB  . ASP A 61 ? 0.1060 0.0809 0.1157 0.0156  -0.0409 0.0172  56  ASP A CB  
493 C CG  . ASP A 61 ? 0.1222 0.0756 0.1114 0.0203  -0.0458 0.0252  56  ASP A CG  
494 O OD1 . ASP A 61 ? 0.1157 0.0935 0.1240 0.0182  -0.0517 0.0224  56  ASP A OD1 
495 O OD2 . ASP A 61 ? 0.1220 0.0964 0.1248 0.0299  -0.0472 0.0168  56  ASP A OD2 
496 N N   . PRO A 62 ? 0.1085 0.0843 0.1156 0.0193  -0.0530 0.0107  57  PRO A N   
497 C CA  A PRO A 62 ? 0.1279 0.0864 0.1097 0.0207  -0.0506 0.0128  57  PRO A CA  
498 C CA  B PRO A 62 ? 0.1224 0.0863 0.1104 0.0214  -0.0501 0.0116  57  PRO A CA  
499 C C   . PRO A 62 ? 0.1154 0.0786 0.1040 0.0172  -0.0408 0.0138  57  PRO A C   
500 O O   . PRO A 62 ? 0.1334 0.0883 0.1152 0.0257  -0.0413 0.0174  57  PRO A O   
501 C CB  A PRO A 62 ? 0.1399 0.1061 0.1216 0.0239  -0.0529 -0.0008 57  PRO A CB  
502 C CB  B PRO A 62 ? 0.1288 0.1034 0.1216 0.0276  -0.0551 -0.0016 57  PRO A CB  
503 C CG  A PRO A 62 ? 0.1249 0.1051 0.1391 0.0140  -0.0489 -0.0024 57  PRO A CG  
504 C CG  B PRO A 62 ? 0.1168 0.1041 0.1375 0.0202  -0.0545 -0.0011 57  PRO A CG  
505 C CD  A PRO A 62 ? 0.1182 0.0868 0.1428 0.0113  -0.0475 0.0029  57  PRO A CD  
506 C CD  B PRO A 62 ? 0.1124 0.0928 0.1325 0.0160  -0.0535 0.0030  57  PRO A CD  
507 N N   . GLN A 63 ? 0.1161 0.0737 0.1143 0.0151  -0.0302 0.0075  58  GLN A N   
508 C CA  . GLN A 63 ? 0.1069 0.0818 0.1143 0.0144  -0.0340 0.0093  58  GLN A CA  
509 C C   . GLN A 63 ? 0.1211 0.0868 0.1124 0.0111  -0.0309 0.0092  58  GLN A C   
510 O O   . GLN A 63 ? 0.1277 0.0867 0.1475 0.0167  -0.0342 -0.0113 58  GLN A O   
511 C CB  . GLN A 63 ? 0.1125 0.0810 0.1189 0.0133  -0.0453 0.0078  58  GLN A CB  
512 C CG  . GLN A 63 ? 0.1212 0.0732 0.1223 0.0184  -0.0485 0.0170  58  GLN A CG  
513 C CD  . GLN A 63 ? 0.1103 0.0693 0.1164 0.0195  -0.0469 0.0197  58  GLN A CD  
514 O OE1 . GLN A 63 ? 0.1353 0.0829 0.1496 0.0207  -0.0511 0.0219  58  GLN A OE1 
515 N NE2 . GLN A 63 ? 0.1019 0.0713 0.1090 0.0259  -0.0362 0.0157  58  GLN A NE2 
520 N N   . PRO A 65 ? 0.1238 0.0529 0.1120 0.0120  -0.0290 0.0159  60  PRO A N   
521 C CA  . PRO A 65 ? 0.1111 0.0616 0.1067 0.0157  -0.0429 0.0151  60  PRO A CA  
522 C C   . PRO A 65 ? 0.0993 0.0668 0.1134 0.0191  -0.0349 0.0115  60  PRO A C   
523 O O   . PRO A 65 ? 0.1088 0.0779 0.1146 0.0213  -0.0370 0.0070  60  PRO A O   
524 C CB  . PRO A 65 ? 0.1214 0.0613 0.1093 0.0137  -0.0485 0.0176  60  PRO A CB  
525 C CG  . PRO A 65 ? 0.1358 0.0569 0.1221 0.0201  -0.0397 0.0151  60  PRO A CG  
526 C CD  . PRO A 65 ? 0.1312 0.0498 0.1203 0.0164  -0.0279 0.0197  60  PRO A CD  
527 N N   . TRP A 66 ? 0.1072 0.0661 0.1039 0.0182  -0.0306 0.0114  61  TRP A N   
528 C CA  . TRP A 66 ? 0.1061 0.0727 0.1088 0.0197  -0.0326 0.0078  61  TRP A CA  
529 C C   . TRP A 66 ? 0.1078 0.0604 0.1034 0.0193  -0.0240 0.0121  61  TRP A C   
530 O O   . TRP A 66 ? 0.1156 0.0675 0.1076 0.0263  -0.0313 0.0141  61  TRP A O   
531 C CB  . TRP A 66 ? 0.1174 0.0641 0.1102 0.0181  -0.0332 0.0100  61  TRP A CB  
532 C CG  . TRP A 66 ? 0.1113 0.0677 0.1080 0.0162  -0.0361 0.0099  61  TRP A CG  
533 C CD1 . TRP A 66 ? 0.1134 0.0580 0.1211 0.0128  -0.0348 0.0032  61  TRP A CD1 
534 C CD2 . TRP A 66 ? 0.1031 0.0704 0.1256 0.0129  -0.0438 0.0191  61  TRP A CD2 
535 N NE1 . TRP A 66 ? 0.1120 0.0618 0.1410 0.0134  -0.0301 0.0031  61  TRP A NE1 
536 C CE2 . TRP A 66 ? 0.1053 0.0735 0.1359 0.0148  -0.0434 0.0111  61  TRP A CE2 
537 C CE3 . TRP A 66 ? 0.1024 0.0817 0.1213 0.0187  -0.0524 0.0187  61  TRP A CE3 
538 C CZ2 . TRP A 66 ? 0.1091 0.0689 0.1523 0.0210  -0.0487 0.0107  61  TRP A CZ2 
539 C CZ3 . TRP A 66 ? 0.1078 0.0763 0.1381 0.0217  -0.0556 0.0128  61  TRP A CZ3 
540 C CH2 . TRP A 66 ? 0.1054 0.0797 0.1577 0.0251  -0.0530 0.0107  61  TRP A CH2 
541 N N   . CYS A 67 ? 0.1132 0.0675 0.1069 0.0167  -0.0332 0.0101  62  CYS A N   
542 C CA  . CYS A 67 ? 0.1047 0.0661 0.1105 0.0139  -0.0290 0.0154  62  CYS A CA  
543 C C   . CYS A 67 ? 0.1089 0.0816 0.1043 0.0150  -0.0275 0.0145  62  CYS A C   
544 O O   . CYS A 67 ? 0.1022 0.0875 0.1160 0.0105  -0.0312 0.0245  62  CYS A O   
545 C CB  . CYS A 67 ? 0.1126 0.0781 0.1246 0.0138  -0.0252 0.0081  62  CYS A CB  
546 S SG  . CYS A 67 ? 0.1137 0.0917 0.1194 0.0114  -0.0303 0.0041  62  CYS A SG  
547 N N   . PHE A 68 ? 0.1075 0.0864 0.1016 0.0131  -0.0381 0.0178  63  PHE A N   
548 C CA  . PHE A 68 ? 0.1090 0.0998 0.1002 0.0063  -0.0380 0.0225  63  PHE A CA  
549 C C   . PHE A 68 ? 0.1130 0.1089 0.0941 0.0024  -0.0445 0.0139  63  PHE A C   
550 O O   . PHE A 68 ? 0.1130 0.0847 0.1223 -0.0018 -0.0474 0.0108  63  PHE A O   
551 C CB  . PHE A 68 ? 0.1211 0.0890 0.1081 0.0176  -0.0457 0.0241  63  PHE A CB  
552 C CG  . PHE A 68 ? 0.1243 0.0842 0.1167 0.0242  -0.0426 0.0215  63  PHE A CG  
553 C CD1 . PHE A 68 ? 0.1320 0.0808 0.1327 0.0218  -0.0396 0.0222  63  PHE A CD1 
554 C CD2 . PHE A 68 ? 0.1240 0.0876 0.1252 0.0225  -0.0383 0.0213  63  PHE A CD2 
555 C CE1 . PHE A 68 ? 0.1206 0.0875 0.1380 0.0245  -0.0468 0.0294  63  PHE A CE1 
556 C CE2 . PHE A 68 ? 0.1164 0.0954 0.1348 0.0259  -0.0425 0.0191  63  PHE A CE2 
557 C CZ  . PHE A 68 ? 0.1241 0.0934 0.1314 0.0287  -0.0407 0.0224  63  PHE A CZ  
558 N N   . THR A 69 ? 0.1287 0.1094 0.0961 0.0006  -0.0335 0.0188  64  THR A N   
559 C CA  . THR A 69 ? 0.1484 0.1008 0.1106 0.0012  -0.0240 0.0122  64  THR A CA  
560 C C   . THR A 69 ? 0.1585 0.0932 0.1174 -0.0061 -0.0238 0.0144  64  THR A C   
561 O O   . THR A 69 ? 0.1782 0.0957 0.1207 0.0009  -0.0393 0.0117  64  THR A O   
562 C CB  . THR A 69 ? 0.1394 0.1248 0.1186 -0.0029 -0.0244 0.0134  64  THR A CB  
563 O OG1 . THR A 69 ? 0.1452 0.1352 0.1308 -0.0110 -0.0199 0.0288  64  THR A OG1 
564 C CG2 . THR A 69 ? 0.1422 0.1249 0.1328 0.0060  -0.0312 0.0070  64  THR A CG2 
565 N N   . THR A 70 ? 0.1653 0.1080 0.1098 -0.0091 -0.0186 0.0124  65  THR A N   
566 C CA  . THR A 70 ? 0.1792 0.1298 0.1104 -0.0131 -0.0190 0.0120  65  THR A CA  
567 C C   . THR A 70 ? 0.1755 0.1443 0.1053 -0.0109 -0.0227 0.0173  65  THR A C   
568 O O   . THR A 70 ? 0.1870 0.1568 0.1232 -0.0060 -0.0215 0.0107  65  THR A O   
569 C CB  . THR A 70 ? 0.1933 0.1454 0.1335 -0.0187 -0.0172 0.0112  65  THR A CB  
570 O OG1 . THR A 70 ? 0.2156 0.1392 0.1526 -0.0044 -0.0060 -0.0077 65  THR A OG1 
571 C CG2 . THR A 70 ? 0.1930 0.1553 0.1428 -0.0259 -0.0215 0.0201  65  THR A CG2 
572 N N   . ASP A 71 ? 0.1704 0.1499 0.1062 -0.0141 -0.0208 0.0299  66  ASP A N   
573 C CA  A ASP A 71 ? 0.1741 0.1526 0.1311 -0.0153 -0.0145 0.0269  66  ASP A CA  
574 C CA  B ASP A 71 ? 0.1714 0.1556 0.1227 -0.0187 -0.0180 0.0324  66  ASP A CA  
575 C C   . ASP A 71 ? 0.1694 0.1583 0.1196 -0.0187 -0.0222 0.0340  66  ASP A C   
576 O O   . ASP A 71 ? 0.1572 0.1559 0.1160 -0.0113 -0.0205 0.0283  66  ASP A O   
577 C CB  A ASP A 71 ? 0.1752 0.1503 0.1655 -0.0107 -0.0046 0.0181  66  ASP A CB  
578 C CB  B ASP A 71 ? 0.1697 0.1600 0.1430 -0.0216 -0.0141 0.0330  66  ASP A CB  
579 C CG  A ASP A 71 ? 0.1817 0.1478 0.1937 -0.0045 0.0061  0.0035  66  ASP A CG  
580 C CG  B ASP A 71 ? 0.1710 0.1649 0.1506 -0.0241 -0.0084 0.0312  66  ASP A CG  
581 O OD1 A ASP A 71 ? 0.1857 0.1297 0.1977 -0.0030 0.0194  -0.0012 66  ASP A OD1 
582 O OD1 B ASP A 71 ? 0.1673 0.1671 0.1441 -0.0313 -0.0054 0.0356  66  ASP A OD1 
583 O OD2 A ASP A 71 ? 0.1860 0.1632 0.2121 -0.0024 0.0056  -0.0027 66  ASP A OD2 
584 O OD2 B ASP A 71 ? 0.1816 0.1648 0.1588 -0.0220 -0.0044 0.0296  66  ASP A OD2 
585 N N   . PRO A 72 ? 0.1920 0.1821 0.1333 -0.0245 -0.0330 0.0418  67  PRO A N   
586 C CA  . PRO A 72 ? 0.1978 0.1830 0.1583 -0.0245 -0.0353 0.0458  67  PRO A CA  
587 C C   . PRO A 72 ? 0.1895 0.1642 0.1595 -0.0245 -0.0255 0.0540  67  PRO A C   
588 O O   . PRO A 72 ? 0.1925 0.1695 0.1987 -0.0193 -0.0220 0.0484  67  PRO A O   
589 C CB  . PRO A 72 ? 0.2228 0.2014 0.1591 -0.0194 -0.0436 0.0420  67  PRO A CB  
590 C CG  . PRO A 72 ? 0.2380 0.2101 0.1588 -0.0159 -0.0423 0.0307  67  PRO A CG  
591 C CD  . PRO A 72 ? 0.2289 0.2006 0.1386 -0.0195 -0.0354 0.0330  67  PRO A CD  
592 N N   . ASN A 73 ? 0.1744 0.1668 0.1376 -0.0254 -0.0268 0.0477  68  ASN A N   
593 C CA  . ASN A 73 ? 0.1768 0.1756 0.1339 -0.0297 -0.0206 0.0480  68  ASN A CA  
594 C C   . ASN A 73 ? 0.1640 0.1744 0.1311 -0.0239 -0.0212 0.0446  68  ASN A C   
595 O O   . ASN A 73 ? 0.1823 0.1920 0.1589 -0.0343 -0.0197 0.0357  68  ASN A O   
596 C CB  . ASN A 73 ? 0.2194 0.1964 0.1522 -0.0361 -0.0214 0.0410  68  ASN A CB  
597 C CG  . ASN A 73 ? 0.2797 0.2224 0.1864 -0.0361 -0.0318 0.0261  68  ASN A CG  
598 O OD1 . ASN A 73 ? 0.3196 0.2336 0.2064 -0.0371 -0.0431 0.0253  68  ASN A OD1 
599 N ND2 . ASN A 73 ? 0.3018 0.2402 0.1966 -0.0362 -0.0313 0.0195  68  ASN A ND2 
600 N N   . LYS A 74 ? 0.1480 0.1502 0.1277 -0.0075 -0.0169 0.0382  69  LYS A N   
601 C CA  . LYS A 74 ? 0.1527 0.1338 0.1373 -0.0023 -0.0265 0.0380  69  LYS A CA  
602 C C   . LYS A 74 ? 0.1392 0.1216 0.1276 -0.0024 -0.0284 0.0281  69  LYS A C   
603 O O   . LYS A 74 ? 0.1403 0.1091 0.1279 0.0007  -0.0239 0.0123  69  LYS A O   
604 C CB  . LYS A 74 ? 0.1674 0.1498 0.1481 0.0104  -0.0346 0.0404  69  LYS A CB  
605 C CG  . LYS A 74 ? 0.1829 0.1745 0.1710 0.0271  -0.0409 0.0408  69  LYS A CG  
606 C CD  . LYS A 74 ? 0.2051 0.2009 0.2124 0.0323  -0.0381 0.0367  69  LYS A CD  
607 C CE  . LYS A 74 ? 0.2242 0.2269 0.2471 0.0336  -0.0331 0.0320  69  LYS A CE  
608 N NZ  . LYS A 74 ? 0.2474 0.2440 0.2711 0.0352  -0.0335 0.0296  69  LYS A NZ  
609 N N   . ARG A 75 ? 0.1276 0.1129 0.1261 -0.0037 -0.0272 0.0298  70  ARG A N   
610 C CA  . ARG A 75 ? 0.1261 0.0928 0.1231 -0.0042 -0.0361 0.0258  70  ARG A CA  
611 C C   . ARG A 75 ? 0.1229 0.0905 0.1175 0.0020  -0.0323 0.0184  70  ARG A C   
612 O O   . ARG A 75 ? 0.1171 0.1032 0.1226 0.0022  -0.0338 0.0150  70  ARG A O   
613 C CB  . ARG A 75 ? 0.1254 0.0891 0.1469 -0.0078 -0.0424 0.0274  70  ARG A CB  
614 C CG  . ARG A 75 ? 0.1276 0.0980 0.1481 -0.0006 -0.0439 0.0231  70  ARG A CG  
615 C CD  . ARG A 75 ? 0.1328 0.1000 0.1492 0.0027  -0.0407 0.0148  70  ARG A CD  
616 N NE  . ARG A 75 ? 0.1326 0.1189 0.1268 0.0048  -0.0499 0.0199  70  ARG A NE  
617 C CZ  . ARG A 75 ? 0.1385 0.1170 0.1273 0.0028  -0.0524 0.0287  70  ARG A CZ  
618 N NH1 . ARG A 75 ? 0.1455 0.1186 0.1492 -0.0035 -0.0562 0.0246  70  ARG A NH1 
619 N NH2 . ARG A 75 ? 0.1442 0.1278 0.1406 0.0093  -0.0475 0.0289  70  ARG A NH2 
620 N N   . TRP A 76 ? 0.1344 0.0770 0.1111 0.0026  -0.0397 0.0184  71  TRP A N   
621 C CA  . TRP A 76 ? 0.1256 0.0962 0.1123 0.0060  -0.0368 0.0152  71  TRP A CA  
622 C C   . TRP A 76 ? 0.1308 0.0838 0.1142 0.0046  -0.0294 0.0152  71  TRP A C   
623 O O   . TRP A 76 ? 0.1287 0.0860 0.1263 0.0094  -0.0342 0.0207  71  TRP A O   
624 C CB  . TRP A 76 ? 0.1355 0.0882 0.1134 0.0135  -0.0402 0.0128  71  TRP A CB  
625 C CG  . TRP A 76 ? 0.1463 0.0826 0.1202 0.0213  -0.0468 0.0104  71  TRP A CG  
626 C CD1 . TRP A 76 ? 0.1472 0.0857 0.1253 0.0156  -0.0485 0.0091  71  TRP A CD1 
627 C CD2 . TRP A 76 ? 0.1534 0.0800 0.1261 0.0253  -0.0561 0.0038  71  TRP A CD2 
628 N NE1 . TRP A 76 ? 0.1587 0.0906 0.1362 0.0116  -0.0628 0.0122  71  TRP A NE1 
629 C CE2 . TRP A 76 ? 0.1630 0.0936 0.1332 0.0234  -0.0712 0.0036  71  TRP A CE2 
630 C CE3 . TRP A 76 ? 0.1716 0.0885 0.1240 0.0278  -0.0621 0.0005  71  TRP A CE3 
631 C CZ2 . TRP A 76 ? 0.1839 0.1223 0.1413 0.0286  -0.0822 -0.0067 71  TRP A CZ2 
632 C CZ3 . TRP A 76 ? 0.1775 0.1271 0.1359 0.0364  -0.0766 -0.0136 71  TRP A CZ3 
633 C CH2 . TRP A 76 ? 0.1843 0.1319 0.1479 0.0298  -0.0826 -0.0099 71  TRP A CH2 
634 N N   . GLU A 77 ? 0.1197 0.0928 0.1129 0.0088  -0.0364 0.0076  72  GLU A N   
635 C CA  . GLU A 77 ? 0.1175 0.1000 0.1145 0.0073  -0.0324 0.0112  72  GLU A CA  
636 C C   . GLU A 77 ? 0.1099 0.0812 0.1208 0.0162  -0.0328 0.0082  72  GLU A C   
637 O O   . GLU A 77 ? 0.1152 0.0891 0.1223 0.0103  -0.0261 0.0103  72  GLU A O   
638 C CB  . GLU A 77 ? 0.1283 0.1205 0.1230 0.0063  -0.0211 0.0061  72  GLU A CB  
639 C CG  . GLU A 77 ? 0.1294 0.1473 0.1367 0.0087  -0.0212 0.0041  72  GLU A CG  
640 C CD  . GLU A 77 ? 0.1441 0.1729 0.1524 0.0056  -0.0206 0.0020  72  GLU A CD  
641 O OE1 . GLU A 77 ? 0.1363 0.1907 0.1597 0.0297  -0.0238 -0.0126 72  GLU A OE1 
642 O OE2 . GLU A 77 ? 0.1758 0.1549 0.1619 -0.0029 0.0055  -0.0076 72  GLU A OE2 
643 N N   . TYR A 78 ? 0.1196 0.0716 0.1228 0.0199  -0.0364 0.0102  73  TYR A N   
644 C CA  . TYR A 78 ? 0.1153 0.0872 0.1228 0.0229  -0.0354 0.0124  73  TYR A CA  
645 C C   . TYR A 78 ? 0.0922 0.0886 0.1073 0.0172  -0.0330 0.0166  73  TYR A C   
646 O O   . TYR A 78 ? 0.1077 0.0827 0.1205 0.0197  -0.0193 0.0110  73  TYR A O   
647 C CB  . TYR A 78 ? 0.1063 0.0923 0.1228 0.0273  -0.0469 0.0017  73  TYR A CB  
648 C CG  . TYR A 78 ? 0.1171 0.0938 0.1120 0.0170  -0.0470 0.0066  73  TYR A CG  
649 C CD1 . TYR A 78 ? 0.1296 0.0825 0.1102 0.0143  -0.0478 0.0101  73  TYR A CD1 
650 C CD2 . TYR A 78 ? 0.1220 0.0997 0.1090 0.0071  -0.0439 0.0060  73  TYR A CD2 
651 C CE1 . TYR A 78 ? 0.1338 0.0811 0.1098 0.0122  -0.0505 0.0059  73  TYR A CE1 
652 C CE2 . TYR A 78 ? 0.1250 0.1074 0.1141 0.0098  -0.0436 0.0031  73  TYR A CE2 
653 C CZ  . TYR A 78 ? 0.1331 0.0861 0.1029 0.0103  -0.0484 0.0044  73  TYR A CZ  
654 O OH  . TYR A 78 ? 0.1305 0.0855 0.1263 0.0058  -0.0499 0.0046  73  TYR A OH  
655 N N   . CYS A 79 ? 0.1028 0.0902 0.1235 0.0136  -0.0228 0.0034  74  CYS A N   
656 C CA  . CYS A 79 ? 0.1111 0.0846 0.1245 0.0193  -0.0322 0.0053  74  CYS A CA  
657 C C   . CYS A 79 ? 0.1223 0.1113 0.1318 0.0281  -0.0378 0.0026  74  CYS A C   
658 O O   . CYS A 79 ? 0.1471 0.1550 0.1524 0.0558  -0.0670 -0.0216 74  CYS A O   
659 C CB  . CYS A 79 ? 0.1200 0.0870 0.1336 0.0143  -0.0291 0.0146  74  CYS A CB  
660 S SG  . CYS A 79 ? 0.1148 0.0832 0.1291 0.0204  -0.0363 0.0082  74  CYS A SG  
661 N N   . ASP A 80 ? 0.1128 0.1051 0.1521 0.0182  -0.0346 0.0199  75  ASP A N   
662 C CA  . ASP A 80 ? 0.1333 0.1219 0.1779 0.0285  -0.0325 0.0264  75  ASP A CA  
663 C C   . ASP A 80 ? 0.1473 0.0964 0.1566 0.0259  -0.0232 0.0209  75  ASP A C   
664 O O   . ASP A 80 ? 0.1871 0.0909 0.1943 0.0232  -0.0069 -0.0008 75  ASP A O   
665 C CB  . ASP A 80 ? 0.1572 0.1604 0.2267 0.0481  -0.0356 0.0189  75  ASP A CB  
666 C CG  . ASP A 80 ? 0.1874 0.1956 0.2672 0.0616  -0.0426 0.0021  75  ASP A CG  
667 O OD1 . ASP A 80 ? 0.2034 0.2169 0.2669 0.0603  -0.0524 0.0100  75  ASP A OD1 
668 O OD2 . ASP A 80 ? 0.2085 0.2213 0.3067 0.0709  -0.0419 -0.0226 75  ASP A OD2 
669 N N   . ILE A 81 ? 0.1409 0.0929 0.1304 0.0201  -0.0331 0.0230  76  ILE A N   
670 C CA  . ILE A 81 ? 0.1338 0.0963 0.1298 0.0195  -0.0433 0.0205  76  ILE A CA  
671 C C   . ILE A 81 ? 0.1590 0.0752 0.1361 0.0160  -0.0432 0.0155  76  ILE A C   
672 O O   . ILE A 81 ? 0.1792 0.0887 0.1487 0.0147  -0.0639 0.0104  76  ILE A O   
673 C CB  . ILE A 81 ? 0.1420 0.1046 0.1299 0.0189  -0.0453 0.0193  76  ILE A CB  
674 C CG1 . ILE A 81 ? 0.1515 0.0929 0.1452 0.0206  -0.0391 0.0136  76  ILE A CG1 
675 C CG2 . ILE A 81 ? 0.1522 0.1402 0.1174 0.0145  -0.0527 0.0216  76  ILE A CG2 
676 C CD1 . ILE A 81 ? 0.1525 0.0983 0.1498 0.0213  -0.0326 0.0142  76  ILE A CD1 
677 N N   . PRO A 82 ? 0.1498 0.0647 0.1329 0.0199  -0.0459 0.0169  77  PRO A N   
678 C CA  . PRO A 82 ? 0.1370 0.0869 0.1328 0.0264  -0.0498 0.0135  77  PRO A CA  
679 C C   . PRO A 82 ? 0.1251 0.0936 0.1229 0.0254  -0.0568 0.0172  77  PRO A C   
680 O O   . PRO A 82 ? 0.1277 0.0970 0.1453 0.0154  -0.0490 0.0066  77  PRO A O   
681 C CB  . PRO A 82 ? 0.1602 0.1011 0.1540 0.0288  -0.0464 0.0007  77  PRO A CB  
682 C CG  . PRO A 82 ? 0.1667 0.0834 0.1714 0.0248  -0.0493 0.0038  77  PRO A CG  
683 C CD  . PRO A 82 ? 0.1601 0.0637 0.1502 0.0237  -0.0449 0.0008  77  PRO A CD  
684 N N   . ARG A 83 ? 0.1339 0.1083 0.1343 0.0215  -0.0561 0.0122  78  ARG A N   
685 C CA  A ARG A 83 ? 0.1490 0.0900 0.1337 0.0198  -0.0512 0.0137  78  ARG A CA  
686 C CA  B ARG A 83 ? 0.1520 0.1001 0.1369 0.0184  -0.0568 0.0165  78  ARG A CA  
687 C C   . ARG A 83 ? 0.1436 0.0935 0.1306 0.0231  -0.0553 0.0175  78  ARG A C   
688 O O   . ARG A 83 ? 0.1458 0.0893 0.1640 0.0247  -0.0538 0.0185  78  ARG A O   
689 C CB  A ARG A 83 ? 0.1641 0.0726 0.1460 0.0180  -0.0470 0.0164  78  ARG A CB  
690 C CB  B ARG A 83 ? 0.1746 0.1015 0.1534 0.0127  -0.0633 0.0246  78  ARG A CB  
691 C CG  A ARG A 83 ? 0.1802 0.0643 0.1704 0.0197  -0.0369 0.0124  78  ARG A CG  
692 C CG  B ARG A 83 ? 0.1999 0.1099 0.1757 0.0088  -0.0662 0.0274  78  ARG A CG  
693 C CD  A ARG A 83 ? 0.1851 0.0910 0.1802 0.0171  -0.0309 0.0089  78  ARG A CD  
694 C CD  B ARG A 83 ? 0.2138 0.1317 0.1857 0.0051  -0.0703 0.0311  78  ARG A CD  
695 N NE  A ARG A 83 ? 0.1676 0.1268 0.1832 0.0256  -0.0299 0.0070  78  ARG A NE  
696 N NE  B ARG A 83 ? 0.2150 0.1573 0.1931 0.0090  -0.0738 0.0282  78  ARG A NE  
697 C CZ  A ARG A 83 ? 0.1685 0.1571 0.1717 0.0267  -0.0286 0.0030  78  ARG A CZ  
698 C CZ  B ARG A 83 ? 0.2088 0.1641 0.1829 0.0155  -0.0805 0.0220  78  ARG A CZ  
699 N NH1 A ARG A 83 ? 0.1598 0.1666 0.1732 0.0275  -0.0290 -0.0008 78  ARG A NH1 
700 N NH1 B ARG A 83 ? 0.1892 0.1433 0.1552 0.0152  -0.0804 0.0298  78  ARG A NH1 
701 N NH2 A ARG A 83 ? 0.1690 0.1715 0.1624 0.0256  -0.0283 0.0015  78  ARG A NH2 
702 N NH2 B ARG A 83 ? 0.2145 0.1834 0.1846 0.0185  -0.0893 0.0143  78  ARG A NH2 
703 N N   . CYS A 84 ? 0.1428 0.1024 0.1330 0.0222  -0.0465 0.0217  79  CYS A N   
704 C CA  . CYS A 84 ? 0.1528 0.1012 0.1435 0.0195  -0.0299 0.0176  79  CYS A CA  
705 C C   . CYS A 84 ? 0.1805 0.0993 0.1409 0.0157  -0.0234 0.0121  79  CYS A C   
706 O O   . CYS A 84 ? 0.1966 0.1219 0.1504 0.0243  -0.0398 -0.0006 79  CYS A O   
707 C CB  . CYS A 84 ? 0.1556 0.1099 0.1621 0.0193  -0.0191 0.0159  79  CYS A CB  
708 S SG  . CYS A 84 ? 0.1628 0.1195 0.1531 0.0178  -0.0354 0.0274  79  CYS A SG  
723 O O   . HOH C .  ? 0.1948 0.2117 0.4502 0.0184  -0.1405 -0.0632 201 HOH A O   
724 O O   . HOH C .  ? 0.3191 0.2424 0.4381 -0.0691 -0.2102 0.1030  202 HOH A O   
727 O O   . HOH C .  ? 0.3050 0.2035 0.3440 -0.0132 0.0600  0.0530  205 HOH A O   
730 O O   . HOH C .  ? 0.1705 0.1483 0.1610 0.0327  -0.0049 0.0341  208 HOH A O   
731 O O   . HOH C .  ? 0.2190 0.2720 0.2014 0.0266  -0.0087 0.0641  209 HOH A O   
733 O O   . HOH C .  ? 0.1202 0.0831 0.1375 0.0205  -0.0261 0.0160  211 HOH A O   
734 O O   . HOH C .  ? 0.1472 0.1633 0.2476 0.0253  -0.0741 -0.0332 212 HOH A O   
735 O O   . HOH C .  ? 0.3362 0.4034 0.3270 -0.1237 0.0576  -0.0455 213 HOH A O   
737 O O   . HOH C .  ? 0.4194 0.3415 0.8218 -0.0791 -0.1711 0.2314  215 HOH A O   
738 O O   . HOH C .  ? 0.5591 0.3024 0.3014 -0.0662 0.0860  0.1175  216 HOH A O   
739 O O   . HOH C .  ? 0.1220 0.0704 0.1510 0.0220  -0.0399 0.0141  217 HOH A O   
740 O O   . HOH C .  ? 0.3753 0.2998 0.5510 -0.1184 0.1973  -0.1172 218 HOH A O   
741 O O   . HOH C .  ? 0.6973 0.1858 0.2462 0.0124  0.1438  0.0071  219 HOH A O   
742 O O   . HOH C .  ? 0.3793 0.1147 0.1719 0.0389  0.0080  0.0066  220 HOH A O   
743 O O   . HOH C .  ? 0.1576 0.1267 0.2199 0.0272  -0.0519 -0.0238 221 HOH A O   
744 O O   . HOH C .  ? 0.3475 0.4044 0.3387 -0.1482 0.0471  -0.1840 222 HOH A O   
745 O O   . HOH C .  ? 0.2119 0.1193 0.1980 0.0433  -0.0942 -0.0065 223 HOH A O   
748 O O   . HOH C .  ? 0.2574 0.2281 0.3306 0.0741  -0.1256 -0.0525 226 HOH A O   
750 O O   . HOH C .  ? 0.1451 0.1363 0.3843 0.0293  0.0299  0.0785  228 HOH A O   
752 O O   . HOH C .  ? 0.2365 0.4062 0.2595 0.0347  -0.0014 0.0130  230 HOH A O   
753 O O   . HOH C .  ? 0.1872 0.2140 0.2251 0.0605  -0.0822 -0.0308 231 HOH A O   
754 O O   . HOH C .  ? 0.2612 0.7130 0.6120 0.1079  0.0377  0.1098  232 HOH A O   
755 O O   . HOH C .  ? 0.1126 0.0930 0.2369 0.0113  -0.0506 0.0345  233 HOH A O   
756 O O   . HOH C .  ? 0.2648 0.1634 0.4741 -0.0359 0.0127  -0.0567 234 HOH A O   
758 O O   . HOH C .  ? 0.2919 0.2448 0.3043 -0.0327 -0.1281 0.0710  236 HOH A O   
759 O O   . HOH C .  ? 0.1552 0.2083 0.1428 -0.0208 -0.0393 0.0529  237 HOH A O   
760 O O   . HOH C .  ? 0.1332 0.1379 0.1470 0.0142  -0.0266 0.0309  238 HOH A O   
761 O O   . HOH C .  ? 0.1745 0.2287 0.1896 0.0943  0.0374  0.0793  239 HOH A O   
762 O O   . HOH C .  ? 0.3028 0.4876 0.3508 -0.0251 -0.1352 -0.0705 240 HOH A O   
763 O O   . HOH C .  ? 0.4196 0.3139 0.3085 0.2037  -0.0733 -0.0546 241 HOH A O   
764 O O   . HOH C .  ? 0.1727 0.1646 0.1716 -0.0085 -0.0065 0.0508  242 HOH A O   
765 O O   . HOH C .  ? 0.1629 0.1854 0.2602 -0.0084 -0.0482 -0.0017 243 HOH A O   
766 O O   . HOH C .  ? 0.1257 0.0777 0.1257 0.0137  -0.0363 -0.0050 244 HOH A O   
768 O O   . HOH C .  ? 0.2346 0.1632 0.3113 0.0223  -0.0948 0.0807  246 HOH A O   
774 O O   . HOH C .  ? 0.3480 0.2197 0.6736 0.0416  -0.1689 -0.0875 252 HOH A O   
775 O O   . HOH C .  ? 0.2417 0.2749 0.4134 0.0463  -0.1313 0.0849  253 HOH A O   
776 O O   . HOH C .  ? 0.3041 0.6756 0.7835 0.0268  -0.0730 -0.2935 254 HOH A O   
777 O O   . HOH C .  ? 0.1178 0.1134 0.1174 -0.0071 -0.0277 0.0052  255 HOH A O   
779 O O   . HOH C .  ? 0.1819 0.2114 0.3871 0.0725  -0.0904 -0.1194 257 HOH A O   
780 O O   . HOH C .  ? 0.1292 0.0775 0.1506 0.0079  -0.0417 0.0176  258 HOH A O   
781 O O   . HOH C .  ? 0.1311 0.0771 0.1769 0.0138  -0.0367 0.0188  259 HOH A O   
782 O O   . HOH C .  ? 0.1343 0.0781 0.2093 0.0045  -0.0661 0.0315  260 HOH A O   
784 O O   . HOH C .  ? 0.2203 0.3553 0.1585 -0.0386 -0.0163 0.0248  262 HOH A O   
785 O O   . HOH C .  ? 0.2148 0.2444 0.1284 -0.0383 -0.0594 0.0240  263 HOH A O   
787 O O   . HOH C .  ? 0.1539 0.4044 0.3372 -0.0528 -0.0177 -0.1386 265 HOH A O   
788 O O   . HOH C .  ? 0.1401 0.1505 0.2600 0.0188  -0.0419 0.0580  266 HOH A O   
791 O O   . HOH C .  ? 0.2026 0.1249 0.2231 -0.0187 0.0052  0.0301  269 HOH A O   
792 O O   . HOH C .  ? 0.6444 0.3422 0.2045 0.2344  0.0159  -0.0049 270 HOH A O   
794 O O   . HOH C .  ? 0.5440 0.3310 0.4850 -0.1921 -0.2420 0.1507  272 HOH A O   
795 O O   . HOH C .  ? 0.2291 0.2926 0.1764 -0.1130 -0.0459 0.0305  273 HOH A O   
798 O O   . HOH C .  ? 0.1812 0.1596 0.1943 0.0207  -0.0192 0.0043  276 HOH A O   
800 O O   . HOH C .  ? 0.1842 0.1226 0.2126 0.0337  -0.0530 0.0372  278 HOH A O   
805 O O   . HOH C .  ? 0.4442 0.5771 0.3910 -0.1763 0.1191  0.0096  283 HOH A O   
810 O O   . HOH C .  ? 0.2744 0.1774 0.4642 -0.0045 0.1128  0.0212  288 HOH A O   
820 O O   . HOH C .  ? 0.4418 0.5932 0.4184 -0.1727 0.1052  -0.0510 298 HOH A O   
821 O O   . HOH C .  ? 0.3213 0.5915 0.3739 0.1374  -0.1173 -0.2145 299 HOH A O   
822 O O   . HOH C .  ? 0.1923 0.0930 0.2053 0.0190  -0.0242 0.0163  300 HOH A O   
# 
